data_9BDC
#
_entry.id   9BDC
#
_cell.length_a   1.00
_cell.length_b   1.00
_cell.length_c   1.00
_cell.angle_alpha   90.00
_cell.angle_beta   90.00
_cell.angle_gamma   90.00
#
_symmetry.space_group_name_H-M   'P 1'
#
loop_
_entity.id
_entity.type
_entity.pdbx_description
1 polymer 'Transcription elongation factor, mitochondrial'
2 polymer 'DNA-directed RNA polymerase, mitochondrial'
3 polymer 'Non-Template Strand DNA (NT27mt_+1T)'
4 polymer 'RNA (RNA14mt)'
5 polymer 'Template Strand DNA (TS31mt_+1A)'
#
loop_
_entity_poly.entity_id
_entity_poly.type
_entity_poly.pdbx_seq_one_letter_code
_entity_poly.pdbx_strand_id
1 'polypeptide(L)'
;MDENAKEPENRFLRKLLKPDIERERLKAVNSIISIVFGTRRIAWAHLDRKLTVLDWQQSDRWSLMRGIYSSSVYLEEISS
IISKMPKADFYVLEKTGLSIQNSSLFPILLHFHIMEAMLYALLNKTFAQDGQHQVLSMNRNAVGKHFELMIGDSRTSGKE
LVKQFLFDSILKADPRVFFPSDKIVHYRQMFLSTELQRVEELYDSLLQAIAFYELAVFDSQPLEHHHHHHHH
;
A,B
2 'polypeptide(L)'
;MGHHHHHHGRWAKILEKDKRTQQMRMQRLKAKLQMPFQSGEFKALTRRLQVEPRLLSKQMAGCLEDCTRQAPESPWEEQL
ARLLQEAPGKLSLDVEQAPSGQHSQAQLSGQQQRLLAFFKCCLLTDQLPLAHHLLVVHHGQRQKRKLLTLDMYNAVMLGW
ARQGAFKELVYVLFMVKDAGLTPDLLSYAAALQCMGRQDQDAGTIERCLEQMSQEGLKLQALFTAVLLSEEDRATVLKAV
HKVKPTFSLPPQLPPPVNTSKLLRDVYAKDGRVSYPKLHLPLKTLQCLFEKQLHMELASRVCVVSVEKPTLPSKEVKHAR
KTLKTLRDQWEKALCRALRETKNRLEREVYEGRFSLYPFLCLLDEREVVRMLLQVLQALPAQGESFTTLARELSARTFSR
HVVQRQRVSGQVQALQNHYRKYLCLLASDAEVPEPCLPRQYWEALGAPEALREQPWPLPVQMELGKLLAEMLVQATQMPC
SLDKPHRSSRLVPVLYHVYSFRNVQQIGILKPHPAYVQLLEKAAEPTLTFEAVDVPMLCPPLPWTSPHSGAFLLSPTKLM
RTVEGATQHQELLETCPPTALHGALDALTQLGNCAWRVNGRVLDLVLQLFQAKGCPQLGVPAPPSEAPQPPEAHLPHSAA
PARKAELRRELAHCQKVAREMHSLRAEALYRLSLAQHLRDRVFWLPHNMDFRGRTYPCPPHFNHLGSDVARALLEFAQGR
PLGPHGLDWLKIHLVNLTGLKKREPLRKRLAFAEEVMDDILDSADQPLTGRKWWMGAEEPWQTLACCMEVANAVRASDPA
AYVSHLPVHQDGSCNGLQHYAALGRDSVGAASVNLEPSDVPQDVYSGVAAQVEVFRRQDAQRGMRVAQVLEGFITRKVVK
QTVMTVVYGVTRYGGRLQIEKRLRELSDFPQEFVWEASHYLVRQVFKSLQEMFSGTRAIQHWLTESARLISHMGSVVEWV
TPLGVPVIQPYRLDSKVKQIGGGIQSITYTHNGDISRKPNTRKQKNGFPPNFIHSLDSSHMMLTALHCYRKGLTFVSVHD
CYWTHAADVSVMNQVCREQFVRLHSEPILQDLSRFLVKRFCSEPQKILEASQLKETLQAVPKPGAFDLEQVKRSTYFFS
;
E
3 'polydeoxyribonucleotide'
;(DG)(DG)(DA)(DC)(DA)(DT)(DG)(DG)(DT)(DG)(DT)(DA)(DA)(DT)(DT)(DA)(DT)(DT)(DT)(DC)
(DG)(DT)(DC)(DG)(DC)(DC)(DA)(DG)(DA)(DC)(DG)(DA)(DC)(DC)
;
N
4 'polyribonucleotide' AGUCUGCGGCGCGC R
5 'polydeoxyribonucleotide'
;(DG)(DG)(DT)(DC)(DG)(DT)(DC)(DT)(DG)(DG)(DC)(DG)(DA)(DG)(DC)(DG)(DC)(DG)(DC)(DC)
(DG)(DT)(DT)(DA)(DC)(DA)(DC)(DC)(DA)(DT)(DG)(DT)(DC)(DC)
;
T
#
loop_
_chem_comp.id
_chem_comp.type
_chem_comp.name
_chem_comp.formula
A RNA linking ADENOSINE-5'-MONOPHOSPHATE 'C10 H14 N5 O7 P'
C RNA linking CYTIDINE-5'-MONOPHOSPHATE 'C9 H14 N3 O8 P'
DA DNA linking 2'-DEOXYADENOSINE-5'-MONOPHOSPHATE 'C10 H14 N5 O6 P'
DC DNA linking 2'-DEOXYCYTIDINE-5'-MONOPHOSPHATE 'C9 H14 N3 O7 P'
DG DNA linking 2'-DEOXYGUANOSINE-5'-MONOPHOSPHATE 'C10 H14 N5 O7 P'
DT DNA linking THYMIDINE-5'-MONOPHOSPHATE 'C10 H15 N2 O8 P'
G RNA linking GUANOSINE-5'-MONOPHOSPHATE 'C10 H14 N5 O8 P'
U RNA linking URIDINE-5'-MONOPHOSPHATE 'C9 H13 N2 O9 P'
#
# COMPACT_ATOMS: atom_id res chain seq x y z
N ARG A 11 -21.28 -22.29 -39.14
CA ARG A 11 -20.12 -21.43 -39.00
C ARG A 11 -20.11 -20.74 -37.63
N PHE A 12 -21.26 -20.18 -37.26
CA PHE A 12 -21.38 -19.51 -35.97
C PHE A 12 -21.26 -20.51 -34.82
N LEU A 13 -21.84 -21.70 -34.98
CA LEU A 13 -21.76 -22.73 -33.95
C LEU A 13 -20.35 -23.26 -33.75
N ARG A 14 -19.49 -23.15 -34.76
CA ARG A 14 -18.10 -23.58 -34.60
C ARG A 14 -17.36 -22.69 -33.61
N LYS A 15 -17.56 -21.38 -33.69
CA LYS A 15 -16.96 -20.48 -32.71
C LYS A 15 -17.71 -20.50 -31.38
N LEU A 16 -19.03 -20.70 -31.42
CA LEU A 16 -19.82 -20.75 -30.19
C LEU A 16 -19.54 -22.02 -29.39
N LEU A 17 -19.40 -23.15 -30.06
CA LEU A 17 -19.23 -24.45 -29.40
C LEU A 17 -18.02 -25.16 -29.99
N LYS A 18 -17.08 -25.51 -29.13
CA LYS A 18 -15.81 -26.12 -29.54
C LYS A 18 -15.85 -27.62 -29.83
N PRO A 19 -16.47 -28.48 -29.00
CA PRO A 19 -16.41 -29.94 -29.29
C PRO A 19 -17.10 -30.35 -30.58
N ASP A 20 -17.97 -29.50 -31.15
CA ASP A 20 -18.55 -29.71 -32.48
C ASP A 20 -19.40 -30.98 -32.54
N ILE A 21 -20.42 -31.03 -31.67
CA ILE A 21 -21.39 -32.11 -31.69
C ILE A 21 -22.36 -31.87 -32.84
N GLU A 22 -22.69 -32.95 -33.56
CA GLU A 22 -23.54 -32.86 -34.74
C GLU A 22 -24.95 -32.38 -34.37
N ARG A 23 -25.57 -31.66 -35.31
CA ARG A 23 -26.74 -30.83 -35.01
C ARG A 23 -27.98 -31.64 -34.62
N GLU A 24 -28.08 -32.91 -35.02
CA GLU A 24 -29.26 -33.69 -34.66
C GLU A 24 -29.36 -33.94 -33.17
N ARG A 25 -28.22 -34.13 -32.50
CA ARG A 25 -28.23 -34.32 -31.05
C ARG A 25 -28.56 -33.04 -30.30
N LEU A 26 -28.35 -31.87 -30.92
CA LEU A 26 -28.65 -30.60 -30.28
C LEU A 26 -30.10 -30.17 -30.43
N LYS A 27 -30.90 -30.92 -31.19
CA LYS A 27 -32.31 -30.60 -31.38
C LYS A 27 -33.25 -31.57 -30.68
N ALA A 28 -32.70 -32.58 -29.98
CA ALA A 28 -33.52 -33.56 -29.27
C ALA A 28 -33.20 -33.58 -27.78
N VAL A 29 -32.63 -32.50 -27.25
CA VAL A 29 -32.27 -32.46 -25.83
C VAL A 29 -33.53 -32.32 -24.98
N ASN A 30 -33.47 -32.86 -23.77
CA ASN A 30 -34.56 -32.75 -22.81
C ASN A 30 -34.17 -32.03 -21.53
N SER A 31 -32.87 -31.86 -21.26
CA SER A 31 -32.40 -31.16 -20.09
C SER A 31 -31.02 -30.59 -20.38
N ILE A 32 -30.61 -29.64 -19.56
CA ILE A 32 -29.31 -29.00 -19.69
C ILE A 32 -28.87 -28.52 -18.31
N ILE A 33 -27.57 -28.63 -18.03
CA ILE A 33 -27.00 -28.07 -16.81
C ILE A 33 -25.88 -27.12 -17.20
N SER A 34 -25.99 -25.87 -16.76
CA SER A 34 -25.00 -24.83 -17.07
C SER A 34 -24.16 -24.56 -15.83
N ILE A 35 -22.84 -24.54 -16.01
CA ILE A 35 -21.88 -24.42 -14.92
C ILE A 35 -20.94 -23.25 -15.20
N VAL A 36 -20.81 -22.36 -14.22
CA VAL A 36 -19.84 -21.28 -14.25
C VAL A 36 -19.06 -21.31 -12.93
N PHE A 37 -17.74 -21.42 -13.00
CA PHE A 37 -16.90 -21.44 -11.82
C PHE A 37 -15.91 -20.28 -11.85
N GLY A 38 -15.52 -19.83 -10.67
CA GLY A 38 -14.55 -18.76 -10.55
C GLY A 38 -13.41 -19.13 -9.63
N THR A 39 -12.63 -18.14 -9.20
CA THR A 39 -11.52 -18.40 -8.30
C THR A 39 -11.97 -18.65 -6.86
N ARG A 40 -13.24 -18.37 -6.54
CA ARG A 40 -13.72 -18.52 -5.17
C ARG A 40 -14.98 -19.37 -5.03
N ARG A 41 -15.74 -19.59 -6.09
CA ARG A 41 -17.01 -20.29 -5.97
C ARG A 41 -17.41 -20.87 -7.32
N ILE A 42 -18.40 -21.77 -7.27
CA ILE A 42 -18.97 -22.39 -8.46
C ILE A 42 -20.48 -22.21 -8.40
N ALA A 43 -21.12 -22.22 -9.56
CA ALA A 43 -22.57 -22.12 -9.62
C ALA A 43 -23.07 -22.92 -10.82
N TRP A 44 -24.28 -23.44 -10.68
CA TRP A 44 -24.88 -24.25 -11.73
C TRP A 44 -26.40 -24.08 -11.72
N ALA A 45 -26.98 -24.31 -12.89
CA ALA A 45 -28.41 -24.18 -13.10
C ALA A 45 -28.90 -25.31 -14.00
N HIS A 46 -30.18 -25.67 -13.83
CA HIS A 46 -30.80 -26.79 -14.52
C HIS A 46 -32.02 -26.30 -15.31
N LEU A 47 -32.15 -26.76 -16.55
CA LEU A 47 -33.31 -26.46 -17.37
C LEU A 47 -33.80 -27.73 -18.05
N ASP A 48 -35.10 -27.75 -18.39
CA ASP A 48 -35.75 -28.95 -18.90
C ASP A 48 -36.55 -28.65 -20.17
N ARG A 49 -35.96 -27.87 -21.08
CA ARG A 49 -36.42 -27.64 -22.45
C ARG A 49 -37.70 -26.79 -22.51
N LYS A 50 -38.31 -26.51 -21.36
CA LYS A 50 -39.43 -25.60 -21.27
C LYS A 50 -39.02 -24.27 -20.64
N LEU A 51 -37.72 -24.01 -20.55
CA LEU A 51 -37.16 -22.85 -19.85
C LEU A 51 -37.64 -22.80 -18.41
N THR A 52 -37.75 -23.96 -17.79
CA THR A 52 -38.20 -24.11 -16.41
C THR A 52 -37.00 -24.45 -15.54
N VAL A 53 -36.70 -23.59 -14.56
CA VAL A 53 -35.53 -23.76 -13.71
C VAL A 53 -35.84 -24.84 -12.67
N LEU A 54 -35.27 -26.02 -12.87
CA LEU A 54 -35.47 -27.10 -11.91
C LEU A 54 -34.65 -26.86 -10.65
N ASP A 55 -33.40 -26.41 -10.81
CA ASP A 55 -32.52 -26.17 -9.68
C ASP A 55 -31.56 -25.05 -10.02
N TRP A 56 -31.05 -24.38 -8.98
CA TRP A 56 -30.17 -23.23 -9.15
C TRP A 56 -29.35 -23.11 -7.87
N GLN A 57 -28.08 -23.51 -7.94
CA GLN A 57 -27.28 -23.59 -6.73
C GLN A 57 -25.89 -23.00 -6.94
N GLN A 58 -25.26 -22.65 -5.81
CA GLN A 58 -23.89 -22.19 -5.78
C GLN A 58 -23.17 -22.81 -4.59
N SER A 59 -21.87 -23.00 -4.74
CA SER A 59 -21.01 -23.50 -3.67
C SER A 59 -19.84 -22.53 -3.51
N ASP A 60 -19.64 -22.04 -2.29
CA ASP A 60 -18.69 -20.97 -2.02
C ASP A 60 -17.46 -21.42 -1.23
N ARG A 61 -17.65 -22.22 -0.18
CA ARG A 61 -16.54 -22.59 0.68
C ARG A 61 -15.61 -23.56 -0.04
N TRP A 62 -14.36 -23.15 -0.23
CA TRP A 62 -13.37 -23.93 -0.97
C TRP A 62 -12.05 -23.96 -0.21
N SER A 63 -11.25 -24.97 -0.52
CA SER A 63 -9.86 -25.04 -0.08
C SER A 63 -8.89 -24.80 -1.23
N LEU A 64 -9.38 -24.33 -2.37
CA LEU A 64 -8.58 -24.16 -3.58
C LEU A 64 -8.11 -22.71 -3.72
N MET A 65 -7.11 -22.53 -4.59
CA MET A 65 -6.50 -21.24 -4.89
C MET A 65 -5.98 -20.56 -3.61
N ARG A 66 -5.35 -21.34 -2.75
CA ARG A 66 -4.72 -20.83 -1.54
C ARG A 66 -3.20 -20.92 -1.59
N GLY A 67 -2.63 -21.33 -2.72
CA GLY A 67 -1.19 -21.45 -2.91
C GLY A 67 -0.73 -22.85 -3.27
N ILE A 68 -1.45 -23.86 -2.81
CA ILE A 68 -1.08 -25.26 -3.04
C ILE A 68 -1.99 -25.83 -4.10
N TYR A 69 -1.41 -26.22 -5.23
CA TYR A 69 -2.16 -26.83 -6.33
C TYR A 69 -2.10 -28.36 -6.24
N SER A 70 -2.56 -28.88 -5.11
CA SER A 70 -2.61 -30.32 -4.92
C SER A 70 -3.87 -30.88 -5.58
N SER A 71 -3.69 -31.86 -6.47
CA SER A 71 -4.80 -32.37 -7.26
C SER A 71 -5.73 -33.27 -6.45
N SER A 72 -5.31 -33.74 -5.28
CA SER A 72 -6.17 -34.60 -4.47
C SER A 72 -7.36 -33.81 -3.93
N VAL A 73 -7.11 -32.62 -3.37
CA VAL A 73 -8.22 -31.80 -2.90
C VAL A 73 -9.06 -31.30 -4.06
N TYR A 74 -8.44 -31.11 -5.24
CA TYR A 74 -9.20 -30.80 -6.44
C TYR A 74 -10.19 -31.92 -6.76
N LEU A 75 -9.72 -33.17 -6.73
CA LEU A 75 -10.61 -34.30 -7.00
C LEU A 75 -11.71 -34.41 -5.97
N GLU A 76 -11.38 -34.25 -4.69
CA GLU A 76 -12.39 -34.34 -3.63
C GLU A 76 -13.45 -33.25 -3.78
N GLU A 77 -13.02 -32.01 -4.02
CA GLU A 77 -13.97 -30.90 -4.15
C GLU A 77 -14.86 -31.07 -5.38
N ILE A 78 -14.27 -31.44 -6.52
CA ILE A 78 -15.07 -31.62 -7.73
C ILE A 78 -16.05 -32.78 -7.57
N SER A 79 -15.62 -33.86 -6.92
CA SER A 79 -16.53 -34.98 -6.68
C SER A 79 -17.68 -34.56 -5.76
N SER A 80 -17.38 -33.77 -4.72
CA SER A 80 -18.43 -33.31 -3.82
C SER A 80 -19.42 -32.39 -4.53
N ILE A 81 -18.93 -31.57 -5.46
CA ILE A 81 -19.83 -30.72 -6.23
C ILE A 81 -20.70 -31.55 -7.17
N ILE A 82 -20.10 -32.50 -7.87
CA ILE A 82 -20.82 -33.32 -8.84
C ILE A 82 -21.85 -34.21 -8.14
N SER A 83 -21.60 -34.60 -6.88
CA SER A 83 -22.52 -35.46 -6.15
C SER A 83 -23.90 -34.81 -6.00
N LYS A 84 -23.94 -33.50 -5.82
CA LYS A 84 -25.22 -32.80 -5.73
C LYS A 84 -25.84 -32.49 -7.08
N MET A 85 -25.07 -32.57 -8.16
CA MET A 85 -25.59 -32.27 -9.49
C MET A 85 -26.48 -33.40 -9.99
N PRO A 86 -27.69 -33.11 -10.47
CA PRO A 86 -28.54 -34.15 -11.03
C PRO A 86 -28.08 -34.53 -12.44
N LYS A 87 -28.83 -35.44 -13.05
CA LYS A 87 -28.50 -35.93 -14.37
C LYS A 87 -29.18 -35.08 -15.44
N ALA A 88 -28.52 -34.94 -16.59
CA ALA A 88 -29.03 -34.13 -17.68
C ALA A 88 -28.43 -34.62 -18.97
N ASP A 89 -29.06 -34.19 -20.08
CA ASP A 89 -28.59 -34.60 -21.41
C ASP A 89 -27.21 -34.02 -21.71
N PHE A 90 -26.98 -32.76 -21.35
CA PHE A 90 -25.70 -32.12 -21.63
C PHE A 90 -25.32 -31.17 -20.51
N TYR A 91 -24.02 -30.95 -20.39
CA TYR A 91 -23.41 -30.07 -19.40
C TYR A 91 -22.61 -29.01 -20.14
N VAL A 92 -23.06 -27.76 -20.06
CA VAL A 92 -22.37 -26.63 -20.67
C VAL A 92 -21.51 -25.97 -19.60
N LEU A 93 -20.25 -25.72 -19.93
CA LEU A 93 -19.30 -25.10 -19.02
C LEU A 93 -18.88 -23.74 -19.58
N GLU A 94 -18.62 -22.79 -18.69
CA GLU A 94 -18.14 -21.50 -19.16
C GLU A 94 -16.73 -21.64 -19.73
N LYS A 95 -16.35 -20.69 -20.57
CA LYS A 95 -15.02 -20.66 -21.19
C LYS A 95 -14.51 -19.23 -21.18
N THR A 96 -13.50 -18.97 -20.34
CA THR A 96 -12.93 -17.63 -20.26
C THR A 96 -11.99 -17.38 -21.44
N GLY A 97 -11.68 -16.10 -21.67
CA GLY A 97 -10.83 -15.66 -22.74
C GLY A 97 -9.37 -15.54 -22.39
N LEU A 98 -8.93 -16.04 -21.24
CA LEU A 98 -7.53 -15.95 -20.84
C LEU A 98 -6.65 -16.79 -21.75
N SER A 99 -5.45 -16.29 -22.00
CA SER A 99 -4.48 -16.96 -22.86
C SER A 99 -3.18 -17.18 -22.09
N ILE A 100 -2.30 -17.99 -22.69
CA ILE A 100 -1.01 -18.28 -22.07
C ILE A 100 -0.05 -17.10 -22.14
N GLN A 101 -0.35 -16.09 -22.95
CA GLN A 101 0.54 -14.94 -23.08
C GLN A 101 0.58 -14.12 -21.79
N ASN A 102 -0.56 -13.99 -21.11
CA ASN A 102 -0.63 -13.22 -19.87
C ASN A 102 0.01 -14.03 -18.76
N SER A 103 1.29 -13.74 -18.46
CA SER A 103 2.00 -14.47 -17.43
C SER A 103 1.57 -14.06 -16.03
N SER A 104 1.03 -12.86 -15.87
CA SER A 104 0.64 -12.38 -14.55
C SER A 104 -0.55 -13.15 -14.01
N LEU A 105 -1.49 -13.54 -14.89
CA LEU A 105 -2.69 -14.26 -14.49
C LEU A 105 -2.56 -15.76 -14.70
N PHE A 106 -1.34 -16.29 -14.69
CA PHE A 106 -1.15 -17.72 -14.91
C PHE A 106 -1.78 -18.63 -13.84
N PRO A 107 -1.71 -18.33 -12.53
CA PRO A 107 -2.41 -19.21 -11.57
C PRO A 107 -3.90 -19.33 -11.81
N ILE A 108 -4.55 -18.24 -12.24
CA ILE A 108 -5.98 -18.31 -12.57
C ILE A 108 -6.22 -19.24 -13.74
N LEU A 109 -5.38 -19.13 -14.79
CA LEU A 109 -5.51 -20.02 -15.94
C LEU A 109 -5.27 -21.47 -15.57
N LEU A 110 -4.28 -21.71 -14.70
CA LEU A 110 -4.01 -23.08 -14.25
C LEU A 110 -5.18 -23.65 -13.47
N HIS A 111 -5.75 -22.86 -12.55
CA HIS A 111 -6.90 -23.31 -11.79
C HIS A 111 -8.09 -23.61 -12.69
N PHE A 112 -8.35 -22.73 -13.66
CA PHE A 112 -9.46 -22.93 -14.59
C PHE A 112 -9.25 -24.17 -15.44
N HIS A 113 -8.02 -24.40 -15.90
CA HIS A 113 -7.75 -25.56 -16.76
C HIS A 113 -7.85 -26.86 -15.98
N ILE A 114 -7.36 -26.88 -14.74
CA ILE A 114 -7.49 -28.08 -13.92
C ILE A 114 -8.96 -28.39 -13.64
N MET A 115 -9.75 -27.37 -13.29
CA MET A 115 -11.17 -27.60 -13.04
C MET A 115 -11.89 -28.05 -14.29
N GLU A 116 -11.57 -27.45 -15.44
CA GLU A 116 -12.21 -27.85 -16.69
C GLU A 116 -11.86 -29.29 -17.07
N ALA A 117 -10.60 -29.68 -16.92
CA ALA A 117 -10.20 -31.03 -17.25
C ALA A 117 -10.85 -32.05 -16.33
N MET A 118 -10.90 -31.76 -15.02
CA MET A 118 -11.53 -32.71 -14.10
C MET A 118 -13.03 -32.79 -14.31
N LEU A 119 -13.69 -31.67 -14.63
CA LEU A 119 -15.11 -31.71 -14.93
C LEU A 119 -15.39 -32.48 -16.21
N TYR A 120 -14.54 -32.31 -17.23
CA TYR A 120 -14.68 -33.07 -18.46
C TYR A 120 -14.52 -34.56 -18.21
N ALA A 121 -13.56 -34.94 -17.37
CA ALA A 121 -13.31 -36.36 -17.12
C ALA A 121 -14.41 -36.98 -16.27
N LEU A 122 -14.85 -36.29 -15.21
CA LEU A 122 -15.77 -36.90 -14.26
C LEU A 122 -17.23 -36.82 -14.73
N LEU A 123 -17.60 -35.73 -15.42
CA LEU A 123 -19.00 -35.59 -15.84
C LEU A 123 -19.33 -36.52 -17.00
N ASN A 124 -18.35 -36.80 -17.87
CA ASN A 124 -18.54 -37.72 -18.98
C ASN A 124 -18.36 -39.15 -18.47
N LYS A 125 -19.42 -39.67 -17.86
CA LYS A 125 -19.35 -40.95 -17.17
C LYS A 125 -19.19 -42.11 -18.15
N THR A 126 -19.85 -42.04 -19.30
CA THR A 126 -19.92 -43.18 -20.21
C THR A 126 -19.28 -42.78 -21.54
N PHE A 127 -18.12 -42.12 -21.47
CA PHE A 127 -17.45 -41.68 -22.69
C PHE A 127 -16.76 -42.82 -23.43
N ALA A 128 -16.06 -43.69 -22.69
CA ALA A 128 -15.22 -44.70 -23.32
C ALA A 128 -16.05 -45.75 -24.05
N GLN A 129 -17.25 -46.06 -23.56
CA GLN A 129 -18.05 -47.11 -24.16
C GLN A 129 -18.71 -46.67 -25.46
N ASP A 130 -19.04 -45.39 -25.60
CA ASP A 130 -19.74 -44.91 -26.80
C ASP A 130 -18.90 -44.00 -27.69
N GLY A 131 -18.02 -43.19 -27.10
CA GLY A 131 -17.23 -42.25 -27.86
C GLY A 131 -17.90 -40.91 -28.12
N GLN A 132 -19.03 -40.63 -27.47
CA GLN A 132 -19.77 -39.40 -27.67
C GLN A 132 -19.50 -38.43 -26.53
N HIS A 133 -19.36 -37.15 -26.87
CA HIS A 133 -19.09 -36.12 -25.88
C HIS A 133 -20.38 -35.64 -25.24
N GLN A 134 -20.33 -35.37 -23.93
CA GLN A 134 -21.47 -34.89 -23.18
C GLN A 134 -21.22 -33.58 -22.45
N VAL A 135 -20.01 -33.03 -22.54
CA VAL A 135 -19.65 -31.79 -21.86
C VAL A 135 -19.22 -30.78 -22.92
N LEU A 136 -19.78 -29.58 -22.86
CA LEU A 136 -19.59 -28.57 -23.89
C LEU A 136 -18.93 -27.34 -23.30
N SER A 137 -18.19 -26.62 -24.15
CA SER A 137 -17.55 -25.36 -23.80
C SER A 137 -18.18 -24.24 -24.62
N MET A 138 -18.64 -23.19 -23.93
CA MET A 138 -19.31 -22.07 -24.58
C MET A 138 -18.55 -20.78 -24.28
N ASN A 139 -18.31 -19.99 -25.32
CA ASN A 139 -17.61 -18.72 -25.18
C ASN A 139 -18.54 -17.68 -24.55
N ARG A 140 -18.05 -16.99 -23.52
CA ARG A 140 -18.88 -16.02 -22.81
C ARG A 140 -19.05 -14.72 -23.59
N ASN A 141 -18.11 -14.39 -24.47
CA ASN A 141 -18.24 -13.18 -25.29
C ASN A 141 -19.43 -13.28 -26.23
N ALA A 142 -19.65 -14.47 -26.80
CA ALA A 142 -20.82 -14.67 -27.66
C ALA A 142 -22.11 -14.53 -26.87
N VAL A 143 -22.13 -15.01 -25.63
CA VAL A 143 -23.31 -14.88 -24.79
C VAL A 143 -23.58 -13.40 -24.48
N GLY A 144 -22.52 -12.65 -24.17
CA GLY A 144 -22.67 -11.22 -23.93
C GLY A 144 -23.15 -10.46 -25.15
N LYS A 145 -22.65 -10.85 -26.34
CA LYS A 145 -23.15 -10.25 -27.57
C LYS A 145 -24.60 -10.60 -27.81
N HIS A 146 -25.00 -11.82 -27.48
CA HIS A 146 -26.39 -12.25 -27.65
C HIS A 146 -27.33 -11.47 -26.74
N PHE A 147 -26.92 -11.23 -25.49
CA PHE A 147 -27.76 -10.53 -24.53
C PHE A 147 -27.51 -9.02 -24.49
N GLU A 148 -26.66 -8.50 -25.37
CA GLU A 148 -26.30 -7.08 -25.43
C GLU A 148 -25.71 -6.61 -24.10
N LEU A 149 -24.79 -7.42 -23.55
CA LEU A 149 -24.04 -7.10 -22.35
C LEU A 149 -22.59 -6.76 -22.65
N MET A 150 -22.29 -6.37 -23.88
CA MET A 150 -20.93 -6.13 -24.32
C MET A 150 -20.72 -4.64 -24.56
N ILE A 151 -19.85 -4.04 -23.76
CA ILE A 151 -19.45 -2.64 -23.92
C ILE A 151 -17.96 -2.64 -24.24
N GLY A 152 -17.62 -2.26 -25.47
CA GLY A 152 -16.24 -2.38 -25.90
C GLY A 152 -15.86 -3.83 -26.05
N ASP A 153 -14.72 -4.21 -25.48
CA ASP A 153 -14.24 -5.58 -25.51
C ASP A 153 -14.44 -6.30 -24.18
N SER A 154 -15.21 -5.72 -23.27
CA SER A 154 -15.43 -6.28 -21.94
C SER A 154 -16.91 -6.55 -21.74
N ARG A 155 -17.23 -7.74 -21.22
CA ARG A 155 -18.60 -8.12 -20.95
C ARG A 155 -19.04 -7.56 -19.60
N THR A 156 -20.22 -6.94 -19.57
CA THR A 156 -20.74 -6.34 -18.36
C THR A 156 -21.65 -7.32 -17.63
N SER A 157 -22.02 -6.96 -16.40
CA SER A 157 -22.80 -7.84 -15.55
C SER A 157 -24.25 -7.89 -16.01
N GLY A 158 -24.94 -8.95 -15.60
CA GLY A 158 -26.33 -9.15 -15.94
C GLY A 158 -27.24 -9.36 -14.74
N LYS A 159 -26.91 -8.72 -13.62
CA LYS A 159 -27.74 -8.84 -12.43
C LYS A 159 -29.11 -8.21 -12.62
N GLU A 160 -29.16 -7.04 -13.26
CA GLU A 160 -30.43 -6.37 -13.47
C GLU A 160 -31.33 -7.13 -14.44
N LEU A 161 -30.74 -7.80 -15.43
CA LEU A 161 -31.53 -8.58 -16.37
C LEU A 161 -32.09 -9.82 -15.71
N VAL A 162 -31.32 -10.46 -14.82
CA VAL A 162 -31.84 -11.57 -14.03
C VAL A 162 -32.93 -11.09 -13.09
N LYS A 163 -32.78 -9.89 -12.52
CA LYS A 163 -33.82 -9.33 -11.67
C LYS A 163 -35.10 -9.05 -12.46
N GLN A 164 -34.97 -8.61 -13.70
CA GLN A 164 -36.12 -8.47 -14.58
C GLN A 164 -36.78 -9.81 -14.84
N PHE A 165 -35.99 -10.87 -15.00
CA PHE A 165 -36.55 -12.20 -15.18
C PHE A 165 -37.33 -12.65 -13.95
N LEU A 166 -36.71 -12.54 -12.77
CA LEU A 166 -37.32 -13.09 -11.56
C LEU A 166 -38.50 -12.25 -11.08
N PHE A 167 -38.38 -10.94 -11.18
CA PHE A 167 -39.44 -10.04 -10.73
C PHE A 167 -40.27 -9.53 -11.90
N PRO A 175 -42.16 -15.35 -20.05
CA PRO A 175 -42.03 -15.74 -21.45
C PRO A 175 -40.61 -16.20 -21.79
N ARG A 176 -39.61 -15.40 -21.41
CA ARG A 176 -38.22 -15.76 -21.70
C ARG A 176 -37.77 -16.94 -20.86
N VAL A 177 -38.09 -16.95 -19.58
CA VAL A 177 -37.71 -18.04 -18.68
C VAL A 177 -38.85 -18.23 -17.67
N PHE A 178 -39.09 -19.48 -17.28
CA PHE A 178 -40.17 -19.83 -16.39
C PHE A 178 -39.62 -20.37 -15.08
N PHE A 179 -40.27 -19.99 -13.98
CA PHE A 179 -39.90 -20.43 -12.65
C PHE A 179 -41.04 -21.24 -12.04
N PRO A 180 -40.76 -22.41 -11.48
CA PRO A 180 -41.83 -23.17 -10.80
C PRO A 180 -42.40 -22.40 -9.63
N SER A 181 -43.71 -22.53 -9.44
CA SER A 181 -44.43 -21.70 -8.47
C SER A 181 -43.94 -21.94 -7.04
N ASP A 182 -43.70 -23.20 -6.69
CA ASP A 182 -43.21 -23.51 -5.35
C ASP A 182 -41.76 -23.13 -5.15
N LYS A 183 -41.00 -22.93 -6.23
CA LYS A 183 -39.56 -22.67 -6.15
C LYS A 183 -39.19 -21.21 -6.35
N ILE A 184 -40.18 -20.30 -6.44
CA ILE A 184 -39.86 -18.91 -6.75
C ILE A 184 -39.22 -18.22 -5.55
N VAL A 185 -39.92 -18.23 -4.41
CA VAL A 185 -39.61 -17.30 -3.32
C VAL A 185 -38.21 -17.54 -2.76
N HIS A 186 -37.83 -18.80 -2.58
CA HIS A 186 -36.48 -19.12 -2.12
C HIS A 186 -35.44 -18.56 -3.08
N TYR A 187 -35.65 -18.74 -4.39
CA TYR A 187 -34.78 -18.14 -5.40
C TYR A 187 -34.67 -16.64 -5.18
N ARG A 188 -35.81 -15.99 -4.97
CA ARG A 188 -35.79 -14.55 -4.72
C ARG A 188 -35.00 -14.22 -3.46
N GLN A 189 -35.19 -15.02 -2.41
CA GLN A 189 -34.40 -14.84 -1.20
C GLN A 189 -32.92 -15.02 -1.49
N MET A 190 -32.59 -16.02 -2.32
CA MET A 190 -31.20 -16.21 -2.72
C MET A 190 -30.68 -14.99 -3.46
N PHE A 191 -31.52 -14.39 -4.31
CA PHE A 191 -31.12 -13.16 -4.98
C PHE A 191 -30.91 -12.05 -3.96
N LEU A 192 -31.75 -12.00 -2.93
CA LEU A 192 -31.58 -11.01 -1.88
C LEU A 192 -30.36 -11.30 -1.01
N SER A 193 -29.77 -12.49 -1.12
CA SER A 193 -28.52 -12.77 -0.44
C SER A 193 -27.32 -12.29 -1.23
N THR A 194 -27.52 -11.80 -2.46
CA THR A 194 -26.42 -11.34 -3.29
C THR A 194 -26.37 -9.82 -3.42
N GLU A 195 -27.14 -9.10 -2.61
CA GLU A 195 -27.12 -7.64 -2.69
C GLU A 195 -25.84 -7.07 -2.10
N LEU A 196 -25.42 -7.56 -0.93
CA LEU A 196 -24.22 -7.03 -0.29
C LEU A 196 -22.96 -7.41 -1.06
N GLN A 197 -22.83 -8.70 -1.40
CA GLN A 197 -21.72 -9.18 -2.21
C GLN A 197 -22.28 -9.81 -3.48
N ARG A 198 -21.72 -9.41 -4.62
CA ARG A 198 -22.27 -9.80 -5.91
C ARG A 198 -21.64 -11.11 -6.38
N VAL A 199 -22.49 -12.07 -6.71
CA VAL A 199 -22.08 -13.39 -7.16
C VAL A 199 -22.38 -13.46 -8.65
N GLU A 200 -21.37 -13.20 -9.48
CA GLU A 200 -21.61 -13.10 -10.92
C GLU A 200 -21.83 -14.47 -11.57
N GLU A 201 -21.26 -15.52 -10.99
CA GLU A 201 -21.40 -16.86 -11.56
C GLU A 201 -22.85 -17.34 -11.49
N LEU A 202 -23.58 -16.96 -10.45
CA LEU A 202 -24.97 -17.38 -10.30
C LEU A 202 -25.85 -16.84 -11.43
N TYR A 203 -25.65 -15.57 -11.80
CA TYR A 203 -26.39 -15.02 -12.93
C TYR A 203 -25.86 -15.54 -14.26
N ASP A 204 -24.54 -15.72 -14.36
CA ASP A 204 -23.93 -16.15 -15.61
C ASP A 204 -24.36 -17.56 -15.99
N SER A 205 -24.60 -18.44 -15.01
CA SER A 205 -25.06 -19.79 -15.32
C SER A 205 -26.43 -19.77 -16.00
N LEU A 206 -27.37 -19.01 -15.44
CA LEU A 206 -28.69 -18.89 -16.05
C LEU A 206 -28.63 -18.22 -17.42
N LEU A 207 -27.79 -17.18 -17.54
CA LEU A 207 -27.65 -16.50 -18.82
C LEU A 207 -27.09 -17.44 -19.89
N GLN A 208 -26.10 -18.26 -19.52
CA GLN A 208 -25.53 -19.21 -20.47
C GLN A 208 -26.53 -20.29 -20.83
N ALA A 209 -27.36 -20.72 -19.87
CA ALA A 209 -28.38 -21.72 -20.19
C ALA A 209 -29.40 -21.17 -21.19
N ILE A 210 -29.85 -19.94 -20.99
CA ILE A 210 -30.80 -19.34 -21.94
C ILE A 210 -30.12 -19.11 -23.30
N ALA A 211 -28.84 -18.72 -23.29
CA ALA A 211 -28.12 -18.54 -24.55
C ALA A 211 -27.97 -19.85 -25.30
N PHE A 212 -27.79 -20.96 -24.57
CA PHE A 212 -27.73 -22.27 -25.23
C PHE A 212 -29.09 -22.66 -25.79
N TYR A 213 -30.17 -22.43 -25.04
CA TYR A 213 -31.51 -22.73 -25.57
C TYR A 213 -31.96 -21.76 -26.66
N GLU A 214 -31.24 -20.66 -26.89
CA GLU A 214 -31.63 -19.77 -27.98
C GLU A 214 -30.73 -19.85 -29.20
N LEU A 215 -29.42 -20.08 -29.03
CA LEU A 215 -28.50 -20.02 -30.16
C LEU A 215 -28.24 -21.36 -30.83
N ALA A 216 -28.31 -22.46 -30.08
CA ALA A 216 -28.06 -23.78 -30.61
C ALA A 216 -29.32 -24.64 -30.64
N VAL A 217 -29.96 -24.82 -29.49
CA VAL A 217 -31.27 -25.46 -29.44
C VAL A 217 -32.32 -24.41 -29.78
N PHE A 218 -33.47 -24.86 -30.29
CA PHE A 218 -34.62 -24.01 -30.60
C PHE A 218 -34.27 -22.90 -31.60
N ASP A 219 -33.38 -23.20 -32.53
CA ASP A 219 -32.98 -22.23 -33.53
C ASP A 219 -33.41 -22.68 -34.93
N ARG B 11 8.03 -40.81 8.46
CA ARG B 11 7.94 -39.40 8.11
C ARG B 11 8.64 -39.13 6.78
N PHE B 12 9.51 -40.05 6.37
CA PHE B 12 10.22 -39.90 5.10
C PHE B 12 9.26 -40.02 3.92
N LEU B 13 8.29 -40.94 4.00
CA LEU B 13 7.35 -41.12 2.90
C LEU B 13 6.40 -39.94 2.76
N ARG B 14 6.16 -39.20 3.85
CA ARG B 14 5.32 -38.01 3.76
C ARG B 14 5.97 -36.91 2.94
N LYS B 15 7.30 -36.85 2.92
CA LYS B 15 8.03 -35.87 2.13
C LYS B 15 8.35 -36.38 0.73
N LEU B 16 7.99 -37.62 0.41
CA LEU B 16 8.20 -38.19 -0.91
C LEU B 16 6.90 -38.42 -1.66
N LEU B 17 5.88 -38.95 -0.98
CA LEU B 17 4.56 -39.10 -1.56
C LEU B 17 3.71 -37.88 -1.21
N LYS B 18 3.05 -37.31 -2.22
CA LYS B 18 2.26 -36.10 -1.97
C LYS B 18 0.98 -36.37 -1.17
N PRO B 19 0.11 -37.32 -1.55
CA PRO B 19 -1.07 -37.57 -0.70
C PRO B 19 -0.70 -38.33 0.56
N ASP B 20 -1.53 -38.15 1.59
CA ASP B 20 -1.30 -38.75 2.90
C ASP B 20 -1.86 -40.19 2.92
N ILE B 21 -1.19 -41.05 2.16
CA ILE B 21 -1.59 -42.45 2.06
C ILE B 21 -1.06 -43.20 3.28
N GLU B 22 -1.77 -44.25 3.68
CA GLU B 22 -1.40 -45.05 4.84
C GLU B 22 -0.35 -46.09 4.46
N ARG B 23 0.56 -46.36 5.40
CA ARG B 23 1.62 -47.34 5.16
C ARG B 23 1.10 -48.77 5.22
N GLU B 24 0.02 -49.01 5.96
CA GLU B 24 -0.54 -50.35 6.03
C GLU B 24 -1.13 -50.79 4.69
N ARG B 25 -1.65 -49.85 3.91
CA ARG B 25 -2.11 -50.18 2.57
C ARG B 25 -0.95 -50.38 1.60
N LEU B 26 0.12 -49.59 1.76
CA LEU B 26 1.29 -49.76 0.90
C LEU B 26 2.02 -51.06 1.17
N LYS B 27 1.94 -51.57 2.41
CA LYS B 27 2.52 -52.87 2.72
C LYS B 27 1.78 -53.99 1.98
N ALA B 28 0.45 -53.91 1.92
CA ALA B 28 -0.35 -54.94 1.29
C ALA B 28 -0.71 -54.53 -0.14
N VAL B 29 0.31 -54.59 -1.01
CA VAL B 29 0.15 -54.28 -2.41
C VAL B 29 0.44 -55.53 -3.23
N ASN B 30 -0.17 -55.61 -4.41
CA ASN B 30 0.01 -56.73 -5.31
C ASN B 30 0.48 -56.32 -6.70
N SER B 31 0.00 -55.20 -7.23
CA SER B 31 0.37 -54.78 -8.57
C SER B 31 0.42 -53.26 -8.65
N ILE B 32 1.41 -52.75 -9.35
CA ILE B 32 1.57 -51.31 -9.55
C ILE B 32 1.71 -51.00 -11.03
N ILE B 33 1.09 -49.91 -11.45
CA ILE B 33 1.33 -49.28 -12.74
C ILE B 33 2.16 -48.02 -12.48
N SER B 34 3.24 -47.86 -13.22
CA SER B 34 4.05 -46.65 -13.18
C SER B 34 3.95 -45.96 -14.54
N ILE B 35 3.59 -44.68 -14.53
CA ILE B 35 3.34 -43.91 -15.75
C ILE B 35 4.26 -42.70 -15.75
N VAL B 36 4.92 -42.47 -16.89
CA VAL B 36 5.67 -41.24 -17.10
C VAL B 36 5.26 -40.64 -18.44
N PHE B 37 4.88 -39.37 -18.42
CA PHE B 37 4.52 -38.63 -19.61
C PHE B 37 5.48 -37.45 -19.79
N GLY B 38 5.66 -37.06 -21.04
CA GLY B 38 6.52 -35.93 -21.35
C GLY B 38 5.88 -34.98 -22.33
N THR B 39 6.70 -34.31 -23.14
CA THR B 39 6.17 -33.39 -24.14
C THR B 39 5.56 -34.15 -25.32
N ARG B 40 6.20 -35.24 -25.73
CA ARG B 40 5.83 -35.90 -26.99
C ARG B 40 5.26 -37.29 -26.83
N ARG B 41 5.52 -37.99 -25.73
CA ARG B 41 5.15 -39.39 -25.63
C ARG B 41 4.86 -39.76 -24.18
N ILE B 42 4.30 -40.96 -24.00
CA ILE B 42 4.00 -41.51 -22.69
C ILE B 42 4.50 -42.95 -22.63
N ALA B 43 4.73 -43.44 -21.43
CA ALA B 43 5.08 -44.83 -21.23
C ALA B 43 4.62 -45.29 -19.85
N TRP B 44 4.46 -46.59 -19.71
CA TRP B 44 4.01 -47.16 -18.44
C TRP B 44 4.55 -48.58 -18.29
N ALA B 45 4.52 -49.05 -17.05
CA ALA B 45 5.04 -50.37 -16.69
C ALA B 45 4.16 -50.99 -15.62
N HIS B 46 3.91 -52.30 -15.76
CA HIS B 46 3.11 -53.08 -14.82
C HIS B 46 4.03 -54.06 -14.11
N LEU B 47 4.07 -53.96 -12.77
CA LEU B 47 4.89 -54.80 -11.93
C LEU B 47 4.04 -55.48 -10.86
N ASP B 48 4.46 -56.67 -10.43
CA ASP B 48 3.83 -57.39 -9.35
C ASP B 48 4.66 -57.27 -8.07
N ARG B 49 4.15 -57.85 -6.98
CA ARG B 49 4.81 -57.78 -5.69
C ARG B 49 6.14 -58.53 -5.66
N LYS B 50 6.32 -59.51 -6.56
CA LYS B 50 7.57 -60.24 -6.67
C LYS B 50 8.59 -59.55 -7.56
N LEU B 51 8.40 -58.25 -7.83
CA LEU B 51 9.28 -57.44 -8.66
C LEU B 51 9.43 -58.05 -10.06
N THR B 52 8.33 -58.54 -10.61
CA THR B 52 8.30 -59.15 -11.93
C THR B 52 7.74 -58.16 -12.94
N VAL B 53 8.43 -57.99 -14.07
CA VAL B 53 8.00 -57.04 -15.08
C VAL B 53 6.95 -57.68 -15.96
N LEU B 54 5.68 -57.52 -15.58
CA LEU B 54 4.59 -58.03 -16.41
C LEU B 54 4.45 -57.24 -17.70
N ASP B 55 4.56 -55.91 -17.61
CA ASP B 55 4.36 -55.12 -18.82
C ASP B 55 5.27 -53.90 -18.82
N TRP B 56 5.62 -53.45 -20.01
CA TRP B 56 6.38 -52.22 -20.21
C TRP B 56 6.11 -51.74 -21.63
N GLN B 57 5.33 -50.66 -21.77
CA GLN B 57 4.89 -50.23 -23.08
C GLN B 57 4.96 -48.71 -23.20
N GLN B 58 5.42 -48.25 -24.37
CA GLN B 58 5.57 -46.84 -24.69
C GLN B 58 4.75 -46.51 -25.92
N SER B 59 4.10 -45.35 -25.91
CA SER B 59 3.34 -44.87 -27.06
C SER B 59 3.66 -43.40 -27.32
N ASP B 60 3.66 -43.04 -28.60
CA ASP B 60 4.00 -41.69 -29.03
C ASP B 60 3.05 -41.19 -30.11
N ARG B 61 1.75 -41.50 -29.95
CA ARG B 61 0.73 -41.10 -30.90
C ARG B 61 -0.01 -39.84 -30.45
N TRP B 62 0.66 -38.96 -29.71
CA TRP B 62 0.02 -37.78 -29.15
C TRP B 62 -0.21 -36.70 -30.20
N SER B 63 -1.41 -36.12 -30.19
CA SER B 63 -1.69 -34.85 -30.84
C SER B 63 -2.04 -33.77 -29.82
N LEU B 64 -1.64 -33.95 -28.56
CA LEU B 64 -2.08 -33.08 -27.48
C LEU B 64 -1.51 -31.68 -27.62
N MET B 65 -0.21 -31.56 -27.84
CA MET B 65 0.48 -30.27 -27.80
C MET B 65 0.93 -29.93 -29.20
N ARG B 66 0.03 -29.31 -29.98
CA ARG B 66 0.31 -28.84 -31.32
C ARG B 66 0.10 -27.33 -31.43
N GLY B 67 0.07 -26.63 -30.31
CA GLY B 67 -0.17 -25.19 -30.27
C GLY B 67 -1.51 -24.80 -29.68
N ILE B 68 -2.47 -25.72 -29.64
CA ILE B 68 -3.80 -25.46 -29.09
C ILE B 68 -4.05 -26.44 -27.95
N TYR B 69 -4.70 -25.95 -26.90
CA TYR B 69 -5.04 -26.75 -25.73
C TYR B 69 -6.55 -26.92 -25.67
N SER B 70 -7.02 -28.16 -25.69
CA SER B 70 -8.44 -28.45 -25.66
C SER B 70 -8.67 -29.71 -24.84
N SER B 71 -9.69 -29.68 -23.98
CA SER B 71 -9.97 -30.81 -23.11
C SER B 71 -10.52 -32.01 -23.87
N SER B 72 -11.15 -31.80 -25.02
CA SER B 72 -11.76 -32.90 -25.75
C SER B 72 -10.70 -33.86 -26.32
N VAL B 73 -9.68 -33.31 -26.99
CA VAL B 73 -8.64 -34.15 -27.56
C VAL B 73 -7.81 -34.81 -26.46
N TYR B 74 -7.58 -34.09 -25.36
CA TYR B 74 -6.89 -34.68 -24.21
C TYR B 74 -7.68 -35.86 -23.65
N LEU B 75 -8.99 -35.69 -23.50
CA LEU B 75 -9.84 -36.77 -22.99
C LEU B 75 -9.83 -37.97 -23.94
N GLU B 76 -9.92 -37.71 -25.24
CA GLU B 76 -9.90 -38.80 -26.22
C GLU B 76 -8.60 -39.59 -26.16
N GLU B 77 -7.47 -38.88 -26.18
CA GLU B 77 -6.17 -39.57 -26.18
C GLU B 77 -5.93 -40.31 -24.87
N ILE B 78 -6.29 -39.69 -23.74
CA ILE B 78 -6.07 -40.35 -22.46
C ILE B 78 -6.99 -41.57 -22.32
N SER B 79 -8.22 -41.48 -22.81
CA SER B 79 -9.11 -42.64 -22.78
C SER B 79 -8.55 -43.78 -23.62
N SER B 80 -8.03 -43.45 -24.80
CA SER B 80 -7.44 -44.48 -25.66
C SER B 80 -6.23 -45.14 -24.99
N ILE B 81 -5.41 -44.35 -24.30
CA ILE B 81 -4.23 -44.90 -23.65
C ILE B 81 -4.63 -45.78 -22.46
N ILE B 82 -5.54 -45.29 -21.61
CA ILE B 82 -5.95 -46.05 -20.43
C ILE B 82 -6.74 -47.29 -20.81
N SER B 83 -7.31 -47.33 -22.02
CA SER B 83 -7.93 -48.56 -22.50
C SER B 83 -6.93 -49.69 -22.59
N LYS B 84 -5.69 -49.39 -22.99
CA LYS B 84 -4.64 -50.39 -23.11
C LYS B 84 -3.75 -50.40 -21.87
N MET B 85 -4.36 -50.60 -20.70
CA MET B 85 -3.63 -50.75 -19.45
C MET B 85 -4.33 -51.79 -18.58
N PRO B 86 -3.61 -52.79 -18.08
CA PRO B 86 -4.22 -53.77 -17.18
C PRO B 86 -4.51 -53.17 -15.81
N LYS B 87 -5.46 -53.79 -15.12
CA LYS B 87 -5.82 -53.36 -13.78
C LYS B 87 -4.71 -53.69 -12.79
N ALA B 88 -4.43 -52.74 -11.90
CA ALA B 88 -3.43 -52.94 -10.86
C ALA B 88 -3.93 -52.34 -9.56
N ASP B 89 -3.25 -52.71 -8.47
CA ASP B 89 -3.66 -52.24 -7.14
C ASP B 89 -3.38 -50.75 -6.98
N PHE B 90 -2.19 -50.29 -7.36
CA PHE B 90 -1.82 -48.89 -7.18
C PHE B 90 -1.24 -48.31 -8.47
N TYR B 91 -1.45 -47.00 -8.63
CA TYR B 91 -1.03 -46.25 -9.80
C TYR B 91 -0.13 -45.10 -9.35
N VAL B 92 1.04 -44.97 -9.96
CA VAL B 92 1.98 -43.93 -9.60
C VAL B 92 2.47 -43.23 -10.87
N LEU B 93 2.80 -41.95 -10.73
CA LEU B 93 3.27 -41.15 -11.85
C LEU B 93 4.18 -40.05 -11.33
N GLU B 94 4.94 -39.44 -12.24
CA GLU B 94 5.99 -38.52 -11.88
C GLU B 94 5.42 -37.21 -11.32
N LYS B 95 6.20 -36.57 -10.46
CA LYS B 95 5.82 -35.37 -9.74
C LYS B 95 6.93 -34.32 -9.80
N THR B 96 7.37 -34.01 -11.02
CA THR B 96 8.41 -33.01 -11.23
C THR B 96 8.01 -31.67 -10.63
N GLY B 97 8.90 -31.12 -9.81
CA GLY B 97 8.59 -29.95 -9.02
C GLY B 97 8.96 -28.62 -9.64
N LEU B 98 8.36 -28.29 -10.79
CA LEU B 98 8.51 -26.95 -11.33
C LEU B 98 7.72 -25.96 -10.48
N SER B 99 8.12 -24.69 -10.56
CA SER B 99 7.60 -23.66 -9.68
C SER B 99 6.81 -22.62 -10.46
N ILE B 100 5.75 -22.12 -9.83
CA ILE B 100 4.96 -21.03 -10.41
C ILE B 100 5.78 -19.75 -10.48
N GLN B 101 6.74 -19.58 -9.56
CA GLN B 101 7.50 -18.34 -9.47
C GLN B 101 8.30 -18.07 -10.74
N ASN B 102 8.86 -19.12 -11.34
CA ASN B 102 9.56 -18.97 -12.61
C ASN B 102 8.57 -18.61 -13.70
N SER B 103 8.91 -17.58 -14.49
CA SER B 103 8.03 -17.08 -15.53
C SER B 103 8.23 -17.79 -16.86
N SER B 104 8.96 -18.90 -16.87
CA SER B 104 9.22 -19.68 -18.07
C SER B 104 8.73 -21.10 -17.87
N LEU B 105 8.71 -21.86 -18.98
CA LEU B 105 8.25 -23.25 -19.00
C LEU B 105 6.80 -23.39 -18.53
N PHE B 106 6.00 -22.33 -18.72
CA PHE B 106 4.58 -22.41 -18.41
C PHE B 106 3.79 -23.42 -19.25
N PRO B 107 3.96 -23.51 -20.59
CA PRO B 107 3.17 -24.50 -21.34
C PRO B 107 3.40 -25.93 -20.90
N ILE B 108 4.63 -26.32 -20.58
CA ILE B 108 4.87 -27.69 -20.16
C ILE B 108 4.30 -27.92 -18.75
N LEU B 109 4.28 -26.89 -17.91
CA LEU B 109 3.69 -27.02 -16.59
C LEU B 109 2.17 -27.17 -16.69
N LEU B 110 1.54 -26.41 -17.58
CA LEU B 110 0.11 -26.56 -17.82
C LEU B 110 -0.21 -27.93 -18.39
N HIS B 111 0.62 -28.41 -19.32
CA HIS B 111 0.46 -29.76 -19.86
C HIS B 111 0.53 -30.80 -18.75
N PHE B 112 1.52 -30.67 -17.86
CA PHE B 112 1.68 -31.62 -16.77
C PHE B 112 0.47 -31.60 -15.83
N HIS B 113 -0.04 -30.40 -15.51
CA HIS B 113 -1.17 -30.33 -14.59
C HIS B 113 -2.46 -30.87 -15.22
N ILE B 114 -2.71 -30.59 -16.49
CA ILE B 114 -3.91 -31.15 -17.13
C ILE B 114 -3.78 -32.67 -17.24
N MET B 115 -2.58 -33.17 -17.55
CA MET B 115 -2.36 -34.61 -17.61
C MET B 115 -2.62 -35.26 -16.25
N GLU B 116 -2.07 -34.66 -15.18
CA GLU B 116 -2.27 -35.20 -13.85
C GLU B 116 -3.73 -35.17 -13.44
N ALA B 117 -4.48 -34.15 -13.86
CA ALA B 117 -5.89 -33.99 -13.46
C ALA B 117 -6.78 -35.08 -14.06
N MET B 118 -6.78 -35.18 -15.36
CA MET B 118 -7.57 -36.20 -16.03
C MET B 118 -7.11 -37.60 -15.65
N LEU B 119 -5.80 -37.87 -15.54
CA LEU B 119 -5.36 -39.22 -15.06
C LEU B 119 -5.83 -39.45 -13.62
N TYR B 120 -5.80 -38.48 -12.73
CA TYR B 120 -6.28 -38.69 -11.36
C TYR B 120 -7.75 -39.04 -11.34
N ALA B 121 -8.61 -38.30 -12.08
CA ALA B 121 -10.07 -38.59 -12.16
C ALA B 121 -10.41 -39.84 -12.95
N LEU B 122 -9.77 -40.01 -14.10
CA LEU B 122 -10.08 -41.11 -15.03
C LEU B 122 -9.68 -42.47 -14.45
N LEU B 123 -8.58 -42.56 -13.69
CA LEU B 123 -8.07 -43.86 -13.11
C LEU B 123 -8.67 -44.14 -11.73
N ASN B 124 -8.99 -43.13 -10.94
CA ASN B 124 -9.48 -43.41 -9.58
C ASN B 124 -10.94 -43.82 -9.65
N LYS B 125 -11.15 -45.03 -10.15
CA LYS B 125 -12.50 -45.58 -10.26
C LYS B 125 -13.06 -45.91 -8.88
N THR B 126 -14.39 -45.87 -8.78
CA THR B 126 -15.13 -46.12 -7.53
C THR B 126 -14.68 -45.18 -6.41
N PHE B 127 -14.28 -43.96 -6.76
CA PHE B 127 -13.94 -42.97 -5.75
C PHE B 127 -15.18 -42.35 -5.12
N ALA B 128 -16.26 -42.20 -5.89
CA ALA B 128 -17.49 -41.64 -5.35
C ALA B 128 -18.11 -42.58 -4.32
N GLN B 129 -18.08 -43.88 -4.57
CA GLN B 129 -18.65 -44.84 -3.63
C GLN B 129 -17.82 -44.91 -2.35
N ASP B 130 -16.50 -45.03 -2.49
CA ASP B 130 -15.59 -45.08 -1.35
C ASP B 130 -14.43 -44.13 -1.62
N GLY B 131 -14.18 -43.22 -0.67
CA GLY B 131 -13.14 -42.22 -0.84
C GLY B 131 -11.75 -42.73 -0.54
N GLN B 132 -11.22 -43.59 -1.41
CA GLN B 132 -9.87 -44.12 -1.28
C GLN B 132 -9.07 -43.74 -2.52
N HIS B 133 -7.89 -43.16 -2.31
CA HIS B 133 -7.05 -42.71 -3.41
C HIS B 133 -6.24 -43.90 -3.93
N GLN B 134 -6.50 -44.31 -5.16
CA GLN B 134 -5.77 -45.39 -5.81
C GLN B 134 -4.67 -44.88 -6.74
N VAL B 135 -4.41 -43.57 -6.75
CA VAL B 135 -3.36 -42.99 -7.57
C VAL B 135 -2.49 -42.10 -6.68
N LEU B 136 -1.18 -42.21 -6.86
CA LEU B 136 -0.20 -41.51 -6.03
C LEU B 136 0.80 -40.78 -6.89
N SER B 137 1.54 -39.87 -6.26
CA SER B 137 2.64 -39.16 -6.88
C SER B 137 3.87 -39.28 -6.00
N MET B 138 5.02 -39.50 -6.62
CA MET B 138 6.29 -39.58 -5.90
C MET B 138 7.31 -38.68 -6.58
N ASN B 139 8.19 -38.11 -5.76
CA ASN B 139 9.10 -37.07 -6.22
C ASN B 139 10.16 -37.63 -7.16
N ARG B 140 10.56 -36.82 -8.13
CA ARG B 140 11.64 -37.18 -9.03
C ARG B 140 12.99 -37.18 -8.31
N ASN B 141 13.14 -36.31 -7.31
CA ASN B 141 14.39 -36.26 -6.55
C ASN B 141 14.62 -37.54 -5.75
N ALA B 142 13.54 -38.14 -5.25
CA ALA B 142 13.68 -39.42 -4.56
C ALA B 142 14.18 -40.51 -5.50
N VAL B 143 13.68 -40.51 -6.75
CA VAL B 143 14.15 -41.46 -7.75
C VAL B 143 15.63 -41.20 -8.08
N GLY B 144 16.00 -39.92 -8.24
CA GLY B 144 17.38 -39.60 -8.57
C GLY B 144 18.37 -39.75 -7.43
N LYS B 145 17.89 -39.81 -6.18
CA LYS B 145 18.76 -39.98 -5.03
C LYS B 145 18.85 -41.42 -4.56
N HIS B 146 17.75 -42.18 -4.63
CA HIS B 146 17.80 -43.59 -4.22
C HIS B 146 18.70 -44.41 -5.14
N PHE B 147 18.62 -44.19 -6.44
CA PHE B 147 19.52 -44.86 -7.38
C PHE B 147 20.86 -44.16 -7.51
N GLU B 148 20.97 -42.93 -7.00
CA GLU B 148 22.23 -42.17 -6.96
C GLU B 148 22.82 -41.97 -8.35
N LEU B 149 21.96 -41.77 -9.34
CA LEU B 149 22.39 -41.50 -10.71
C LEU B 149 22.32 -40.02 -11.06
N MET B 150 22.01 -39.17 -10.09
CA MET B 150 21.75 -37.75 -10.33
C MET B 150 22.87 -36.91 -9.74
N ILE B 151 23.41 -36.00 -10.55
CA ILE B 151 24.36 -35.00 -10.08
C ILE B 151 23.59 -33.90 -9.36
N GLY B 152 24.31 -33.00 -8.67
CA GLY B 152 23.67 -31.92 -7.94
C GLY B 152 22.81 -31.00 -8.79
N ASP B 153 21.58 -30.78 -8.32
CA ASP B 153 20.60 -29.88 -8.96
C ASP B 153 20.25 -30.32 -10.39
N SER B 154 20.35 -31.62 -10.66
CA SER B 154 20.01 -32.18 -11.97
C SER B 154 19.78 -33.67 -11.82
N ARG B 155 19.45 -34.33 -12.93
CA ARG B 155 19.34 -35.78 -13.00
C ARG B 155 19.90 -36.23 -14.34
N THR B 156 20.94 -37.06 -14.31
CA THR B 156 21.56 -37.55 -15.53
C THR B 156 20.77 -38.73 -16.08
N SER B 157 21.08 -39.08 -17.33
CA SER B 157 20.41 -40.19 -17.99
C SER B 157 20.85 -41.51 -17.37
N GLY B 158 20.04 -42.55 -17.61
CA GLY B 158 20.29 -43.85 -17.04
C GLY B 158 20.29 -44.98 -18.05
N LYS B 159 20.70 -44.68 -19.28
CA LYS B 159 20.77 -45.72 -20.31
C LYS B 159 21.81 -46.78 -19.96
N GLU B 160 22.89 -46.38 -19.29
CA GLU B 160 23.88 -47.34 -18.84
C GLU B 160 23.30 -48.28 -17.78
N LEU B 161 22.42 -47.75 -16.92
CA LEU B 161 21.83 -48.58 -15.87
C LEU B 161 20.87 -49.62 -16.44
N VAL B 162 20.03 -49.22 -17.40
CA VAL B 162 19.14 -50.20 -18.03
C VAL B 162 19.90 -51.13 -18.97
N LYS B 163 21.06 -50.71 -19.48
CA LYS B 163 21.94 -51.65 -20.17
C LYS B 163 22.55 -52.64 -19.19
N GLN B 164 22.80 -52.21 -17.95
CA GLN B 164 23.29 -53.12 -16.92
C GLN B 164 22.24 -54.16 -16.57
N PHE B 165 20.96 -53.75 -16.50
CA PHE B 165 19.91 -54.76 -16.30
C PHE B 165 19.76 -55.68 -17.51
N LEU B 166 19.83 -55.13 -18.72
CA LEU B 166 19.68 -55.96 -19.91
C LEU B 166 20.31 -55.26 -21.11
N PHE B 167 21.10 -56.02 -21.87
CA PHE B 167 21.75 -55.55 -23.11
C PHE B 167 22.61 -54.32 -22.87
N PRO B 175 19.03 -58.86 -11.29
CA PRO B 175 18.09 -59.69 -10.53
C PRO B 175 16.93 -58.87 -9.95
N ARG B 176 17.18 -57.59 -9.70
CA ARG B 176 16.13 -56.73 -9.15
C ARG B 176 15.00 -56.50 -10.15
N VAL B 177 15.35 -56.35 -11.44
CA VAL B 177 14.31 -56.12 -12.44
C VAL B 177 13.48 -57.38 -12.68
N PHE B 178 14.13 -58.55 -12.73
CA PHE B 178 13.48 -59.85 -12.88
C PHE B 178 12.57 -59.90 -14.10
N PHE B 179 13.19 -59.77 -15.27
CA PHE B 179 12.45 -59.80 -16.53
C PHE B 179 11.87 -61.20 -16.76
N PRO B 180 10.68 -61.30 -17.33
CA PRO B 180 10.09 -62.62 -17.60
C PRO B 180 10.76 -63.29 -18.79
N SER B 181 10.67 -64.63 -18.79
CA SER B 181 11.28 -65.41 -19.86
C SER B 181 10.46 -65.35 -21.15
N ASP B 182 9.15 -65.15 -21.05
CA ASP B 182 8.31 -65.16 -22.25
C ASP B 182 8.53 -63.92 -23.11
N LYS B 183 8.67 -62.75 -22.47
CA LYS B 183 8.75 -61.49 -23.20
C LYS B 183 10.14 -60.86 -23.13
N ILE B 184 11.18 -61.66 -22.85
CA ILE B 184 12.53 -61.12 -22.81
C ILE B 184 13.00 -60.71 -24.19
N VAL B 185 12.59 -61.44 -25.24
CA VAL B 185 13.03 -61.12 -26.59
C VAL B 185 12.40 -59.81 -27.06
N HIS B 186 11.14 -59.56 -26.68
CA HIS B 186 10.49 -58.30 -27.04
C HIS B 186 11.17 -57.12 -26.37
N TYR B 187 11.53 -57.26 -25.09
CA TYR B 187 12.23 -56.19 -24.38
C TYR B 187 13.62 -55.96 -24.97
N ARG B 188 14.31 -57.03 -25.35
CA ARG B 188 15.62 -56.89 -25.97
C ARG B 188 15.53 -56.20 -27.32
N GLN B 189 14.50 -56.54 -28.11
CA GLN B 189 14.30 -55.88 -29.40
C GLN B 189 13.94 -54.42 -29.22
N MET B 190 13.14 -54.10 -28.20
CA MET B 190 12.81 -52.70 -27.93
C MET B 190 14.04 -51.91 -27.50
N PHE B 191 14.90 -52.50 -26.67
CA PHE B 191 16.12 -51.82 -26.25
C PHE B 191 17.08 -51.63 -27.41
N LEU B 192 17.21 -52.65 -28.27
CA LEU B 192 18.19 -52.59 -29.36
C LEU B 192 17.75 -51.63 -30.45
N SER B 193 16.45 -51.56 -30.73
CA SER B 193 15.93 -50.72 -31.80
C SER B 193 15.77 -49.26 -31.40
N THR B 194 16.05 -48.91 -30.15
CA THR B 194 15.91 -47.54 -29.68
C THR B 194 17.27 -46.87 -29.64
N GLU B 195 17.44 -45.82 -30.44
CA GLU B 195 18.68 -45.05 -30.45
C GLU B 195 18.44 -43.55 -30.34
N LEU B 196 17.19 -43.11 -30.21
CA LEU B 196 16.86 -41.69 -30.14
C LEU B 196 15.53 -41.55 -29.40
N GLN B 197 14.94 -40.35 -29.48
CA GLN B 197 13.64 -40.00 -28.92
C GLN B 197 13.62 -40.05 -27.38
N ARG B 198 14.80 -40.19 -26.75
CA ARG B 198 14.94 -40.19 -25.28
C ARG B 198 14.08 -41.28 -24.63
N VAL B 199 14.39 -42.53 -24.97
CA VAL B 199 13.63 -43.65 -24.43
C VAL B 199 13.91 -43.83 -22.93
N GLU B 200 15.13 -43.45 -22.47
CA GLU B 200 15.43 -43.53 -21.05
C GLU B 200 14.62 -42.50 -20.26
N GLU B 201 14.30 -41.37 -20.87
CA GLU B 201 13.39 -40.41 -20.26
C GLU B 201 11.98 -40.96 -20.12
N LEU B 202 11.69 -42.11 -20.75
CA LEU B 202 10.47 -42.85 -20.50
C LEU B 202 10.69 -44.11 -19.68
N TYR B 203 11.92 -44.66 -19.69
CA TYR B 203 12.30 -45.76 -18.80
C TYR B 203 12.49 -45.31 -17.35
N ASP B 204 12.48 -44.00 -17.11
CA ASP B 204 12.38 -43.50 -15.75
C ASP B 204 11.11 -43.98 -15.06
N SER B 205 10.09 -44.37 -15.83
CA SER B 205 8.91 -45.02 -15.24
C SER B 205 9.28 -46.33 -14.55
N LEU B 206 10.04 -47.19 -15.24
CA LEU B 206 10.49 -48.43 -14.63
C LEU B 206 11.44 -48.15 -13.46
N LEU B 207 12.33 -47.17 -13.62
CA LEU B 207 13.22 -46.81 -12.52
C LEU B 207 12.44 -46.34 -11.30
N GLN B 208 11.41 -45.52 -11.52
CA GLN B 208 10.57 -45.01 -10.43
C GLN B 208 9.77 -46.13 -9.78
N ALA B 209 9.34 -47.11 -10.58
CA ALA B 209 8.60 -48.24 -10.00
C ALA B 209 9.50 -49.09 -9.13
N ILE B 210 10.74 -49.35 -9.56
CA ILE B 210 11.68 -50.09 -8.74
C ILE B 210 12.00 -49.30 -7.46
N ALA B 211 12.14 -47.98 -7.58
CA ALA B 211 12.37 -47.15 -6.40
C ALA B 211 11.17 -47.19 -5.44
N PHE B 212 9.96 -47.22 -5.99
CA PHE B 212 8.76 -47.32 -5.16
C PHE B 212 8.71 -48.64 -4.42
N TYR B 213 9.06 -49.74 -5.09
CA TYR B 213 9.14 -51.03 -4.40
C TYR B 213 10.21 -51.02 -3.32
N GLU B 214 11.35 -50.38 -3.59
CA GLU B 214 12.42 -50.35 -2.60
C GLU B 214 12.04 -49.52 -1.38
N LEU B 215 11.33 -48.40 -1.58
CA LEU B 215 11.08 -47.46 -0.50
C LEU B 215 9.78 -47.73 0.26
N ALA B 216 8.71 -48.12 -0.43
CA ALA B 216 7.41 -48.29 0.20
C ALA B 216 7.14 -49.71 0.65
N VAL B 217 7.71 -50.70 -0.04
CA VAL B 217 7.56 -52.13 0.27
C VAL B 217 6.09 -52.55 0.31
N SER C 109 -20.98 -6.14 19.08
CA SER C 109 -22.04 -6.50 18.15
C SER C 109 -22.13 -5.47 17.01
N GLY C 110 -22.35 -5.97 15.79
CA GLY C 110 -22.45 -5.08 14.65
C GLY C 110 -23.69 -4.18 14.70
N GLN C 111 -24.84 -4.76 15.08
CA GLN C 111 -26.08 -3.99 15.10
C GLN C 111 -26.03 -2.89 16.16
N GLN C 112 -25.41 -3.16 17.31
CA GLN C 112 -25.26 -2.14 18.33
C GLN C 112 -24.39 -0.99 17.84
N GLN C 113 -23.31 -1.30 17.13
CA GLN C 113 -22.45 -0.26 16.58
C GLN C 113 -23.20 0.56 15.52
N ARG C 114 -23.99 -0.11 14.68
CA ARG C 114 -24.77 0.61 13.67
C ARG C 114 -25.78 1.54 14.32
N LEU C 115 -26.47 1.07 15.37
CA LEU C 115 -27.45 1.91 16.05
C LEU C 115 -26.79 3.09 16.74
N LEU C 116 -25.64 2.86 17.39
CA LEU C 116 -24.94 3.95 18.06
C LEU C 116 -24.44 5.00 17.06
N ALA C 117 -23.93 4.55 15.92
CA ALA C 117 -23.53 5.48 14.87
C ALA C 117 -24.73 6.26 14.32
N PHE C 118 -25.88 5.59 14.19
CA PHE C 118 -27.10 6.25 13.75
C PHE C 118 -27.48 7.37 14.72
N PHE C 119 -27.47 7.08 16.02
CA PHE C 119 -27.90 8.08 17.00
C PHE C 119 -26.89 9.23 17.09
N LYS C 120 -25.60 8.91 17.02
CA LYS C 120 -24.59 9.97 17.03
C LYS C 120 -24.71 10.87 15.80
N CYS C 121 -24.94 10.28 14.62
CA CYS C 121 -25.12 11.10 13.43
C CYS C 121 -26.41 11.91 13.50
N CYS C 122 -27.45 11.37 14.14
CA CYS C 122 -28.67 12.14 14.35
C CYS C 122 -28.42 13.36 15.22
N LEU C 123 -27.64 13.20 16.30
CA LEU C 123 -27.36 14.36 17.13
C LEU C 123 -26.37 15.31 16.48
N LEU C 124 -25.58 14.83 15.51
CA LEU C 124 -24.73 15.72 14.73
C LEU C 124 -25.50 16.51 13.67
N THR C 125 -26.57 15.95 13.11
CA THR C 125 -27.29 16.58 12.01
C THR C 125 -28.63 17.18 12.41
N ASP C 126 -28.94 17.23 13.71
CA ASP C 126 -30.17 17.82 14.24
C ASP C 126 -31.42 17.18 13.62
N GLN C 127 -31.44 15.85 13.62
CA GLN C 127 -32.60 15.09 13.18
C GLN C 127 -33.18 14.36 14.38
N LEU C 128 -33.32 15.12 15.47
CA LEU C 128 -33.67 14.54 16.77
C LEU C 128 -35.01 13.81 16.82
N PRO C 129 -36.13 14.32 16.28
CA PRO C 129 -37.37 13.54 16.34
C PRO C 129 -37.28 12.19 15.63
N LEU C 130 -36.49 12.10 14.56
CA LEU C 130 -36.30 10.83 13.87
C LEU C 130 -35.63 9.80 14.79
N ALA C 131 -34.56 10.21 15.46
CA ALA C 131 -33.88 9.33 16.40
C ALA C 131 -34.78 8.98 17.58
N HIS C 132 -35.59 9.94 18.03
CA HIS C 132 -36.52 9.66 19.12
C HIS C 132 -37.56 8.61 18.72
N HIS C 133 -38.09 8.73 17.50
CA HIS C 133 -39.06 7.74 17.02
C HIS C 133 -38.43 6.36 16.88
N LEU C 134 -37.21 6.29 16.34
CA LEU C 134 -36.54 4.99 16.22
C LEU C 134 -36.23 4.40 17.60
N LEU C 135 -35.83 5.24 18.55
CA LEU C 135 -35.57 4.77 19.91
C LEU C 135 -36.84 4.26 20.57
N VAL C 136 -37.97 4.95 20.38
CA VAL C 136 -39.23 4.48 20.93
C VAL C 136 -39.64 3.16 20.31
N VAL C 137 -39.47 3.01 18.99
CA VAL C 137 -39.83 1.76 18.31
C VAL C 137 -38.97 0.61 18.82
N HIS C 138 -37.66 0.86 18.97
CA HIS C 138 -36.77 -0.19 19.49
C HIS C 138 -37.07 -0.51 20.95
N HIS C 139 -37.45 0.48 21.75
CA HIS C 139 -37.73 0.25 23.16
C HIS C 139 -39.05 -0.48 23.38
N GLY C 140 -40.01 -0.29 22.48
CA GLY C 140 -41.30 -0.95 22.64
C GLY C 140 -41.22 -2.45 22.46
N GLN C 141 -40.45 -2.91 21.49
CA GLN C 141 -40.33 -4.34 21.22
C GLN C 141 -39.46 -5.01 22.28
N ARG C 142 -39.94 -6.15 22.79
CA ARG C 142 -39.18 -6.89 23.80
C ARG C 142 -37.93 -7.52 23.20
N GLN C 143 -38.00 -7.97 21.94
CA GLN C 143 -36.85 -8.57 21.28
C GLN C 143 -35.89 -7.54 20.73
N LYS C 144 -36.26 -6.27 20.70
CA LYS C 144 -35.38 -5.20 20.22
C LYS C 144 -34.88 -4.30 21.33
N ARG C 145 -35.45 -4.37 22.53
CA ARG C 145 -34.93 -3.58 23.64
C ARG C 145 -33.55 -4.07 24.07
N LYS C 146 -33.26 -5.35 23.86
CA LYS C 146 -31.91 -5.85 24.09
C LYS C 146 -30.97 -5.31 23.01
N LEU C 147 -29.66 -5.45 23.27
CA LEU C 147 -28.59 -4.87 22.47
C LEU C 147 -28.67 -3.35 22.40
N LEU C 148 -29.35 -2.73 23.38
CA LEU C 148 -29.40 -1.28 23.52
C LEU C 148 -28.65 -0.90 24.79
N THR C 149 -27.62 -0.07 24.65
CA THR C 149 -26.77 0.32 25.75
C THR C 149 -27.06 1.76 26.15
N LEU C 150 -26.46 2.17 27.28
CA LEU C 150 -26.72 3.48 27.84
C LEU C 150 -26.17 4.61 26.97
N ASP C 151 -25.20 4.31 26.09
CA ASP C 151 -24.65 5.35 25.23
C ASP C 151 -25.71 5.91 24.28
N MET C 152 -26.56 5.04 23.73
CA MET C 152 -27.65 5.51 22.86
C MET C 152 -28.63 6.38 23.65
N TYR C 153 -28.99 5.93 24.85
CA TYR C 153 -29.97 6.65 25.66
C TYR C 153 -29.46 8.04 26.04
N ASN C 154 -28.24 8.12 26.55
CA ASN C 154 -27.77 9.45 26.93
C ASN C 154 -27.29 10.29 25.75
N ALA C 155 -27.04 9.69 24.59
CA ALA C 155 -26.83 10.48 23.38
C ALA C 155 -28.11 11.18 22.97
N VAL C 156 -29.23 10.44 22.94
CA VAL C 156 -30.52 11.06 22.63
C VAL C 156 -30.88 12.07 23.72
N MET C 157 -30.53 11.76 24.97
CA MET C 157 -30.79 12.68 26.09
C MET C 157 -30.03 13.98 25.92
N LEU C 158 -28.75 13.92 25.53
CA LEU C 158 -27.98 15.13 25.28
C LEU C 158 -28.49 15.90 24.08
N GLY C 159 -29.01 15.19 23.06
CA GLY C 159 -29.58 15.87 21.91
C GLY C 159 -30.82 16.65 22.27
N TRP C 160 -31.70 16.04 23.09
CA TRP C 160 -32.84 16.76 23.63
C TRP C 160 -32.39 17.92 24.50
N ALA C 161 -31.32 17.72 25.27
CA ALA C 161 -30.85 18.74 26.20
C ALA C 161 -30.34 19.98 25.48
N ARG C 162 -29.69 19.80 24.32
CA ARG C 162 -29.06 20.94 23.65
C ARG C 162 -30.06 22.00 23.22
N GLN C 163 -31.29 21.62 22.87
CA GLN C 163 -32.32 22.59 22.47
C GLN C 163 -33.60 22.36 23.29
N GLY C 164 -33.64 22.97 24.47
CA GLY C 164 -34.85 22.97 25.30
C GLY C 164 -35.33 21.58 25.63
N ALA C 165 -36.63 21.34 25.36
CA ALA C 165 -37.21 19.99 25.29
C ALA C 165 -37.13 19.24 26.62
N PHE C 166 -37.62 19.87 27.69
CA PHE C 166 -37.61 19.24 29.00
C PHE C 166 -38.48 17.99 29.03
N LYS C 167 -39.68 18.06 28.42
CA LYS C 167 -40.61 16.94 28.46
C LYS C 167 -40.05 15.69 27.80
N GLU C 168 -39.43 15.86 26.63
CA GLU C 168 -38.86 14.72 25.93
C GLU C 168 -37.68 14.12 26.69
N LEU C 169 -36.87 14.97 27.31
CA LEU C 169 -35.77 14.47 28.14
C LEU C 169 -36.28 13.70 29.35
N VAL C 170 -37.38 14.18 29.95
CA VAL C 170 -37.99 13.46 31.06
C VAL C 170 -38.52 12.11 30.60
N TYR C 171 -39.08 12.06 29.39
CA TYR C 171 -39.56 10.77 28.88
C TYR C 171 -38.40 9.82 28.57
N VAL C 172 -37.27 10.34 28.08
CA VAL C 172 -36.10 9.49 27.87
C VAL C 172 -35.57 8.98 29.21
N LEU C 173 -35.58 9.83 30.24
CA LEU C 173 -35.24 9.38 31.59
C LEU C 173 -36.18 8.27 32.06
N PHE C 174 -37.47 8.40 31.75
CA PHE C 174 -38.43 7.36 32.08
C PHE C 174 -38.11 6.06 31.36
N MET C 175 -37.70 6.13 30.09
CA MET C 175 -37.28 4.93 29.37
C MET C 175 -36.06 4.29 30.00
N VAL C 176 -35.08 5.11 30.41
CA VAL C 176 -33.88 4.57 31.05
C VAL C 176 -34.24 3.90 32.36
N LYS C 177 -35.15 4.50 33.14
CA LYS C 177 -35.58 3.90 34.39
C LYS C 177 -36.30 2.58 34.15
N ASP C 178 -37.12 2.51 33.09
CA ASP C 178 -37.84 1.27 32.81
C ASP C 178 -36.92 0.20 32.25
N ALA C 179 -35.82 0.59 31.61
CA ALA C 179 -34.90 -0.38 31.02
C ALA C 179 -34.14 -1.18 32.07
N GLY C 180 -34.10 -0.71 33.31
CA GLY C 180 -33.37 -1.39 34.36
C GLY C 180 -31.91 -0.97 34.51
N LEU C 181 -31.45 -0.01 33.71
CA LEU C 181 -30.09 0.46 33.80
C LEU C 181 -29.96 1.54 34.88
N THR C 182 -28.73 2.00 35.09
CA THR C 182 -28.43 3.04 36.06
C THR C 182 -27.85 4.25 35.33
N PRO C 183 -28.44 5.44 35.46
CA PRO C 183 -27.88 6.63 34.81
C PRO C 183 -26.52 7.00 35.37
N ASP C 184 -25.72 7.65 34.53
CA ASP C 184 -24.34 7.98 34.85
C ASP C 184 -24.18 9.50 34.89
N LEU C 185 -22.92 9.94 34.97
CA LEU C 185 -22.62 11.37 35.09
C LEU C 185 -23.00 12.14 33.84
N LEU C 186 -22.89 11.52 32.66
CA LEU C 186 -23.22 12.21 31.42
C LEU C 186 -24.71 12.50 31.31
N SER C 187 -25.55 11.56 31.77
CA SER C 187 -26.99 11.78 31.77
C SER C 187 -27.36 12.93 32.69
N TYR C 188 -26.75 13.01 33.87
CA TYR C 188 -27.03 14.11 34.79
C TYR C 188 -26.49 15.43 34.26
N ALA C 189 -25.35 15.39 33.56
CA ALA C 189 -24.85 16.60 32.92
C ALA C 189 -25.81 17.11 31.86
N ALA C 190 -26.38 16.18 31.07
CA ALA C 190 -27.40 16.56 30.09
C ALA C 190 -28.63 17.14 30.77
N ALA C 191 -29.06 16.54 31.88
CA ALA C 191 -30.22 17.06 32.61
C ALA C 191 -29.96 18.46 33.14
N LEU C 192 -28.77 18.71 33.70
CA LEU C 192 -28.44 20.04 34.20
C LEU C 192 -28.29 21.05 33.07
N GLN C 193 -27.81 20.61 31.90
CA GLN C 193 -27.73 21.52 30.75
C GLN C 193 -29.12 21.88 30.24
N CYS C 194 -30.08 20.98 30.17
CA CYS C 194 -31.39 21.47 29.66
C CYS C 194 -31.95 22.52 30.61
N MET C 195 -31.81 22.29 31.92
CA MET C 195 -32.43 23.18 32.94
C MET C 195 -31.83 24.57 32.79
N GLY C 196 -30.56 24.65 32.48
CA GLY C 196 -29.97 25.97 32.26
C GLY C 196 -30.54 26.73 31.08
N ARG C 197 -30.71 26.07 29.93
CA ARG C 197 -31.22 26.75 28.71
C ARG C 197 -32.49 27.51 29.07
N GLN C 198 -33.48 26.82 29.65
CA GLN C 198 -34.73 27.47 30.06
C GLN C 198 -34.68 27.49 31.59
N ASP C 199 -34.73 28.67 32.20
CA ASP C 199 -34.54 28.70 33.67
C ASP C 199 -35.66 27.89 34.32
N GLN C 200 -35.33 27.10 35.33
CA GLN C 200 -36.35 26.24 35.98
C GLN C 200 -36.24 26.43 37.50
N ASP C 201 -37.24 25.97 38.25
CA ASP C 201 -37.28 26.21 39.72
C ASP C 201 -36.03 25.68 40.41
N ALA C 202 -35.73 26.24 41.58
CA ALA C 202 -34.59 25.78 42.37
C ALA C 202 -34.79 24.34 42.83
N GLY C 203 -36.01 23.99 43.20
CA GLY C 203 -36.23 22.65 43.80
C GLY C 203 -35.88 21.56 42.84
N THR C 204 -36.27 21.75 41.59
CA THR C 204 -35.94 20.73 40.57
C THR C 204 -34.42 20.63 40.40
N ILE C 205 -33.71 21.75 40.37
CA ILE C 205 -32.25 21.58 40.13
C ILE C 205 -31.72 20.77 41.31
N GLU C 206 -32.09 21.15 42.52
CA GLU C 206 -31.66 20.42 43.76
C GLU C 206 -32.26 19.01 43.82
N ARG C 207 -33.54 18.85 43.44
CA ARG C 207 -34.20 17.53 43.57
C ARG C 207 -33.41 16.58 42.67
N CYS C 208 -32.41 17.12 41.98
CA CYS C 208 -31.57 16.39 41.04
C CYS C 208 -30.12 16.35 41.52
N LEU C 209 -29.62 17.45 42.10
CA LEU C 209 -28.26 17.46 42.63
C LEU C 209 -28.12 16.50 43.81
N GLU C 210 -29.14 16.43 44.67
CA GLU C 210 -29.11 15.48 45.78
C GLU C 210 -29.16 14.04 45.28
N GLN C 211 -29.96 13.79 44.24
CA GLN C 211 -30.01 12.46 43.64
C GLN C 211 -28.67 12.07 43.04
N MET C 212 -27.99 13.02 42.40
CA MET C 212 -26.66 12.74 41.86
C MET C 212 -25.63 12.53 42.97
N SER C 213 -25.75 13.29 44.06
CA SER C 213 -24.85 13.10 45.19
C SER C 213 -25.04 11.72 45.82
N GLN C 214 -26.29 11.25 45.86
CA GLN C 214 -26.55 9.88 46.28
C GLN C 214 -26.09 8.91 45.20
N GLU C 215 -26.05 7.62 45.56
CA GLU C 215 -25.67 6.50 44.72
C GLU C 215 -24.21 6.55 44.26
N GLY C 216 -23.38 7.38 44.87
CA GLY C 216 -21.96 7.34 44.68
C GLY C 216 -21.39 8.35 43.69
N LEU C 217 -22.24 8.94 42.85
CA LEU C 217 -21.75 9.90 41.86
C LEU C 217 -21.34 11.22 42.54
N LYS C 218 -20.34 11.87 41.96
CA LYS C 218 -19.77 13.09 42.53
C LYS C 218 -20.30 14.32 41.82
N LEU C 219 -20.31 15.45 42.56
CA LEU C 219 -20.79 16.70 42.00
C LEU C 219 -19.83 17.25 40.94
N GLN C 220 -18.54 17.03 41.11
CA GLN C 220 -17.53 17.54 40.18
C GLN C 220 -17.03 16.46 39.22
N ALA C 221 -17.65 15.28 39.21
CA ALA C 221 -17.23 14.22 38.30
C ALA C 221 -17.55 14.57 36.86
N LEU C 222 -18.69 15.23 36.62
CA LEU C 222 -19.06 15.59 35.25
C LEU C 222 -18.14 16.67 34.69
N PHE C 223 -17.59 17.53 35.55
CA PHE C 223 -16.78 18.64 35.07
C PHE C 223 -15.42 18.18 34.57
N THR C 224 -14.91 17.05 35.07
CA THR C 224 -13.59 16.55 34.70
C THR C 224 -13.65 15.27 33.90
N ALA C 225 -14.34 14.24 34.41
CA ALA C 225 -14.35 12.95 33.73
C ALA C 225 -15.18 13.00 32.45
N VAL C 226 -16.30 13.72 32.46
CA VAL C 226 -17.17 13.82 31.30
C VAL C 226 -16.70 14.98 30.43
N LEU C 227 -16.40 14.68 29.16
CA LEU C 227 -15.91 15.68 28.23
C LEU C 227 -17.09 16.33 27.52
N LEU C 228 -17.26 17.64 27.73
CA LEU C 228 -18.34 18.40 27.11
C LEU C 228 -17.77 19.69 26.53
N SER C 229 -18.56 20.33 25.68
CA SER C 229 -18.14 21.58 25.06
C SER C 229 -18.16 22.71 26.08
N GLU C 230 -17.58 23.85 25.67
CA GLU C 230 -17.53 25.02 26.54
C GLU C 230 -18.93 25.56 26.83
N GLU C 231 -19.81 25.57 25.82
CA GLU C 231 -21.17 26.05 26.02
C GLU C 231 -21.93 25.16 26.98
N ASP C 232 -21.78 23.83 26.85
CA ASP C 232 -22.45 22.91 27.77
C ASP C 232 -21.95 23.07 29.20
N ARG C 233 -20.62 23.22 29.36
CA ARG C 233 -20.05 23.43 30.68
C ARG C 233 -20.54 24.74 31.29
N ALA C 234 -20.62 25.80 30.49
CA ALA C 234 -21.12 27.08 30.98
C ALA C 234 -22.58 26.99 31.39
N THR C 235 -23.40 26.28 30.60
CA THR C 235 -24.80 26.11 30.93
C THR C 235 -24.98 25.30 32.21
N VAL C 236 -24.19 24.24 32.38
CA VAL C 236 -24.27 23.45 33.61
C VAL C 236 -23.83 24.28 34.81
N LEU C 237 -22.76 25.05 34.66
CA LEU C 237 -22.29 25.90 35.75
C LEU C 237 -23.33 26.96 36.12
N LYS C 238 -24.01 27.52 35.12
CA LYS C 238 -25.08 28.47 35.40
C LYS C 238 -26.27 27.79 36.05
N ALA C 239 -26.48 26.50 35.77
CA ALA C 239 -27.55 25.77 36.43
C ALA C 239 -27.20 25.43 37.88
N VAL C 240 -25.92 25.25 38.18
CA VAL C 240 -25.52 24.99 39.56
C VAL C 240 -25.47 26.29 40.37
N HIS C 241 -25.11 27.41 39.72
CA HIS C 241 -25.04 28.69 40.42
C HIS C 241 -26.40 29.18 40.91
N LYS C 242 -27.49 28.65 40.36
CA LYS C 242 -28.82 28.97 40.90
C LYS C 242 -28.97 28.45 42.32
N VAL C 243 -28.47 27.25 42.60
CA VAL C 243 -28.55 26.67 43.94
C VAL C 243 -27.36 27.08 44.78
N LYS C 244 -26.14 26.85 44.28
CA LYS C 244 -24.92 27.17 45.02
C LYS C 244 -24.13 28.22 44.24
N PRO C 245 -24.26 29.50 44.59
CA PRO C 245 -23.52 30.55 43.85
C PRO C 245 -22.04 30.60 44.18
N THR C 246 -21.56 29.86 45.18
CA THR C 246 -20.17 29.89 45.59
C THR C 246 -19.34 28.79 44.93
N PHE C 247 -19.94 28.02 44.01
CA PHE C 247 -19.20 26.95 43.34
C PHE C 247 -18.19 27.53 42.36
N SER C 248 -16.99 26.96 42.36
CA SER C 248 -15.93 27.41 41.47
C SER C 248 -15.01 26.25 41.15
N LEU C 249 -14.25 26.39 40.06
CA LEU C 249 -13.31 25.40 39.60
C LEU C 249 -11.88 25.89 39.80
N PRO C 250 -10.92 25.00 40.02
CA PRO C 250 -9.52 25.41 40.16
C PRO C 250 -8.99 26.00 38.86
N PRO C 251 -8.24 27.10 38.92
CA PRO C 251 -7.78 27.74 37.68
C PRO C 251 -6.68 26.98 36.97
N GLN C 252 -5.67 26.49 37.71
CA GLN C 252 -4.49 25.82 37.15
C GLN C 252 -3.82 26.69 36.08
N LEU C 253 -3.63 27.96 36.41
CA LEU C 253 -3.10 28.92 35.44
C LEU C 253 -1.67 28.61 34.98
N PRO C 254 -0.68 28.33 35.83
CA PRO C 254 0.68 28.12 35.30
C PRO C 254 0.80 26.80 34.57
N PRO C 255 1.21 26.83 33.29
CA PRO C 255 1.39 25.59 32.56
C PRO C 255 2.64 24.86 33.03
N PRO C 256 2.70 23.55 32.87
CA PRO C 256 3.92 22.81 33.23
C PRO C 256 5.06 23.12 32.26
N VAL C 257 6.28 23.02 32.77
CA VAL C 257 7.49 23.30 32.02
C VAL C 257 8.39 22.07 32.09
N ASN C 258 8.93 21.67 30.93
CA ASN C 258 9.85 20.54 30.89
C ASN C 258 11.12 20.84 31.66
N THR C 259 11.56 19.88 32.46
CA THR C 259 12.74 20.04 33.31
C THR C 259 13.66 18.83 33.15
N SER C 260 13.93 18.45 31.90
CA SER C 260 14.94 17.43 31.63
C SER C 260 16.32 18.07 31.51
N LYS C 261 17.35 17.23 31.55
CA LYS C 261 18.72 17.73 31.53
C LYS C 261 19.07 18.36 30.18
N LEU C 262 18.67 17.71 29.08
CA LEU C 262 19.03 18.20 27.75
C LEU C 262 18.20 19.41 27.34
N LEU C 263 16.99 19.54 27.87
CA LEU C 263 16.05 20.59 27.48
C LEU C 263 15.92 21.68 28.54
N ARG C 264 16.88 21.77 29.46
CA ARG C 264 16.76 22.71 30.56
C ARG C 264 16.97 24.16 30.10
N ASP C 265 17.98 24.39 29.28
CA ASP C 265 18.31 25.74 28.84
C ASP C 265 17.40 26.26 27.73
N VAL C 266 16.61 25.38 27.11
CA VAL C 266 15.64 25.84 26.10
C VAL C 266 14.50 26.60 26.78
N TYR C 267 14.01 26.09 27.90
CA TYR C 267 12.83 26.63 28.56
C TYR C 267 13.17 27.51 29.75
N ALA C 268 14.44 27.90 29.91
CA ALA C 268 14.85 28.73 31.03
C ALA C 268 14.41 30.17 30.80
N LYS C 269 13.84 30.78 31.85
CA LYS C 269 13.39 32.16 31.74
C LYS C 269 14.55 33.13 31.64
N ASP C 270 15.61 32.91 32.41
CA ASP C 270 16.77 33.77 32.35
C ASP C 270 17.58 33.53 31.08
N GLY C 271 18.31 34.55 30.67
CA GLY C 271 19.14 34.49 29.48
C GLY C 271 18.70 35.52 28.45
N ARG C 272 19.43 35.51 27.33
CA ARG C 272 19.17 36.44 26.23
C ARG C 272 18.11 35.86 25.31
N VAL C 273 17.09 36.67 25.01
CA VAL C 273 15.98 36.26 24.16
C VAL C 273 16.11 37.01 22.84
N SER C 274 16.28 36.26 21.76
CA SER C 274 16.44 36.84 20.42
C SER C 274 15.61 36.06 19.41
N TYR C 275 14.35 35.82 19.73
CA TYR C 275 13.48 35.06 18.84
C TYR C 275 13.25 35.82 17.54
N PRO C 276 13.32 35.16 16.39
CA PRO C 276 13.15 35.86 15.12
C PRO C 276 11.69 36.20 14.84
N LYS C 277 11.51 37.14 13.92
CA LYS C 277 10.18 37.61 13.53
C LYS C 277 10.08 37.57 12.00
N LEU C 278 8.84 37.46 11.52
CA LEU C 278 8.59 37.43 10.09
C LEU C 278 8.72 38.84 9.51
N HIS C 279 8.78 38.90 8.18
CA HIS C 279 8.96 40.16 7.46
C HIS C 279 7.63 40.77 7.00
N LEU C 280 6.50 40.14 7.30
CA LEU C 280 5.22 40.64 6.83
C LEU C 280 4.45 41.32 7.95
N PRO C 281 3.72 42.39 7.65
CA PRO C 281 2.92 43.06 8.70
C PRO C 281 1.69 42.26 9.10
N LEU C 282 0.90 42.81 10.03
CA LEU C 282 -0.23 42.08 10.59
C LEU C 282 -1.38 41.97 9.59
N LYS C 283 -1.69 43.06 8.88
CA LYS C 283 -2.84 43.05 7.99
C LYS C 283 -2.65 42.10 6.81
N THR C 284 -1.42 42.08 6.25
CA THR C 284 -1.12 41.16 5.17
C THR C 284 -1.27 39.71 5.61
N LEU C 285 -0.80 39.40 6.82
CA LEU C 285 -0.93 38.04 7.35
C LEU C 285 -2.38 37.67 7.62
N GLN C 286 -3.19 38.64 8.07
CA GLN C 286 -4.61 38.39 8.24
C GLN C 286 -5.30 38.09 6.91
N CYS C 287 -4.93 38.83 5.86
CA CYS C 287 -5.48 38.56 4.53
C CYS C 287 -5.04 37.18 4.02
N LEU C 288 -3.80 36.80 4.31
CA LEU C 288 -3.34 35.45 3.95
C LEU C 288 -4.13 34.38 4.69
N PHE C 289 -4.44 34.63 5.96
CA PHE C 289 -5.27 33.70 6.71
C PHE C 289 -6.67 33.57 6.10
N GLU C 290 -7.25 34.70 5.68
CA GLU C 290 -8.55 34.65 5.03
C GLU C 290 -8.50 33.88 3.72
N LYS C 291 -7.44 34.07 2.93
CA LYS C 291 -7.29 33.33 1.68
C LYS C 291 -7.15 31.84 1.93
N GLN C 292 -6.37 31.46 2.95
CA GLN C 292 -6.22 30.04 3.29
C GLN C 292 -7.54 29.45 3.79
N LEU C 293 -8.31 30.23 4.56
CA LEU C 293 -9.61 29.77 5.03
C LEU C 293 -10.57 29.53 3.87
N HIS C 294 -10.59 30.45 2.90
CA HIS C 294 -11.46 30.28 1.75
C HIS C 294 -11.02 29.12 0.86
N MET C 295 -9.70 28.90 0.75
CA MET C 295 -9.21 27.76 -0.02
C MET C 295 -9.56 26.44 0.65
N GLU C 296 -9.45 26.38 1.98
CA GLU C 296 -9.62 25.12 2.70
C GLU C 296 -11.07 24.82 3.04
N LEU C 297 -11.96 25.82 2.99
CA LEU C 297 -13.39 25.53 3.13
C LEU C 297 -13.88 24.64 2.00
N ALA C 298 -13.45 24.93 0.77
CA ALA C 298 -13.57 23.95 -0.30
C ALA C 298 -12.54 22.85 -0.09
N SER C 299 -12.92 21.63 -0.45
CA SER C 299 -12.05 20.48 -0.23
C SER C 299 -11.11 20.21 -1.40
N ARG C 300 -11.08 21.10 -2.39
CA ARG C 300 -10.38 20.81 -3.64
C ARG C 300 -10.00 22.13 -4.31
N VAL C 301 -8.81 22.15 -4.91
CA VAL C 301 -8.28 23.35 -5.56
C VAL C 301 -7.92 23.00 -7.00
N CYS C 302 -8.19 23.93 -7.91
CA CYS C 302 -7.93 23.77 -9.34
C CYS C 302 -6.74 24.62 -9.74
N VAL C 303 -5.81 24.02 -10.48
CA VAL C 303 -4.57 24.68 -10.88
C VAL C 303 -4.42 24.61 -12.39
N VAL C 304 -4.02 25.72 -13.00
CA VAL C 304 -3.75 25.74 -14.44
C VAL C 304 -2.53 24.90 -14.72
N SER C 305 -2.62 24.06 -15.76
CA SER C 305 -1.55 23.13 -16.10
C SER C 305 -0.41 23.85 -16.82
N VAL C 306 0.72 23.15 -16.93
CA VAL C 306 1.90 23.69 -17.59
C VAL C 306 2.05 23.16 -19.01
N GLU C 307 1.32 22.12 -19.39
CA GLU C 307 1.40 21.57 -20.74
C GLU C 307 1.01 22.64 -21.77
N LYS C 308 1.70 22.62 -22.90
CA LYS C 308 1.56 23.67 -23.91
C LYS C 308 0.14 23.70 -24.44
N PRO C 309 -0.54 24.85 -24.38
CA PRO C 309 -1.96 24.88 -24.75
C PRO C 309 -2.16 24.73 -26.25
N THR C 310 -3.17 23.95 -26.61
CA THR C 310 -3.59 23.78 -27.99
C THR C 310 -4.76 24.71 -28.28
N LEU C 311 -4.72 25.36 -29.44
CA LEU C 311 -5.79 26.29 -29.80
C LEU C 311 -7.08 25.53 -30.02
N PRO C 312 -8.18 25.92 -29.36
CA PRO C 312 -9.43 25.16 -29.49
C PRO C 312 -10.08 25.32 -30.87
N SER C 313 -10.13 24.22 -31.62
CA SER C 313 -10.75 24.20 -32.93
C SER C 313 -12.27 24.05 -32.78
N LYS C 314 -12.95 23.80 -33.89
CA LYS C 314 -14.41 23.67 -33.86
C LYS C 314 -14.84 22.43 -33.10
N GLU C 315 -14.20 21.29 -33.36
CA GLU C 315 -14.58 20.06 -32.68
C GLU C 315 -14.24 20.08 -31.20
N VAL C 316 -13.17 20.78 -30.81
CA VAL C 316 -12.82 20.89 -29.40
C VAL C 316 -13.89 21.66 -28.64
N LYS C 317 -14.31 22.80 -29.19
CA LYS C 317 -15.35 23.59 -28.52
C LYS C 317 -16.71 22.89 -28.57
N HIS C 318 -16.96 22.10 -29.62
CA HIS C 318 -18.18 21.30 -29.66
C HIS C 318 -18.19 20.23 -28.56
N ALA C 319 -17.05 19.57 -28.36
CA ALA C 319 -16.93 18.59 -27.29
C ALA C 319 -17.07 19.25 -25.93
N ARG C 320 -16.51 20.45 -25.77
CA ARG C 320 -16.66 21.16 -24.50
C ARG C 320 -18.11 21.55 -24.23
N LYS C 321 -18.82 22.00 -25.27
CA LYS C 321 -20.23 22.36 -25.11
C LYS C 321 -21.08 21.15 -24.75
N THR C 322 -20.85 20.01 -25.42
CA THR C 322 -21.64 18.83 -25.09
C THR C 322 -21.27 18.27 -23.73
N LEU C 323 -20.01 18.43 -23.31
CA LEU C 323 -19.65 18.09 -21.93
C LEU C 323 -20.38 18.97 -20.93
N LYS C 324 -20.50 20.26 -21.23
CA LYS C 324 -21.20 21.18 -20.32
C LYS C 324 -22.68 20.79 -20.17
N THR C 325 -23.35 20.53 -21.30
CA THR C 325 -24.77 20.17 -21.19
C THR C 325 -24.97 18.79 -20.57
N LEU C 326 -24.07 17.84 -20.84
CA LEU C 326 -24.14 16.55 -20.17
C LEU C 326 -23.96 16.69 -18.67
N ARG C 327 -23.02 17.55 -18.25
CA ARG C 327 -22.78 17.73 -16.83
C ARG C 327 -23.96 18.41 -16.15
N ASP C 328 -24.62 19.34 -16.83
CA ASP C 328 -25.82 19.95 -16.27
C ASP C 328 -26.93 18.92 -16.10
N GLN C 329 -27.16 18.08 -17.12
CA GLN C 329 -28.17 17.04 -17.02
C GLN C 329 -27.82 16.04 -15.92
N TRP C 330 -26.55 15.69 -15.79
CA TRP C 330 -26.12 14.77 -14.74
C TRP C 330 -26.33 15.37 -13.35
N GLU C 331 -26.06 16.67 -13.19
CA GLU C 331 -26.30 17.32 -11.91
C GLU C 331 -27.78 17.29 -11.55
N LYS C 332 -28.67 17.59 -12.51
CA LYS C 332 -30.10 17.54 -12.23
C LYS C 332 -30.56 16.13 -11.90
N ALA C 333 -30.09 15.14 -12.64
CA ALA C 333 -30.47 13.75 -12.40
C ALA C 333 -29.96 13.26 -11.05
N LEU C 334 -28.74 13.63 -10.69
CA LEU C 334 -28.19 13.24 -9.39
C LEU C 334 -28.96 13.89 -8.24
N CYS C 335 -29.38 15.15 -8.41
CA CYS C 335 -30.20 15.80 -7.40
C CYS C 335 -31.52 15.08 -7.21
N ARG C 336 -32.18 14.74 -8.33
CA ARG C 336 -33.47 14.03 -8.23
C ARG C 336 -33.30 12.65 -7.60
N ALA C 337 -32.22 11.94 -7.97
CA ALA C 337 -31.98 10.61 -7.40
C ALA C 337 -31.68 10.70 -5.91
N LEU C 338 -30.91 11.71 -5.49
CA LEU C 338 -30.63 11.88 -4.07
C LEU C 338 -31.89 12.19 -3.29
N ARG C 339 -32.78 13.03 -3.85
CA ARG C 339 -34.04 13.32 -3.18
C ARG C 339 -34.91 12.07 -3.05
N GLU C 340 -34.99 11.27 -4.11
CA GLU C 340 -35.79 10.05 -4.06
C GLU C 340 -35.21 9.05 -3.06
N THR C 341 -33.88 8.91 -3.02
CA THR C 341 -33.24 8.01 -2.07
C THR C 341 -33.47 8.47 -0.64
N LYS C 342 -33.38 9.78 -0.40
CA LYS C 342 -33.64 10.31 0.94
C LYS C 342 -35.08 10.05 1.37
N ASN C 343 -36.04 10.25 0.46
CA ASN C 343 -37.43 9.97 0.80
C ASN C 343 -37.65 8.49 1.10
N ARG C 344 -37.05 7.60 0.30
CA ARG C 344 -37.19 6.17 0.54
C ARG C 344 -36.58 5.77 1.87
N LEU C 345 -35.41 6.32 2.21
CA LEU C 345 -34.76 5.96 3.46
C LEU C 345 -35.53 6.51 4.66
N GLU C 346 -36.11 7.70 4.53
CA GLU C 346 -36.94 8.23 5.60
C GLU C 346 -38.19 7.38 5.82
N ARG C 347 -38.81 6.93 4.72
CA ARG C 347 -39.96 6.03 4.85
C ARG C 347 -39.55 4.69 5.46
N GLU C 348 -38.33 4.24 5.16
CA GLU C 348 -37.83 3.01 5.78
C GLU C 348 -37.65 3.18 7.29
N VAL C 349 -37.13 4.32 7.73
CA VAL C 349 -36.95 4.55 9.16
C VAL C 349 -38.30 4.68 9.86
N TYR C 350 -39.28 5.33 9.21
CA TYR C 350 -40.60 5.47 9.80
C TYR C 350 -41.30 4.13 10.01
N GLU C 351 -40.83 3.07 9.35
CA GLU C 351 -41.28 1.71 9.64
C GLU C 351 -40.42 1.02 10.69
N GLY C 352 -39.61 1.78 11.43
CA GLY C 352 -38.77 1.23 12.47
C GLY C 352 -37.61 0.37 11.99
N ARG C 353 -36.88 0.86 11.00
CA ARG C 353 -35.74 0.14 10.45
C ARG C 353 -34.54 1.07 10.34
N PHE C 354 -33.35 0.48 10.49
CA PHE C 354 -32.11 1.24 10.33
C PHE C 354 -31.83 1.52 8.86
N SER C 355 -31.45 2.75 8.56
CA SER C 355 -31.01 3.12 7.22
C SER C 355 -29.87 4.12 7.33
N LEU C 356 -29.47 4.64 6.18
CA LEU C 356 -28.35 5.58 6.08
C LEU C 356 -28.82 7.01 5.88
N TYR C 357 -30.06 7.32 6.24
CA TYR C 357 -30.61 8.66 6.01
C TYR C 357 -29.88 9.76 6.76
N PRO C 358 -29.58 9.65 8.07
CA PRO C 358 -28.80 10.73 8.70
C PRO C 358 -27.40 10.89 8.12
N PHE C 359 -26.76 9.78 7.76
CA PHE C 359 -25.44 9.86 7.14
C PHE C 359 -25.51 10.52 5.77
N LEU C 360 -26.59 10.27 5.03
CA LEU C 360 -26.79 10.91 3.74
C LEU C 360 -27.16 12.38 3.89
N CYS C 361 -27.73 12.77 5.02
CA CYS C 361 -28.06 14.16 5.30
C CYS C 361 -26.96 14.89 6.07
N LEU C 362 -25.75 14.33 6.10
CA LEU C 362 -24.63 15.00 6.76
C LEU C 362 -24.27 16.30 6.07
N LEU C 363 -24.24 16.29 4.74
CA LEU C 363 -23.90 17.46 3.94
C LEU C 363 -25.12 17.94 3.17
N ASP C 364 -25.01 19.14 2.61
CA ASP C 364 -26.01 19.64 1.70
C ASP C 364 -25.99 18.83 0.41
N GLU C 365 -27.13 18.79 -0.28
CA GLU C 365 -27.23 18.01 -1.50
C GLU C 365 -26.29 18.52 -2.59
N ARG C 366 -26.06 19.83 -2.63
CA ARG C 366 -25.14 20.39 -3.61
C ARG C 366 -23.71 19.90 -3.39
N GLU C 367 -23.28 19.81 -2.13
CA GLU C 367 -21.94 19.31 -1.84
C GLU C 367 -21.80 17.85 -2.23
N VAL C 368 -22.83 17.04 -1.97
CA VAL C 368 -22.77 15.61 -2.29
C VAL C 368 -22.75 15.40 -3.80
N VAL C 369 -23.59 16.12 -4.54
CA VAL C 369 -23.59 15.94 -5.99
C VAL C 369 -22.30 16.49 -6.60
N ARG C 370 -21.72 17.56 -6.02
CA ARG C 370 -20.43 18.04 -6.49
C ARG C 370 -19.32 17.02 -6.24
N MET C 371 -19.34 16.38 -5.07
CA MET C 371 -18.36 15.35 -4.78
C MET C 371 -18.51 14.16 -5.72
N LEU C 372 -19.75 13.76 -6.02
CA LEU C 372 -19.97 12.66 -6.95
C LEU C 372 -19.52 13.02 -8.35
N LEU C 373 -19.78 14.25 -8.80
CA LEU C 373 -19.32 14.67 -10.13
C LEU C 373 -17.79 14.72 -10.19
N GLN C 374 -17.15 15.19 -9.12
CA GLN C 374 -15.69 15.25 -9.09
C GLN C 374 -15.07 13.87 -9.09
N VAL C 375 -15.66 12.91 -8.37
CA VAL C 375 -15.09 11.57 -8.38
C VAL C 375 -15.41 10.85 -9.68
N LEU C 376 -16.49 11.23 -10.36
CA LEU C 376 -16.73 10.71 -11.71
C LEU C 376 -15.71 11.26 -12.70
N GLN C 377 -15.32 12.53 -12.52
CA GLN C 377 -14.34 13.14 -13.42
C GLN C 377 -12.97 12.49 -13.28
N ALA C 378 -12.59 12.11 -12.06
CA ALA C 378 -11.28 11.54 -11.79
C ALA C 378 -11.22 10.03 -11.95
N LEU C 379 -12.31 9.40 -12.36
CA LEU C 379 -12.35 7.94 -12.48
C LEU C 379 -11.51 7.51 -13.68
N PRO C 380 -10.66 6.49 -13.54
CA PRO C 380 -9.75 6.12 -14.63
C PRO C 380 -10.50 5.52 -15.82
N ALA C 381 -9.87 5.65 -16.99
CA ALA C 381 -10.47 5.12 -18.22
C ALA C 381 -10.59 3.61 -18.18
N GLN C 382 -9.55 2.92 -17.71
CA GLN C 382 -9.62 1.46 -17.60
C GLN C 382 -10.55 1.02 -16.49
N GLY C 383 -10.68 1.82 -15.44
CA GLY C 383 -11.59 1.52 -14.35
C GLY C 383 -10.86 1.37 -13.02
N GLU C 384 -11.67 1.28 -11.96
CA GLU C 384 -11.17 1.05 -10.62
C GLU C 384 -12.13 0.14 -9.88
N SER C 385 -11.61 -0.52 -8.85
CA SER C 385 -12.41 -1.49 -8.11
C SER C 385 -13.52 -0.80 -7.33
N PHE C 386 -14.63 -1.51 -7.18
CA PHE C 386 -15.84 -0.94 -6.58
C PHE C 386 -15.64 -0.65 -5.10
N THR C 387 -14.94 -1.54 -4.38
CA THR C 387 -14.74 -1.37 -2.94
C THR C 387 -13.83 -0.17 -2.66
N THR C 388 -12.79 0.02 -3.47
CA THR C 388 -11.91 1.18 -3.29
C THR C 388 -12.68 2.47 -3.51
N LEU C 389 -13.54 2.51 -4.53
CA LEU C 389 -14.36 3.69 -4.78
C LEU C 389 -15.31 3.95 -3.63
N ALA C 390 -15.92 2.89 -3.09
CA ALA C 390 -16.82 3.05 -1.94
C ALA C 390 -16.09 3.60 -0.73
N ARG C 391 -14.90 3.06 -0.43
CA ARG C 391 -14.11 3.55 0.70
C ARG C 391 -13.70 5.00 0.49
N GLU C 392 -13.30 5.36 -0.73
CA GLU C 392 -12.92 6.73 -1.02
C GLU C 392 -14.08 7.70 -0.84
N LEU C 393 -15.27 7.31 -1.32
CA LEU C 393 -16.45 8.17 -1.17
C LEU C 393 -16.81 8.34 0.30
N SER C 394 -16.78 7.26 1.07
CA SER C 394 -17.10 7.37 2.50
C SER C 394 -16.09 8.25 3.24
N ALA C 395 -14.80 8.08 2.95
CA ALA C 395 -13.77 8.89 3.59
C ALA C 395 -13.91 10.36 3.21
N ARG C 396 -14.21 10.65 1.94
CA ARG C 396 -14.39 12.04 1.52
C ARG C 396 -15.63 12.64 2.19
N THR C 397 -16.70 11.87 2.32
CA THR C 397 -17.89 12.37 3.01
C THR C 397 -17.59 12.70 4.47
N PHE C 398 -16.85 11.81 5.15
CA PHE C 398 -16.50 12.08 6.55
C PHE C 398 -15.61 13.32 6.68
N SER C 399 -14.62 13.45 5.80
CA SER C 399 -13.72 14.60 5.87
C SER C 399 -14.46 15.90 5.58
N ARG C 400 -15.34 15.89 4.57
CA ARG C 400 -16.11 17.09 4.25
C ARG C 400 -17.06 17.45 5.38
N HIS C 401 -17.66 16.45 6.04
CA HIS C 401 -18.51 16.74 7.19
C HIS C 401 -17.71 17.38 8.32
N VAL C 402 -16.50 16.86 8.58
CA VAL C 402 -15.65 17.42 9.63
C VAL C 402 -15.29 18.87 9.31
N VAL C 403 -14.97 19.15 8.04
CA VAL C 403 -14.57 20.52 7.67
C VAL C 403 -15.77 21.47 7.75
N GLN C 404 -16.91 21.06 7.19
CA GLN C 404 -18.05 21.97 7.06
C GLN C 404 -18.94 22.05 8.30
N ARG C 405 -18.71 21.21 9.31
CA ARG C 405 -19.41 21.41 10.59
C ARG C 405 -18.96 22.70 11.26
N GLN C 406 -17.69 23.07 11.10
CA GLN C 406 -17.12 24.20 11.82
C GLN C 406 -17.66 25.54 11.34
N ARG C 407 -18.29 25.60 10.18
CA ARG C 407 -18.93 26.84 9.76
C ARG C 407 -20.18 27.12 10.58
N VAL C 408 -21.03 26.11 10.77
CA VAL C 408 -22.29 26.31 11.48
C VAL C 408 -22.14 26.17 12.99
N SER C 409 -21.08 25.50 13.47
CA SER C 409 -20.89 25.40 14.91
C SER C 409 -20.39 26.71 15.49
N GLY C 410 -19.73 27.54 14.69
CA GLY C 410 -19.20 28.80 15.14
C GLY C 410 -17.73 28.80 15.49
N GLN C 411 -17.01 27.70 15.27
CA GLN C 411 -15.60 27.64 15.61
C GLN C 411 -14.73 28.44 14.66
N VAL C 412 -15.22 28.73 13.45
CA VAL C 412 -14.43 29.47 12.47
C VAL C 412 -14.16 30.89 12.95
N GLN C 413 -15.19 31.56 13.48
CA GLN C 413 -15.03 32.93 13.94
C GLN C 413 -14.10 33.00 15.16
N ALA C 414 -14.24 32.07 16.10
CA ALA C 414 -13.36 32.03 17.26
C ALA C 414 -11.92 31.76 16.85
N LEU C 415 -11.73 30.84 15.90
CA LEU C 415 -10.40 30.56 15.39
C LEU C 415 -9.81 31.78 14.70
N GLN C 416 -10.63 32.52 13.96
CA GLN C 416 -10.18 33.74 13.29
C GLN C 416 -9.72 34.78 14.31
N ASN C 417 -10.51 34.99 15.36
CA ASN C 417 -10.15 35.97 16.38
C ASN C 417 -8.87 35.57 17.12
N HIS C 418 -8.76 34.31 17.50
CA HIS C 418 -7.56 33.87 18.22
C HIS C 418 -6.33 33.86 17.32
N TYR C 419 -6.48 33.56 16.03
CA TYR C 419 -5.37 33.67 15.09
C TYR C 419 -4.92 35.10 14.92
N ARG C 420 -5.88 36.03 14.82
CA ARG C 420 -5.54 37.44 14.69
C ARG C 420 -4.84 37.96 15.94
N LYS C 421 -5.21 37.45 17.12
CA LYS C 421 -4.49 37.83 18.33
C LYS C 421 -3.11 37.18 18.41
N TYR C 422 -2.99 35.93 17.95
CA TYR C 422 -1.73 35.21 18.08
C TYR C 422 -0.67 35.70 17.10
N LEU C 423 -1.08 36.18 15.93
CA LEU C 423 -0.07 36.65 14.97
C LEU C 423 0.58 37.98 15.34
N CYS C 424 0.29 38.59 16.49
CA CYS C 424 1.11 39.72 16.94
C CYS C 424 2.51 39.27 17.36
N LEU C 425 2.68 37.99 17.69
CA LEU C 425 4.00 37.47 18.03
C LEU C 425 4.89 37.32 16.81
N LEU C 426 4.32 36.99 15.65
CA LEU C 426 5.09 36.75 14.44
C LEU C 426 5.16 37.95 13.50
N ALA C 427 4.38 39.00 13.76
CA ALA C 427 4.34 40.15 12.87
C ALA C 427 5.56 41.03 13.05
N SER C 428 5.93 41.73 11.98
CA SER C 428 7.11 42.60 12.02
C SER C 428 6.83 43.88 12.80
N ASP C 429 5.64 44.44 12.64
CA ASP C 429 5.29 45.71 13.26
C ASP C 429 4.52 45.57 14.56
N ALA C 430 4.38 44.35 15.07
CA ALA C 430 3.65 44.09 16.30
C ALA C 430 4.59 43.56 17.36
N GLU C 431 4.21 43.75 18.62
CA GLU C 431 5.02 43.34 19.76
C GLU C 431 4.14 42.67 20.79
N VAL C 432 4.77 41.86 21.65
CA VAL C 432 4.09 41.18 22.75
C VAL C 432 4.72 41.67 24.04
N PRO C 433 4.00 41.63 25.17
CA PRO C 433 4.60 42.07 26.45
C PRO C 433 5.84 41.28 26.85
N GLU C 434 5.86 39.97 26.61
CA GLU C 434 7.05 39.17 26.84
C GLU C 434 7.20 38.19 25.68
N PRO C 435 8.38 38.14 25.04
CA PRO C 435 8.59 37.15 23.98
C PRO C 435 8.60 35.74 24.53
N CYS C 436 8.04 34.82 23.76
CA CYS C 436 7.94 33.42 24.17
C CYS C 436 7.82 32.56 22.92
N LEU C 437 7.83 31.24 23.14
CA LEU C 437 7.70 30.30 22.05
C LEU C 437 6.28 30.34 21.49
N PRO C 438 6.11 30.03 20.19
CA PRO C 438 4.76 30.07 19.60
C PRO C 438 3.76 29.14 20.26
N ARG C 439 4.19 27.95 20.68
CA ARG C 439 3.28 27.02 21.33
C ARG C 439 2.85 27.54 22.70
N GLN C 440 3.77 28.17 23.43
CA GLN C 440 3.41 28.74 24.73
C GLN C 440 2.47 29.92 24.59
N TYR C 441 2.66 30.74 23.54
CA TYR C 441 1.75 31.85 23.29
C TYR C 441 0.36 31.34 22.88
N TRP C 442 0.31 30.27 22.07
CA TRP C 442 -0.98 29.71 21.70
C TRP C 442 -1.65 29.01 22.87
N GLU C 443 -0.86 28.45 23.80
CA GLU C 443 -1.44 27.81 24.97
C GLU C 443 -2.08 28.83 25.90
N ALA C 444 -1.51 30.02 25.99
CA ALA C 444 -2.15 31.14 26.66
C ALA C 444 -3.24 31.70 25.74
N LEU C 445 -3.84 32.81 26.15
CA LEU C 445 -4.89 33.55 25.43
C LEU C 445 -6.19 32.75 25.29
N GLY C 446 -6.26 31.54 25.85
CA GLY C 446 -7.46 30.73 25.75
C GLY C 446 -7.80 30.27 24.34
N ALA C 447 -6.80 29.91 23.56
CA ALA C 447 -7.04 29.51 22.18
C ALA C 447 -7.66 28.11 22.15
N PRO C 448 -8.57 27.85 21.21
CA PRO C 448 -9.19 26.53 21.13
C PRO C 448 -8.23 25.49 20.58
N GLU C 449 -8.55 24.23 20.86
CA GLU C 449 -7.75 23.11 20.41
C GLU C 449 -8.66 22.08 19.76
N ALA C 450 -8.17 21.45 18.69
CA ALA C 450 -8.95 20.44 18.01
C ALA C 450 -9.14 19.21 18.90
N LEU C 451 -10.33 18.63 18.84
CA LEU C 451 -10.67 17.42 19.57
C LEU C 451 -10.51 16.21 18.66
N ARG C 452 -10.21 15.07 19.27
CA ARG C 452 -10.02 13.83 18.50
C ARG C 452 -11.32 13.44 17.80
N GLU C 453 -11.18 13.00 16.55
CA GLU C 453 -12.32 12.56 15.77
C GLU C 453 -12.67 11.12 16.12
N GLN C 454 -13.97 10.84 16.21
CA GLN C 454 -14.43 9.49 16.46
C GLN C 454 -14.73 8.82 15.13
N PRO C 455 -13.98 7.80 14.71
CA PRO C 455 -14.22 7.19 13.41
C PRO C 455 -15.49 6.35 13.40
N TRP C 456 -16.09 6.25 12.23
CA TRP C 456 -17.28 5.44 12.05
C TRP C 456 -16.93 3.96 12.04
N PRO C 457 -17.90 3.09 12.33
CA PRO C 457 -17.68 1.66 12.14
C PRO C 457 -17.46 1.33 10.66
N LEU C 458 -16.67 0.29 10.41
CA LEU C 458 -16.42 -0.14 9.04
C LEU C 458 -17.68 -0.58 8.27
N PRO C 459 -18.64 -1.34 8.84
CA PRO C 459 -19.82 -1.71 8.03
C PRO C 459 -20.64 -0.53 7.53
N VAL C 460 -20.93 0.46 8.38
CA VAL C 460 -21.72 1.60 7.93
C VAL C 460 -20.93 2.44 6.92
N GLN C 461 -19.61 2.52 7.09
CA GLN C 461 -18.76 3.23 6.14
C GLN C 461 -18.82 2.59 4.77
N MET C 462 -18.67 1.26 4.72
CA MET C 462 -18.72 0.54 3.44
C MET C 462 -20.11 0.62 2.82
N GLU C 463 -21.16 0.54 3.65
CA GLU C 463 -22.52 0.60 3.13
C GLU C 463 -22.82 1.97 2.55
N LEU C 464 -22.36 3.04 3.20
CA LEU C 464 -22.54 4.38 2.66
C LEU C 464 -21.79 4.56 1.35
N GLY C 465 -20.57 4.05 1.28
CA GLY C 465 -19.82 4.12 0.03
C GLY C 465 -20.50 3.38 -1.11
N LYS C 466 -21.03 2.17 -0.82
CA LYS C 466 -21.72 1.41 -1.85
C LYS C 466 -23.02 2.08 -2.27
N LEU C 467 -23.73 2.70 -1.32
CA LEU C 467 -24.95 3.43 -1.66
C LEU C 467 -24.65 4.61 -2.58
N LEU C 468 -23.60 5.37 -2.27
CA LEU C 468 -23.23 6.50 -3.12
C LEU C 468 -22.78 6.03 -4.50
N ALA C 469 -22.02 4.93 -4.56
CA ALA C 469 -21.58 4.41 -5.85
C ALA C 469 -22.74 3.92 -6.70
N GLU C 470 -23.71 3.25 -6.07
CA GLU C 470 -24.90 2.82 -6.81
C GLU C 470 -25.73 4.01 -7.29
N MET C 471 -25.81 5.07 -6.47
CA MET C 471 -26.47 6.29 -6.91
C MET C 471 -25.79 6.86 -8.15
N LEU C 472 -24.46 6.91 -8.13
CA LEU C 472 -23.71 7.45 -9.26
C LEU C 472 -23.91 6.60 -10.51
N VAL C 473 -23.92 5.27 -10.36
CA VAL C 473 -24.06 4.40 -11.53
C VAL C 473 -25.47 4.51 -12.11
N GLN C 474 -26.50 4.50 -11.26
CA GLN C 474 -27.86 4.50 -11.77
C GLN C 474 -28.32 5.86 -12.27
N ALA C 475 -27.86 6.95 -11.65
CA ALA C 475 -28.43 8.26 -11.94
C ALA C 475 -27.83 8.94 -13.18
N THR C 476 -26.74 8.42 -13.73
CA THR C 476 -26.03 9.09 -14.82
C THR C 476 -26.29 8.36 -16.13
N GLN C 477 -26.78 9.10 -17.12
CA GLN C 477 -27.04 8.55 -18.45
C GLN C 477 -26.53 9.53 -19.50
N MET C 478 -26.25 9.01 -20.68
CA MET C 478 -25.78 9.80 -21.81
C MET C 478 -26.36 9.24 -23.10
N PRO C 479 -26.49 10.06 -24.14
CA PRO C 479 -26.93 9.55 -25.44
C PRO C 479 -25.96 8.51 -25.99
N CYS C 480 -26.52 7.48 -26.64
CA CYS C 480 -25.71 6.38 -27.14
C CYS C 480 -24.78 6.83 -28.26
N SER C 481 -25.28 7.66 -29.17
CA SER C 481 -24.50 8.13 -30.32
C SER C 481 -24.04 9.55 -30.06
N LEU C 482 -22.73 9.78 -30.16
CA LEU C 482 -22.19 11.12 -30.00
C LEU C 482 -22.49 12.02 -31.20
N ASP C 483 -22.86 11.44 -32.33
CA ASP C 483 -23.12 12.21 -33.53
C ASP C 483 -24.39 13.04 -33.38
N LYS C 484 -24.48 14.10 -34.21
CA LYS C 484 -25.65 14.95 -34.22
C LYS C 484 -26.97 14.23 -34.50
N PRO C 485 -27.04 13.20 -35.41
CA PRO C 485 -28.28 12.40 -35.50
C PRO C 485 -28.75 11.83 -34.17
N HIS C 486 -29.96 12.22 -33.78
CA HIS C 486 -30.57 11.79 -32.52
C HIS C 486 -31.64 10.73 -32.74
N ARG C 487 -31.39 9.80 -33.65
CA ARG C 487 -32.38 8.78 -34.00
C ARG C 487 -32.64 7.85 -32.82
N SER C 488 -33.92 7.52 -32.62
CA SER C 488 -34.43 6.53 -31.67
C SER C 488 -34.32 6.97 -30.21
N SER C 489 -33.66 8.11 -29.97
CA SER C 489 -33.56 8.72 -28.64
C SER C 489 -32.99 7.75 -27.60
N ARG C 490 -31.98 6.99 -28.00
CA ARG C 490 -31.39 5.98 -27.11
C ARG C 490 -30.53 6.64 -26.05
N LEU C 491 -30.79 6.30 -24.79
CA LEU C 491 -29.99 6.76 -23.66
C LEU C 491 -29.41 5.55 -22.94
N VAL C 492 -28.09 5.55 -22.76
CA VAL C 492 -27.40 4.43 -22.12
C VAL C 492 -26.65 4.93 -20.89
N PRO C 493 -26.42 4.09 -19.89
CA PRO C 493 -25.61 4.51 -18.74
C PRO C 493 -24.16 4.75 -19.13
N VAL C 494 -23.50 5.57 -18.31
CA VAL C 494 -22.10 5.89 -18.53
C VAL C 494 -21.18 4.88 -17.85
N LEU C 495 -21.52 4.45 -16.64
CA LEU C 495 -20.70 3.53 -15.86
C LEU C 495 -21.35 2.16 -15.79
N TYR C 496 -20.55 1.12 -15.98
CA TYR C 496 -21.02 -0.26 -15.95
C TYR C 496 -20.16 -1.07 -14.99
N HIS C 497 -20.72 -2.19 -14.52
CA HIS C 497 -19.98 -3.14 -13.70
C HIS C 497 -19.36 -4.21 -14.58
N VAL C 498 -18.05 -4.39 -14.45
CA VAL C 498 -17.30 -5.39 -15.22
C VAL C 498 -16.56 -6.29 -14.24
N TYR C 499 -16.77 -7.59 -14.36
CA TYR C 499 -16.12 -8.57 -13.50
C TYR C 499 -14.80 -8.98 -14.16
N SER C 500 -13.69 -8.38 -13.71
CA SER C 500 -12.41 -8.51 -14.39
C SER C 500 -11.38 -9.13 -13.44
N PHE C 501 -10.13 -9.18 -13.91
CA PHE C 501 -9.03 -9.81 -13.19
C PHE C 501 -8.09 -8.72 -12.68
N ARG C 502 -7.83 -8.72 -11.38
CA ARG C 502 -6.87 -7.81 -10.77
C ARG C 502 -6.00 -8.61 -9.82
N ASN C 503 -4.67 -8.39 -9.91
CA ASN C 503 -3.67 -9.17 -9.19
C ASN C 503 -3.84 -10.63 -9.59
N VAL C 504 -4.06 -11.55 -8.65
CA VAL C 504 -4.29 -12.95 -8.98
C VAL C 504 -5.71 -13.26 -8.48
N GLN C 505 -6.57 -12.25 -8.52
CA GLN C 505 -7.93 -12.36 -8.00
C GLN C 505 -8.93 -11.84 -9.03
N GLN C 506 -10.20 -12.16 -8.78
CA GLN C 506 -11.33 -11.66 -9.57
C GLN C 506 -11.99 -10.51 -8.80
N ILE C 507 -12.09 -9.36 -9.44
CA ILE C 507 -12.63 -8.16 -8.80
C ILE C 507 -13.67 -7.54 -9.72
N GLY C 508 -14.79 -7.12 -9.15
CA GLY C 508 -15.76 -6.31 -9.86
C GLY C 508 -15.38 -4.85 -9.86
N ILE C 509 -15.16 -4.28 -11.05
CA ILE C 509 -14.74 -2.91 -11.19
C ILE C 509 -15.83 -2.11 -11.92
N LEU C 510 -15.70 -0.79 -11.89
CA LEU C 510 -16.59 0.11 -12.60
C LEU C 510 -15.85 0.68 -13.80
N LYS C 511 -16.49 0.59 -14.98
CA LYS C 511 -15.85 0.97 -16.23
C LYS C 511 -16.70 2.02 -16.94
N PRO C 512 -16.09 3.09 -17.45
CA PRO C 512 -16.83 4.08 -18.22
C PRO C 512 -17.16 3.59 -19.63
N HIS C 513 -18.10 4.28 -20.25
CA HIS C 513 -18.39 4.05 -21.65
C HIS C 513 -17.23 4.59 -22.50
N PRO C 514 -16.79 3.86 -23.52
CA PRO C 514 -15.70 4.36 -24.39
C PRO C 514 -16.03 5.67 -25.09
N ALA C 515 -17.30 5.94 -25.38
CA ALA C 515 -17.68 7.23 -25.95
C ALA C 515 -17.39 8.37 -24.99
N TYR C 516 -17.67 8.15 -23.69
CA TYR C 516 -17.36 9.16 -22.68
C TYR C 516 -15.85 9.39 -22.59
N VAL C 517 -15.06 8.32 -22.66
CA VAL C 517 -13.61 8.44 -22.60
C VAL C 517 -13.10 9.22 -23.82
N GLN C 518 -13.65 8.92 -25.00
CA GLN C 518 -13.25 9.64 -26.21
C GLN C 518 -13.64 11.12 -26.12
N LEU C 519 -14.81 11.41 -25.54
CA LEU C 519 -15.23 12.80 -25.40
C LEU C 519 -14.34 13.55 -24.42
N LEU C 520 -13.94 12.90 -23.32
CA LEU C 520 -13.03 13.54 -22.37
C LEU C 520 -11.65 13.76 -22.99
N GLU C 521 -11.17 12.79 -23.78
CA GLU C 521 -9.87 12.94 -24.42
C GLU C 521 -9.89 14.04 -25.48
N LYS C 522 -10.99 14.14 -26.24
CA LYS C 522 -11.08 15.14 -27.30
C LYS C 522 -11.08 16.56 -26.72
N ALA C 523 -11.83 16.79 -25.65
CA ALA C 523 -11.87 18.09 -24.99
C ALA C 523 -10.80 18.10 -23.90
N ALA C 524 -9.61 18.55 -24.28
CA ALA C 524 -8.46 18.55 -23.37
C ALA C 524 -8.66 19.61 -22.30
N GLU C 525 -8.96 19.18 -21.09
CA GLU C 525 -9.11 20.11 -19.97
C GLU C 525 -7.75 20.61 -19.53
N PRO C 526 -7.51 21.91 -19.51
CA PRO C 526 -6.18 22.42 -19.13
C PRO C 526 -6.00 22.61 -17.63
N THR C 527 -6.88 22.00 -16.83
CA THR C 527 -6.92 22.22 -15.39
C THR C 527 -6.64 20.93 -14.65
N LEU C 528 -5.68 20.97 -13.73
CA LEU C 528 -5.38 19.88 -12.82
C LEU C 528 -6.06 20.13 -11.48
N THR C 529 -6.21 19.06 -10.71
CA THR C 529 -6.92 19.08 -9.43
C THR C 529 -5.99 18.66 -8.30
N PHE C 530 -6.17 19.28 -7.14
CA PHE C 530 -5.39 18.94 -5.96
C PHE C 530 -6.29 18.99 -4.73
N GLU C 531 -5.91 18.25 -3.70
CA GLU C 531 -6.59 18.32 -2.41
C GLU C 531 -6.02 19.48 -1.60
N ALA C 532 -6.87 20.02 -0.72
CA ALA C 532 -6.46 21.17 0.08
C ALA C 532 -5.38 20.82 1.09
N VAL C 533 -5.29 19.55 1.50
CA VAL C 533 -4.24 19.11 2.42
C VAL C 533 -2.95 18.76 1.69
N ASP C 534 -2.98 18.64 0.36
CA ASP C 534 -1.80 18.32 -0.42
C ASP C 534 -1.10 19.54 -0.98
N VAL C 535 -1.55 20.74 -0.63
CA VAL C 535 -0.91 21.98 -1.10
C VAL C 535 -0.32 22.72 0.09
N PRO C 536 0.78 23.46 -0.09
CA PRO C 536 1.33 24.24 1.01
C PRO C 536 0.35 25.28 1.53
N MET C 537 0.42 25.54 2.83
CA MET C 537 -0.47 26.48 3.47
C MET C 537 -0.14 27.91 3.04
N LEU C 538 -1.18 28.73 2.93
CA LEU C 538 -1.03 30.13 2.53
C LEU C 538 -0.93 31.07 3.71
N CYS C 539 -0.97 30.55 4.92
CA CYS C 539 -0.83 31.29 6.16
C CYS C 539 0.10 30.50 7.07
N PRO C 540 0.70 31.15 8.07
CA PRO C 540 1.53 30.42 9.03
C PRO C 540 0.75 29.31 9.74
N PRO C 541 1.35 28.14 9.88
CA PRO C 541 0.63 27.00 10.46
C PRO C 541 0.34 27.20 11.94
N LEU C 542 -0.61 26.41 12.43
CA LEU C 542 -0.93 26.42 13.85
C LEU C 542 0.22 25.81 14.64
N PRO C 543 0.47 26.32 15.85
CA PRO C 543 1.46 25.67 16.73
C PRO C 543 1.03 24.25 17.07
N TRP C 544 2.01 23.36 17.17
CA TRP C 544 1.74 22.00 17.57
C TRP C 544 1.58 21.95 19.08
N THR C 545 0.39 21.51 19.54
CA THR C 545 0.07 21.48 20.96
C THR C 545 -0.31 20.10 21.47
N SER C 546 -0.73 19.20 20.60
CA SER C 546 -1.08 17.84 20.97
C SER C 546 -0.82 16.95 19.78
N PRO C 547 -0.82 15.63 19.96
CA PRO C 547 -0.69 14.74 18.79
C PRO C 547 -1.84 14.85 17.80
N HIS C 548 -3.00 15.36 18.21
CA HIS C 548 -4.16 15.44 17.35
C HIS C 548 -4.58 16.87 16.99
N SER C 549 -3.80 17.89 17.37
CA SER C 549 -4.13 19.27 17.07
C SER C 549 -2.89 19.99 16.57
N GLY C 550 -2.94 20.47 15.33
CA GLY C 550 -1.84 21.23 14.78
C GLY C 550 -1.94 21.30 13.27
N ALA C 551 -0.96 21.99 12.69
CA ALA C 551 -0.76 22.09 11.23
C ALA C 551 -2.00 22.69 10.59
N PHE C 552 -2.68 22.00 9.66
CA PHE C 552 -3.70 22.58 8.81
C PHE C 552 -4.89 23.12 9.61
N LEU C 553 -5.46 24.21 9.10
CA LEU C 553 -6.72 24.74 9.61
C LEU C 553 -7.86 23.77 9.32
N LEU C 554 -8.80 23.69 10.27
CA LEU C 554 -10.14 23.13 10.05
C LEU C 554 -10.10 21.72 9.44
N SER C 555 -9.16 20.91 9.91
CA SER C 555 -8.93 19.62 9.27
C SER C 555 -8.33 18.64 10.27
N PRO C 556 -8.70 17.36 10.22
CA PRO C 556 -8.06 16.38 11.09
C PRO C 556 -6.59 16.22 10.75
N THR C 557 -5.76 16.15 11.79
CA THR C 557 -4.32 16.09 11.63
C THR C 557 -3.76 15.01 12.55
N LYS C 558 -2.77 14.29 12.06
CA LYS C 558 -2.13 13.23 12.84
C LYS C 558 -0.64 13.56 12.98
N LEU C 559 -0.14 13.46 14.21
CA LEU C 559 1.26 13.75 14.48
C LEU C 559 2.17 12.74 13.81
N MET C 560 1.73 11.49 13.70
CA MET C 560 2.56 10.40 13.20
C MET C 560 1.96 9.83 11.92
N ARG C 561 2.82 9.59 10.93
CA ARG C 561 2.38 9.14 9.62
C ARG C 561 2.27 7.62 9.51
N THR C 562 2.50 6.89 10.60
CA THR C 562 2.54 5.43 10.54
C THR C 562 1.15 4.88 10.28
N VAL C 563 0.93 4.39 9.05
CA VAL C 563 -0.33 3.72 8.74
C VAL C 563 -0.42 2.40 9.49
N GLU C 564 0.67 1.63 9.50
CA GLU C 564 0.73 0.42 10.30
C GLU C 564 0.73 0.77 11.78
N GLY C 565 0.06 -0.07 12.57
CA GLY C 565 -0.15 0.24 13.97
C GLY C 565 -1.25 1.27 14.13
N ALA C 566 -0.86 2.51 14.44
CA ALA C 566 -1.71 3.70 14.56
C ALA C 566 -2.65 3.65 15.76
N THR C 567 -2.70 2.54 16.50
CA THR C 567 -3.42 2.46 17.76
C THR C 567 -2.52 2.20 18.95
N GLN C 568 -1.29 1.72 18.73
CA GLN C 568 -0.27 1.64 19.76
C GLN C 568 0.70 2.81 19.72
N HIS C 569 0.96 3.35 18.53
CA HIS C 569 1.73 4.58 18.44
C HIS C 569 1.01 5.74 19.11
N GLN C 570 -0.29 5.87 18.85
CA GLN C 570 -1.08 6.98 19.40
C GLN C 570 -1.51 6.72 20.84
N GLU C 571 -1.19 5.57 21.40
CA GLU C 571 -1.47 5.31 22.82
C GLU C 571 -0.28 5.62 23.71
N LEU C 572 0.94 5.43 23.22
CA LEU C 572 2.12 5.78 24.00
C LEU C 572 2.40 7.28 24.00
N LEU C 573 2.02 7.98 22.93
CA LEU C 573 2.18 9.43 22.87
C LEU C 573 1.04 10.18 23.54
N GLU C 574 0.04 9.48 24.06
CA GLU C 574 -1.06 10.11 24.80
C GLU C 574 -1.19 9.56 26.21
N THR C 575 -0.25 8.74 26.66
CA THR C 575 -0.19 8.25 28.03
C THR C 575 0.91 8.91 28.85
N CYS C 576 2.08 9.11 28.24
CA CYS C 576 3.23 9.82 28.80
C CYS C 576 2.84 11.21 29.28
N PRO C 577 3.58 11.79 30.22
CA PRO C 577 3.29 13.17 30.66
C PRO C 577 3.42 14.14 29.51
N PRO C 578 2.58 15.19 29.48
CA PRO C 578 2.57 16.09 28.31
C PRO C 578 3.86 16.85 28.10
N THR C 579 4.70 17.01 29.12
CA THR C 579 5.94 17.76 28.96
C THR C 579 6.93 17.03 28.07
N ALA C 580 6.92 15.70 28.10
CA ALA C 580 7.94 14.91 27.39
C ALA C 580 7.88 15.12 25.89
N LEU C 581 6.69 15.42 25.34
CA LEU C 581 6.56 15.67 23.91
C LEU C 581 6.90 17.11 23.53
N HIS C 582 7.06 18.01 24.51
CA HIS C 582 7.15 19.44 24.23
C HIS C 582 8.32 19.76 23.30
N GLY C 583 9.51 19.24 23.62
CA GLY C 583 10.67 19.48 22.78
C GLY C 583 10.51 18.97 21.37
N ALA C 584 9.71 17.92 21.19
CA ALA C 584 9.37 17.50 19.83
C ALA C 584 8.43 18.50 19.18
N LEU C 585 7.35 18.87 19.89
CA LEU C 585 6.29 19.67 19.28
C LEU C 585 6.80 21.03 18.86
N ASP C 586 7.59 21.68 19.71
CA ASP C 586 8.22 22.95 19.36
C ASP C 586 9.10 22.78 18.14
N ALA C 587 9.87 21.69 18.10
CA ALA C 587 10.70 21.43 16.93
C ALA C 587 9.87 21.22 15.68
N LEU C 588 8.66 20.67 15.83
CA LEU C 588 7.77 20.57 14.69
C LEU C 588 7.11 21.90 14.37
N THR C 589 6.91 22.76 15.38
CA THR C 589 6.35 24.08 15.11
C THR C 589 7.38 24.98 14.44
N GLN C 590 8.63 24.92 14.92
CA GLN C 590 9.70 25.76 14.36
C GLN C 590 9.96 25.44 12.89
N LEU C 591 9.94 24.15 12.53
CA LEU C 591 10.05 23.77 11.13
C LEU C 591 8.84 24.20 10.32
N GLY C 592 7.68 24.38 10.96
CA GLY C 592 6.50 24.81 10.23
C GLY C 592 6.44 26.31 10.00
N ASN C 593 7.08 27.09 10.85
CA ASN C 593 7.05 28.55 10.76
C ASN C 593 8.11 29.11 9.82
N CYS C 594 8.65 28.30 8.91
CA CYS C 594 9.64 28.75 7.96
C CYS C 594 8.92 29.22 6.69
N ALA C 595 9.02 30.52 6.40
CA ALA C 595 8.38 31.08 5.23
C ALA C 595 9.17 30.74 3.97
N TRP C 596 8.47 30.26 2.96
CA TRP C 596 9.09 29.80 1.71
C TRP C 596 8.62 30.67 0.55
N ARG C 597 9.37 30.62 -0.53
CA ARG C 597 8.99 31.29 -1.77
C ARG C 597 9.64 30.57 -2.94
N VAL C 598 9.11 30.84 -4.14
CA VAL C 598 9.51 30.14 -5.36
C VAL C 598 10.47 31.03 -6.14
N ASN C 599 11.65 30.48 -6.48
CA ASN C 599 12.61 31.17 -7.32
C ASN C 599 12.12 31.12 -8.76
N GLY C 600 11.64 32.25 -9.27
CA GLY C 600 11.05 32.27 -10.61
C GLY C 600 12.06 32.20 -11.74
N ARG C 601 13.30 32.63 -11.51
CA ARG C 601 14.31 32.57 -12.56
C ARG C 601 14.63 31.13 -12.94
N VAL C 602 14.73 30.25 -11.95
CA VAL C 602 14.93 28.82 -12.22
C VAL C 602 13.66 28.24 -12.84
N LEU C 603 12.49 28.70 -12.39
CA LEU C 603 11.22 28.17 -12.88
C LEU C 603 11.02 28.46 -14.36
N ASP C 604 11.45 29.64 -14.82
CA ASP C 604 11.34 29.97 -16.24
C ASP C 604 12.14 29.00 -17.10
N LEU C 605 13.37 28.70 -16.69
CA LEU C 605 14.21 27.76 -17.44
C LEU C 605 13.62 26.34 -17.38
N VAL C 606 13.12 25.93 -16.21
CA VAL C 606 12.57 24.59 -16.08
C VAL C 606 11.33 24.42 -16.95
N LEU C 607 10.46 25.43 -16.98
CA LEU C 607 9.27 25.34 -17.82
C LEU C 607 9.62 25.50 -19.30
N GLN C 608 10.70 26.22 -19.60
CA GLN C 608 11.15 26.31 -20.99
C GLN C 608 11.64 24.95 -21.50
N LEU C 609 12.36 24.21 -20.67
CA LEU C 609 12.78 22.87 -21.06
C LEU C 609 11.63 21.87 -21.02
N PHE C 610 10.64 22.10 -20.14
CA PHE C 610 9.54 21.17 -19.99
C PHE C 610 8.57 21.27 -21.16
N GLN C 611 8.28 22.48 -21.63
CA GLN C 611 7.34 22.69 -22.72
C GLN C 611 8.04 22.63 -24.08
N ALA C 612 8.84 21.58 -24.27
CA ALA C 612 9.63 21.34 -25.46
C ALA C 612 10.14 19.91 -25.38
N LYS C 613 11.08 19.56 -26.25
CA LYS C 613 11.81 18.31 -26.11
C LYS C 613 12.66 18.38 -24.85
N GLY C 614 12.29 17.61 -23.83
CA GLY C 614 12.92 17.73 -22.53
C GLY C 614 14.35 17.23 -22.50
N CYS C 615 15.05 17.60 -21.43
CA CYS C 615 16.44 17.24 -21.22
C CYS C 615 16.53 16.23 -20.08
N PRO C 616 16.53 14.93 -20.38
CA PRO C 616 16.48 13.94 -19.29
C PRO C 616 17.74 13.86 -18.44
N GLN C 617 18.89 14.31 -18.95
CA GLN C 617 20.10 14.27 -18.16
C GLN C 617 20.14 15.36 -17.08
N LEU C 618 19.36 16.43 -17.24
CA LEU C 618 19.27 17.48 -16.24
C LEU C 618 18.12 17.26 -15.26
N GLY C 619 17.33 16.21 -15.44
CA GLY C 619 16.27 15.88 -14.51
C GLY C 619 14.87 16.31 -14.91
N VAL C 620 14.68 16.81 -16.12
CA VAL C 620 13.36 17.17 -16.63
C VAL C 620 12.95 16.14 -17.67
N PRO C 621 11.77 15.52 -17.53
CA PRO C 621 11.37 14.47 -18.47
C PRO C 621 11.04 15.02 -19.85
N ALA C 622 10.94 14.09 -20.81
CA ALA C 622 10.66 14.31 -22.22
C ALA C 622 9.22 13.93 -22.54
N PRO C 623 8.59 14.60 -23.50
CA PRO C 623 7.22 14.24 -23.90
C PRO C 623 7.18 12.89 -24.58
N PRO C 624 6.01 12.23 -24.60
CA PRO C 624 5.93 10.90 -25.22
C PRO C 624 6.20 10.86 -26.71
N SER C 625 6.22 12.01 -27.40
CA SER C 625 6.48 12.03 -28.83
C SER C 625 7.90 11.59 -29.17
N GLU C 626 8.81 11.58 -28.21
CA GLU C 626 10.19 11.14 -28.42
C GLU C 626 10.45 9.78 -27.80
N ALA C 627 9.42 8.95 -27.69
CA ALA C 627 9.59 7.58 -27.24
C ALA C 627 10.38 6.77 -28.27
N PRO C 628 11.18 5.81 -27.83
CA PRO C 628 11.98 5.00 -28.78
C PRO C 628 11.08 4.12 -29.64
N GLN C 629 11.05 4.42 -30.94
CA GLN C 629 10.27 3.63 -31.88
C GLN C 629 10.93 2.28 -32.14
N PRO C 630 10.15 1.27 -32.54
CA PRO C 630 10.76 0.01 -32.93
C PRO C 630 11.66 0.18 -34.13
N PRO C 631 12.76 -0.59 -34.21
CA PRO C 631 13.67 -0.46 -35.35
C PRO C 631 13.01 -0.82 -36.68
N GLU C 632 12.11 -1.79 -36.70
CA GLU C 632 11.46 -2.23 -37.93
C GLU C 632 10.16 -2.93 -37.58
N ALA C 633 9.44 -3.36 -38.60
CA ALA C 633 8.18 -4.07 -38.44
C ALA C 633 8.37 -5.56 -38.71
N HIS C 634 7.32 -6.33 -38.42
CA HIS C 634 7.37 -7.77 -38.62
C HIS C 634 7.21 -8.11 -40.10
N LEU C 635 7.42 -9.38 -40.42
CA LEU C 635 7.33 -9.91 -41.76
C LEU C 635 6.47 -11.17 -41.76
N PRO C 636 5.89 -11.52 -42.92
CA PRO C 636 5.05 -12.72 -42.98
C PRO C 636 5.85 -14.01 -42.79
N HIS C 637 6.95 -14.14 -43.52
CA HIS C 637 7.82 -15.30 -43.44
C HIS C 637 9.14 -14.91 -42.80
N SER C 638 9.54 -15.65 -41.77
CA SER C 638 10.79 -15.36 -41.07
C SER C 638 11.98 -15.84 -41.90
N ALA C 639 12.94 -14.94 -42.10
CA ALA C 639 14.15 -15.30 -42.85
C ALA C 639 15.04 -16.22 -42.03
N ALA C 640 15.08 -16.04 -40.71
CA ALA C 640 15.91 -16.81 -39.82
C ALA C 640 15.09 -17.31 -38.65
N PRO C 641 15.49 -18.43 -38.02
CA PRO C 641 14.80 -18.87 -36.80
C PRO C 641 14.87 -17.87 -35.66
N ALA C 642 15.94 -17.07 -35.60
CA ALA C 642 16.03 -16.02 -34.59
C ALA C 642 15.01 -14.91 -34.85
N ARG C 643 14.62 -14.70 -36.11
CA ARG C 643 13.63 -13.70 -36.43
C ARG C 643 12.24 -14.15 -35.98
N LYS C 644 11.32 -13.19 -35.92
CA LYS C 644 9.92 -13.31 -35.51
C LYS C 644 9.77 -13.70 -34.03
N ALA C 645 10.85 -13.80 -33.28
CA ALA C 645 10.81 -14.04 -31.85
C ALA C 645 11.42 -12.93 -31.03
N GLU C 646 12.45 -12.26 -31.54
CA GLU C 646 13.05 -11.12 -30.86
C GLU C 646 12.27 -9.84 -31.05
N LEU C 647 11.30 -9.81 -31.96
CA LEU C 647 10.47 -8.62 -32.15
C LEU C 647 9.67 -8.31 -30.90
N ARG C 648 9.08 -9.33 -30.28
CA ARG C 648 8.37 -9.13 -29.01
C ARG C 648 9.32 -8.68 -27.91
N ARG C 649 10.53 -9.25 -27.87
CA ARG C 649 11.50 -8.91 -26.84
C ARG C 649 11.94 -7.45 -26.95
N GLU C 650 12.17 -6.96 -28.17
CA GLU C 650 12.60 -5.59 -28.37
C GLU C 650 11.44 -4.62 -28.61
N LEU C 651 10.20 -5.10 -28.51
CA LEU C 651 9.04 -4.21 -28.54
C LEU C 651 8.38 -4.03 -27.18
N ALA C 652 8.30 -5.08 -26.36
CA ALA C 652 7.81 -4.92 -25.00
C ALA C 652 8.75 -4.05 -24.17
N HIS C 653 10.05 -4.09 -24.45
CA HIS C 653 10.99 -3.19 -23.81
C HIS C 653 10.68 -1.73 -24.16
N CYS C 654 10.38 -1.46 -25.44
CA CYS C 654 10.02 -0.11 -25.84
C CYS C 654 8.71 0.34 -25.18
N GLN C 655 7.74 -0.57 -25.07
CA GLN C 655 6.49 -0.22 -24.39
C GLN C 655 6.72 0.08 -22.92
N LYS C 656 7.58 -0.70 -22.26
CA LYS C 656 7.90 -0.44 -20.85
C LYS C 656 8.62 0.89 -20.69
N VAL C 657 9.54 1.22 -21.60
CA VAL C 657 10.23 2.50 -21.56
C VAL C 657 9.24 3.64 -21.74
N ALA C 658 8.29 3.49 -22.67
CA ALA C 658 7.27 4.52 -22.87
C ALA C 658 6.41 4.71 -21.64
N ARG C 659 6.04 3.60 -20.97
CA ARG C 659 5.24 3.70 -19.75
C ARG C 659 6.00 4.43 -18.64
N GLU C 660 7.30 4.10 -18.48
CA GLU C 660 8.11 4.77 -17.48
C GLU C 660 8.25 6.26 -17.78
N MET C 661 8.43 6.61 -19.06
CA MET C 661 8.52 8.01 -19.45
C MET C 661 7.21 8.74 -19.17
N HIS C 662 6.07 8.08 -19.42
CA HIS C 662 4.78 8.68 -19.13
C HIS C 662 4.61 8.94 -17.64
N SER C 663 5.02 7.99 -16.79
CA SER C 663 4.92 8.20 -15.35
C SER C 663 5.81 9.35 -14.88
N LEU C 664 7.04 9.42 -15.41
CA LEU C 664 7.95 10.49 -15.03
C LEU C 664 7.42 11.85 -15.46
N ARG C 665 6.86 11.94 -16.67
CA ARG C 665 6.29 13.21 -17.11
C ARG C 665 5.05 13.58 -16.31
N ALA C 666 4.26 12.60 -15.88
CA ALA C 666 3.10 12.90 -15.06
C ALA C 666 3.50 13.50 -13.71
N GLU C 667 4.48 12.88 -13.04
CA GLU C 667 4.89 13.42 -11.75
C GLU C 667 5.57 14.78 -11.89
N ALA C 668 6.36 14.96 -12.95
CA ALA C 668 6.98 16.27 -13.19
C ALA C 668 5.93 17.33 -13.49
N LEU C 669 4.89 16.97 -14.25
CA LEU C 669 3.82 17.92 -14.56
C LEU C 669 3.08 18.33 -13.30
N TYR C 670 2.78 17.39 -12.41
CA TYR C 670 2.11 17.73 -11.16
C TYR C 670 2.96 18.67 -10.32
N ARG C 671 4.26 18.35 -10.19
CA ARG C 671 5.15 19.17 -9.39
C ARG C 671 5.28 20.58 -9.95
N LEU C 672 5.46 20.71 -11.26
CA LEU C 672 5.63 22.03 -11.86
C LEU C 672 4.34 22.83 -11.87
N SER C 673 3.18 22.16 -11.99
CA SER C 673 1.92 22.88 -11.89
C SER C 673 1.72 23.44 -10.49
N LEU C 674 2.01 22.64 -9.46
CA LEU C 674 1.92 23.17 -8.10
C LEU C 674 2.94 24.26 -7.84
N ALA C 675 4.12 24.17 -8.46
CA ALA C 675 5.13 25.22 -8.29
C ALA C 675 4.72 26.52 -8.98
N GLN C 676 4.08 26.41 -10.15
CA GLN C 676 3.62 27.61 -10.86
C GLN C 676 2.41 28.23 -10.19
N HIS C 677 1.62 27.44 -9.44
CA HIS C 677 0.52 28.02 -8.68
C HIS C 677 1.01 29.01 -7.64
N LEU C 678 2.12 28.69 -6.98
CA LEU C 678 2.64 29.47 -5.85
C LEU C 678 3.79 30.39 -6.26
N ARG C 679 3.75 30.95 -7.48
CA ARG C 679 4.87 31.72 -7.97
C ARG C 679 5.01 33.06 -7.26
N ASP C 680 3.90 33.76 -7.05
CA ASP C 680 3.91 35.09 -6.45
C ASP C 680 3.38 35.10 -5.03
N ARG C 681 3.47 33.97 -4.32
CA ARG C 681 2.90 33.84 -2.99
C ARG C 681 3.95 33.31 -2.02
N VAL C 682 3.74 33.59 -0.74
CA VAL C 682 4.56 33.05 0.34
C VAL C 682 3.78 31.91 1.00
N PHE C 683 4.44 30.77 1.18
CA PHE C 683 3.76 29.57 1.67
C PHE C 683 4.60 28.91 2.76
N TRP C 684 3.93 28.07 3.55
CA TRP C 684 4.52 27.38 4.68
C TRP C 684 4.30 25.88 4.56
N LEU C 685 5.28 25.10 5.01
CA LEU C 685 5.23 23.65 4.94
C LEU C 685 5.09 23.05 6.34
N PRO C 686 3.90 22.64 6.76
CA PRO C 686 3.77 21.94 8.05
C PRO C 686 4.47 20.60 8.04
N HIS C 687 4.93 20.17 9.22
CA HIS C 687 5.78 18.99 9.35
C HIS C 687 5.15 17.98 10.31
N ASN C 688 5.32 16.70 10.00
CA ASN C 688 4.99 15.57 10.86
C ASN C 688 6.24 14.72 11.08
N MET C 689 6.07 13.64 11.84
CA MET C 689 7.17 12.72 12.10
C MET C 689 6.67 11.29 12.02
N ASP C 690 7.59 10.35 11.82
CA ASP C 690 7.26 8.93 11.83
C ASP C 690 7.43 8.38 13.25
N PHE C 691 7.40 7.05 13.40
CA PHE C 691 7.54 6.46 14.73
C PHE C 691 8.97 6.53 15.22
N ARG C 692 9.95 6.53 14.31
CA ARG C 692 11.34 6.62 14.74
C ARG C 692 11.69 8.03 15.22
N GLY C 693 11.01 9.04 14.69
CA GLY C 693 11.31 10.43 14.99
C GLY C 693 11.76 11.25 13.80
N ARG C 694 11.89 10.65 12.62
CA ARG C 694 12.30 11.39 11.44
C ARG C 694 11.18 12.29 10.94
N THR C 695 11.52 13.51 10.58
CA THR C 695 10.55 14.55 10.25
C THR C 695 10.37 14.66 8.74
N TYR C 696 9.12 14.85 8.31
CA TYR C 696 8.76 14.99 6.92
C TYR C 696 7.74 16.09 6.72
N PRO C 697 7.84 16.87 5.64
CA PRO C 697 6.79 17.84 5.32
C PRO C 697 5.48 17.15 4.94
N CYS C 698 4.38 17.85 5.19
CA CYS C 698 3.06 17.31 4.88
C CYS C 698 2.71 17.40 3.38
N PRO C 699 2.97 18.50 2.67
CA PRO C 699 2.73 18.47 1.21
C PRO C 699 3.73 17.57 0.50
N PRO C 700 3.25 16.54 -0.20
CA PRO C 700 4.17 15.55 -0.79
C PRO C 700 4.81 15.98 -2.10
N HIS C 701 4.08 16.71 -2.94
CA HIS C 701 4.54 16.94 -4.31
C HIS C 701 5.68 17.95 -4.37
N PHE C 702 5.59 19.03 -3.59
CA PHE C 702 6.55 20.14 -3.69
C PHE C 702 7.07 20.46 -2.29
N ASN C 703 8.27 19.99 -1.98
CA ASN C 703 8.91 20.23 -0.69
C ASN C 703 10.42 20.13 -0.88
N HIS C 704 11.15 20.38 0.20
CA HIS C 704 12.61 20.37 0.14
C HIS C 704 13.21 18.98 0.31
N LEU C 705 12.41 17.97 0.67
CA LEU C 705 12.86 16.58 0.63
C LEU C 705 12.56 15.99 -0.75
N GLY C 706 13.25 16.54 -1.74
CA GLY C 706 13.02 16.15 -3.11
C GLY C 706 14.28 16.16 -3.96
N SER C 707 14.10 16.20 -5.27
CA SER C 707 15.21 16.13 -6.20
C SER C 707 15.90 17.49 -6.33
N ASP C 708 16.79 17.59 -7.31
CA ASP C 708 17.50 18.84 -7.57
C ASP C 708 16.54 19.96 -7.98
N VAL C 709 15.58 19.64 -8.84
CA VAL C 709 14.65 20.65 -9.34
C VAL C 709 13.78 21.19 -8.22
N ALA C 710 13.28 20.31 -7.36
CA ALA C 710 12.44 20.75 -6.25
C ALA C 710 13.22 21.61 -5.26
N ARG C 711 14.48 21.26 -5.00
CA ARG C 711 15.26 22.04 -4.04
C ARG C 711 15.71 23.37 -4.61
N ALA C 712 15.94 23.44 -5.92
CA ALA C 712 16.37 24.71 -6.51
C ALA C 712 15.23 25.71 -6.69
N LEU C 713 13.99 25.25 -6.66
CA LEU C 713 12.83 26.11 -6.80
C LEU C 713 12.36 26.70 -5.47
N LEU C 714 13.04 26.40 -4.38
CA LEU C 714 12.62 26.81 -3.05
C LEU C 714 13.66 27.76 -2.46
N GLU C 715 13.19 28.88 -1.91
CA GLU C 715 14.06 29.87 -1.28
C GLU C 715 13.40 30.40 -0.04
N PHE C 716 14.21 30.99 0.85
CA PHE C 716 13.68 31.63 2.04
C PHE C 716 12.99 32.93 1.67
N ALA C 717 11.78 33.13 2.20
CA ALA C 717 11.07 34.39 1.96
C ALA C 717 11.76 35.54 2.68
N GLN C 718 12.23 35.32 3.89
CA GLN C 718 12.99 36.31 4.64
C GLN C 718 14.47 36.18 4.32
N GLY C 719 15.12 37.33 4.14
CA GLY C 719 16.54 37.34 3.85
C GLY C 719 17.36 38.09 4.88
N ARG C 720 18.65 37.81 4.93
CA ARG C 720 19.56 38.45 5.86
C ARG C 720 20.79 38.95 5.12
N PRO C 721 21.42 40.03 5.61
CA PRO C 721 22.67 40.49 5.00
C PRO C 721 23.77 39.47 5.16
N LEU C 722 24.67 39.44 4.17
CA LEU C 722 25.72 38.42 4.13
C LEU C 722 26.68 38.54 5.30
N GLY C 723 27.09 39.76 5.63
CA GLY C 723 28.01 39.98 6.72
C GLY C 723 29.45 39.75 6.33
N PRO C 724 30.34 39.69 7.32
CA PRO C 724 31.78 39.53 7.03
C PRO C 724 32.13 38.21 6.36
N HIS C 725 31.37 37.14 6.60
CA HIS C 725 31.75 35.81 6.12
C HIS C 725 30.67 35.11 5.32
N GLY C 726 29.61 35.82 4.91
CA GLY C 726 28.55 35.17 4.16
C GLY C 726 28.96 34.74 2.77
N LEU C 727 29.73 35.57 2.08
CA LEU C 727 30.12 35.28 0.71
C LEU C 727 31.05 34.06 0.64
N ASP C 728 31.96 33.94 1.61
CA ASP C 728 32.83 32.77 1.66
C ASP C 728 32.04 31.49 1.87
N TRP C 729 31.04 31.52 2.75
CA TRP C 729 30.21 30.35 2.97
C TRP C 729 29.36 30.03 1.74
N LEU C 730 28.89 31.07 1.04
CA LEU C 730 28.16 30.84 -0.21
C LEU C 730 29.04 30.16 -1.25
N LYS C 731 30.29 30.60 -1.37
CA LYS C 731 31.20 30.00 -2.33
C LYS C 731 31.58 28.57 -1.94
N ILE C 732 31.72 28.31 -0.64
CA ILE C 732 32.02 26.95 -0.18
C ILE C 732 30.82 26.04 -0.44
N HIS C 733 29.60 26.55 -0.24
CA HIS C 733 28.40 25.78 -0.56
C HIS C 733 28.30 25.49 -2.05
N LEU C 734 28.66 26.46 -2.89
CA LEU C 734 28.65 26.23 -4.33
C LEU C 734 29.67 25.18 -4.74
N VAL C 735 30.87 25.22 -4.15
CA VAL C 735 31.88 24.21 -4.44
C VAL C 735 31.43 22.83 -3.96
N ASN C 736 30.76 22.79 -2.80
CA ASN C 736 30.24 21.52 -2.28
C ASN C 736 29.20 20.93 -3.21
N LEU C 737 28.30 21.77 -3.72
CA LEU C 737 27.30 21.29 -4.68
C LEU C 737 27.93 20.89 -6.00
N THR C 738 29.05 21.53 -6.36
CA THR C 738 29.75 21.18 -7.60
C THR C 738 30.31 19.76 -7.53
N GLY C 739 30.84 19.37 -6.36
CA GLY C 739 31.31 18.03 -6.14
C GLY C 739 32.71 17.72 -6.62
N LEU C 740 33.41 18.71 -7.19
CA LEU C 740 34.75 18.46 -7.72
C LEU C 740 35.77 18.28 -6.60
N LYS C 741 35.58 18.92 -5.45
CA LYS C 741 36.54 18.88 -4.35
C LYS C 741 35.81 18.48 -3.07
N LYS C 742 35.77 17.17 -2.80
CA LYS C 742 35.21 16.65 -1.57
C LYS C 742 36.25 16.18 -0.57
N ARG C 743 37.47 15.90 -1.01
CA ARG C 743 38.56 15.47 -0.15
C ARG C 743 39.52 16.59 0.20
N GLU C 744 39.16 17.83 -0.10
CA GLU C 744 40.04 18.97 0.10
C GLU C 744 39.59 19.80 1.30
N PRO C 745 40.49 20.50 1.97
CA PRO C 745 40.10 21.37 3.08
C PRO C 745 39.34 22.60 2.60
N LEU C 746 38.83 23.36 3.57
CA LEU C 746 37.95 24.48 3.27
C LEU C 746 38.67 25.61 2.55
N ARG C 747 39.92 25.88 2.93
CA ARG C 747 40.67 26.97 2.30
C ARG C 747 40.96 26.66 0.83
N LYS C 748 41.21 25.39 0.50
CA LYS C 748 41.40 25.02 -0.90
C LYS C 748 40.09 25.05 -1.66
N ARG C 749 38.98 24.75 -1.00
CA ARG C 749 37.66 24.94 -1.61
C ARG C 749 37.43 26.40 -1.95
N LEU C 750 37.79 27.30 -1.04
CA LEU C 750 37.63 28.74 -1.29
C LEU C 750 38.54 29.20 -2.42
N ALA C 751 39.77 28.71 -2.47
CA ALA C 751 40.68 29.05 -3.57
C ALA C 751 40.13 28.55 -4.91
N PHE C 752 39.59 27.33 -4.92
CA PHE C 752 38.96 26.81 -6.12
C PHE C 752 37.77 27.66 -6.55
N ALA C 753 36.99 28.14 -5.58
CA ALA C 753 35.88 29.05 -5.90
C ALA C 753 36.40 30.34 -6.51
N GLU C 754 37.53 30.84 -6.02
CA GLU C 754 38.13 32.03 -6.63
C GLU C 754 38.59 31.78 -8.05
N GLU C 755 39.13 30.59 -8.33
CA GLU C 755 39.69 30.31 -9.65
C GLU C 755 38.60 30.24 -10.73
N VAL C 756 37.44 29.68 -10.42
CA VAL C 756 36.45 29.38 -11.44
C VAL C 756 35.33 30.42 -11.45
N MET C 757 35.63 31.63 -10.99
CA MET C 757 34.61 32.68 -10.89
C MET C 757 34.07 33.09 -12.25
N ASP C 758 34.89 33.03 -13.29
CA ASP C 758 34.43 33.37 -14.63
C ASP C 758 33.34 32.43 -15.10
N ASP C 759 33.52 31.13 -14.84
CA ASP C 759 32.48 30.15 -15.21
C ASP C 759 31.21 30.38 -14.42
N ILE C 760 31.33 30.76 -13.15
CA ILE C 760 30.16 31.05 -12.32
C ILE C 760 29.38 32.23 -12.89
N LEU C 761 30.09 33.31 -13.24
CA LEU C 761 29.42 34.47 -13.81
C LEU C 761 28.79 34.15 -15.17
N ASP C 762 29.49 33.36 -16.00
CA ASP C 762 28.94 32.99 -17.29
C ASP C 762 27.69 32.12 -17.14
N SER C 763 27.69 31.20 -16.19
CA SER C 763 26.52 30.36 -15.95
C SER C 763 25.35 31.19 -15.41
N ALA C 764 25.64 32.16 -14.55
CA ALA C 764 24.57 33.01 -14.02
C ALA C 764 23.97 33.90 -15.09
N ASP C 765 24.81 34.52 -15.92
CA ASP C 765 24.30 35.43 -16.94
C ASP C 765 23.65 34.70 -18.11
N GLN C 766 24.26 33.60 -18.56
CA GLN C 766 23.79 32.85 -19.72
C GLN C 766 23.65 31.37 -19.35
N PRO C 767 22.55 31.00 -18.68
CA PRO C 767 22.40 29.60 -18.26
C PRO C 767 22.28 28.61 -19.40
N LEU C 768 21.63 28.99 -20.50
CA LEU C 768 21.37 28.05 -21.58
C LEU C 768 21.86 28.54 -22.95
N THR C 769 22.67 29.58 -22.99
CA THR C 769 23.16 30.12 -24.26
C THR C 769 24.65 29.99 -24.43
N GLY C 770 25.44 30.46 -23.46
CA GLY C 770 26.88 30.38 -23.55
C GLY C 770 27.42 29.07 -23.03
N ARG C 771 28.54 29.12 -22.31
CA ARG C 771 29.08 27.93 -21.68
C ARG C 771 28.15 27.45 -20.57
N LYS C 772 28.21 26.15 -20.29
CA LYS C 772 27.24 25.50 -19.42
C LYS C 772 27.94 24.80 -18.26
N TRP C 773 28.82 25.55 -17.57
CA TRP C 773 29.61 24.98 -16.48
C TRP C 773 28.74 24.45 -15.35
N TRP C 774 27.54 25.02 -15.16
CA TRP C 774 26.65 24.51 -14.12
C TRP C 774 26.17 23.11 -14.43
N MET C 775 25.97 22.79 -15.71
CA MET C 775 25.78 21.40 -16.10
C MET C 775 27.07 20.63 -15.93
N GLY C 776 26.95 19.40 -15.43
CA GLY C 776 28.11 18.58 -15.12
C GLY C 776 28.38 18.39 -13.65
N ALA C 777 27.47 18.83 -12.78
CA ALA C 777 27.59 18.65 -11.34
C ALA C 777 26.53 17.66 -10.86
N GLU C 778 26.66 17.26 -9.59
CA GLU C 778 25.68 16.34 -9.02
C GLU C 778 24.32 17.01 -8.87
N GLU C 779 24.29 18.30 -8.56
CA GLU C 779 23.05 19.07 -8.43
C GLU C 779 23.16 20.30 -9.33
N PRO C 780 22.92 20.14 -10.64
CA PRO C 780 23.09 21.28 -11.56
C PRO C 780 22.17 22.47 -11.27
N TRP C 781 20.93 22.22 -10.87
CA TRP C 781 19.99 23.32 -10.69
C TRP C 781 20.32 24.15 -9.45
N GLN C 782 20.64 23.49 -8.32
CA GLN C 782 21.10 24.22 -7.15
C GLN C 782 22.44 24.91 -7.40
N THR C 783 23.30 24.31 -8.23
CA THR C 783 24.54 24.96 -8.61
C THR C 783 24.27 26.24 -9.39
N LEU C 784 23.30 26.21 -10.31
CA LEU C 784 22.92 27.41 -11.06
C LEU C 784 22.32 28.47 -10.14
N ALA C 785 21.49 28.05 -9.18
CA ALA C 785 20.92 29.00 -8.23
C ALA C 785 22.00 29.67 -7.39
N CYS C 786 22.98 28.89 -6.93
CA CYS C 786 24.08 29.44 -6.17
C CYS C 786 24.95 30.35 -7.04
N CYS C 787 25.12 30.00 -8.31
CA CYS C 787 25.88 30.86 -9.22
C CYS C 787 25.20 32.21 -9.40
N MET C 788 23.87 32.21 -9.55
CA MET C 788 23.13 33.47 -9.67
C MET C 788 23.24 34.29 -8.38
N GLU C 789 23.13 33.62 -7.23
CA GLU C 789 23.24 34.33 -5.95
C GLU C 789 24.62 34.94 -5.76
N VAL C 790 25.68 34.19 -6.08
CA VAL C 790 27.04 34.70 -5.95
C VAL C 790 27.30 35.84 -6.93
N ALA C 791 26.76 35.72 -8.15
CA ALA C 791 26.93 36.78 -9.14
C ALA C 791 26.24 38.07 -8.69
N ASN C 792 25.07 37.95 -8.08
CA ASN C 792 24.41 39.14 -7.53
C ASN C 792 25.19 39.71 -6.35
N ALA C 793 25.75 38.85 -5.50
CA ALA C 793 26.46 39.32 -4.31
C ALA C 793 27.76 40.03 -4.67
N VAL C 794 28.50 39.50 -5.64
CA VAL C 794 29.80 40.08 -6.00
C VAL C 794 29.61 41.44 -6.67
N ARG C 795 28.61 41.56 -7.54
CA ARG C 795 28.42 42.77 -8.31
C ARG C 795 27.73 43.88 -7.53
N ALA C 796 27.38 43.64 -6.26
CA ALA C 796 26.78 44.67 -5.44
C ALA C 796 27.84 45.68 -5.00
N SER C 797 27.37 46.87 -4.60
CA SER C 797 28.28 47.91 -4.11
C SER C 797 28.96 47.47 -2.82
N ASP C 798 28.21 46.89 -1.89
CA ASP C 798 28.76 46.34 -0.66
C ASP C 798 28.45 44.86 -0.60
N PRO C 799 29.44 43.97 -0.77
CA PRO C 799 29.15 42.53 -0.72
C PRO C 799 28.69 42.02 0.63
N ALA C 800 28.89 42.78 1.71
CA ALA C 800 28.42 42.39 3.03
C ALA C 800 27.02 42.92 3.34
N ALA C 801 26.54 43.89 2.58
CA ALA C 801 25.20 44.43 2.75
C ALA C 801 24.18 43.76 1.83
N TYR C 802 24.61 42.82 0.98
CA TYR C 802 23.68 42.12 0.11
C TYR C 802 22.80 41.16 0.91
N VAL C 803 21.51 41.19 0.61
CA VAL C 803 20.53 40.35 1.30
C VAL C 803 20.35 39.06 0.50
N SER C 804 20.65 37.93 1.13
CA SER C 804 20.60 36.63 0.46
C SER C 804 19.44 35.81 1.00
N HIS C 805 18.78 35.08 0.10
CA HIS C 805 17.68 34.19 0.45
C HIS C 805 18.01 32.72 0.22
N LEU C 806 19.25 32.41 -0.15
CA LEU C 806 19.64 31.07 -0.55
C LEU C 806 20.07 30.25 0.66
N PRO C 807 19.49 29.08 0.88
CA PRO C 807 19.92 28.23 2.01
C PRO C 807 21.27 27.57 1.76
N VAL C 808 22.09 27.57 2.80
CA VAL C 808 23.41 26.93 2.80
C VAL C 808 23.32 25.66 3.63
N HIS C 809 23.92 24.59 3.13
CA HIS C 809 23.77 23.24 3.65
C HIS C 809 25.06 22.79 4.34
N GLN C 810 24.91 22.14 5.49
CA GLN C 810 26.02 21.48 6.17
C GLN C 810 25.60 20.05 6.49
N ASP C 811 26.44 19.08 6.14
CA ASP C 811 26.05 17.68 6.15
C ASP C 811 27.13 16.83 6.83
N GLY C 812 26.70 15.72 7.42
CA GLY C 812 27.62 14.74 7.95
C GLY C 812 27.90 13.63 6.95
N SER C 813 29.09 13.03 7.07
CA SER C 813 29.50 11.98 6.14
C SER C 813 28.63 10.74 6.28
N CYS C 814 28.68 10.10 7.44
CA CYS C 814 27.81 8.96 7.76
C CYS C 814 27.32 9.17 9.18
N ASN C 815 26.09 9.66 9.34
CA ASN C 815 25.59 9.99 10.66
C ASN C 815 25.22 8.76 11.47
N GLY C 816 25.19 7.58 10.86
CA GLY C 816 25.00 6.35 11.60
C GLY C 816 26.29 5.89 12.24
N LEU C 817 27.38 5.88 11.46
CA LEU C 817 28.68 5.54 12.02
C LEU C 817 29.20 6.64 12.93
N GLN C 818 28.78 7.89 12.70
CA GLN C 818 29.19 8.98 13.57
C GLN C 818 28.60 8.84 14.97
N HIS C 819 27.44 8.20 15.08
CA HIS C 819 26.85 7.91 16.38
C HIS C 819 27.40 6.62 16.99
N TYR C 820 27.64 5.61 16.15
CA TYR C 820 28.22 4.36 16.65
C TYR C 820 29.61 4.59 17.23
N ALA C 821 30.42 5.43 16.60
CA ALA C 821 31.74 5.73 17.10
C ALA C 821 31.72 6.48 18.42
N ALA C 822 30.62 7.14 18.75
CA ALA C 822 30.55 7.93 19.97
C ALA C 822 29.82 7.25 21.11
N LEU C 823 28.91 6.31 20.83
CA LEU C 823 28.36 5.49 21.91
C LEU C 823 29.40 4.51 22.45
N GLY C 824 30.30 4.02 21.60
CA GLY C 824 31.38 3.18 22.06
C GLY C 824 32.65 3.90 22.43
N ARG C 825 32.70 5.22 22.22
CA ARG C 825 33.88 6.05 22.50
C ARG C 825 35.12 5.50 21.81
N ASP C 826 34.93 4.99 20.59
CA ASP C 826 36.00 4.29 19.89
C ASP C 826 37.00 5.30 19.34
N SER C 827 38.29 5.05 19.58
CA SER C 827 39.30 6.06 19.33
C SER C 827 39.67 6.13 17.85
N VAL C 828 40.20 5.04 17.30
CA VAL C 828 40.61 5.04 15.91
C VAL C 828 39.41 5.00 14.96
N GLY C 829 38.26 4.54 15.44
CA GLY C 829 37.06 4.61 14.62
C GLY C 829 36.57 6.02 14.42
N ALA C 830 36.64 6.84 15.47
CA ALA C 830 36.14 8.21 15.39
C ALA C 830 36.98 9.09 14.45
N ALA C 831 38.22 8.68 14.15
CA ALA C 831 39.04 9.44 13.23
C ALA C 831 38.46 9.41 11.82
N SER C 832 37.95 8.26 11.39
CA SER C 832 37.43 8.11 10.04
C SER C 832 36.12 8.86 9.82
N VAL C 833 35.33 9.08 10.87
CA VAL C 833 34.05 9.77 10.75
C VAL C 833 34.14 11.21 11.23
N ASN C 834 35.36 11.77 11.27
CA ASN C 834 35.60 13.19 11.54
C ASN C 834 35.11 13.62 12.92
N LEU C 835 35.10 12.71 13.89
CA LEU C 835 34.85 13.09 15.27
C LEU C 835 36.10 13.58 15.97
N GLU C 836 37.28 13.35 15.39
CA GLU C 836 38.54 13.84 15.90
C GLU C 836 39.04 14.93 14.97
N PRO C 837 39.51 16.07 15.49
CA PRO C 837 39.91 17.19 14.63
C PRO C 837 41.08 16.81 13.71
N SER C 838 41.01 17.32 12.48
CA SER C 838 42.07 17.11 11.49
C SER C 838 41.98 18.22 10.47
N ASP C 839 43.12 18.50 9.84
CA ASP C 839 43.17 19.52 8.80
C ASP C 839 42.55 19.05 7.49
N VAL C 840 42.57 17.75 7.23
CA VAL C 840 42.03 17.16 6.01
C VAL C 840 40.83 16.30 6.37
N PRO C 841 39.69 16.46 5.71
CA PRO C 841 38.53 15.62 6.03
C PRO C 841 38.76 14.17 5.66
N GLN C 842 38.10 13.28 6.41
CA GLN C 842 38.21 11.84 6.22
C GLN C 842 36.95 11.32 5.55
N ASP C 843 37.11 10.58 4.47
CA ASP C 843 35.99 10.00 3.72
C ASP C 843 35.96 8.50 3.96
N VAL C 844 34.90 8.03 4.60
CA VAL C 844 34.75 6.60 4.85
C VAL C 844 34.46 5.85 3.56
N TYR C 845 33.78 6.49 2.61
CA TYR C 845 33.44 5.82 1.35
C TYR C 845 34.69 5.48 0.55
N SER C 846 35.65 6.41 0.48
CA SER C 846 36.86 6.14 -0.29
C SER C 846 37.76 5.11 0.36
N GLY C 847 37.70 4.94 1.69
CA GLY C 847 38.52 3.95 2.34
C GLY C 847 37.96 2.55 2.15
N VAL C 848 36.64 2.43 2.22
CA VAL C 848 35.98 1.17 1.89
C VAL C 848 36.22 0.80 0.44
N ALA C 849 36.12 1.79 -0.46
CA ALA C 849 36.39 1.53 -1.87
C ALA C 849 37.83 1.07 -2.09
N ALA C 850 38.79 1.71 -1.42
CA ALA C 850 40.19 1.31 -1.57
C ALA C 850 40.44 -0.09 -1.03
N GLN C 851 39.82 -0.42 0.11
CA GLN C 851 40.00 -1.77 0.68
C GLN C 851 39.40 -2.83 -0.24
N VAL C 852 38.20 -2.58 -0.76
CA VAL C 852 37.58 -3.54 -1.68
C VAL C 852 38.40 -3.66 -2.95
N GLU C 853 38.98 -2.56 -3.42
CA GLU C 853 39.79 -2.60 -4.64
C GLU C 853 41.07 -3.40 -4.44
N VAL C 854 41.78 -3.19 -3.32
CA VAL C 854 43.02 -3.91 -3.12
C VAL C 854 42.75 -5.40 -2.86
N PHE C 855 41.66 -5.73 -2.16
CA PHE C 855 41.35 -7.14 -2.00
C PHE C 855 40.79 -7.77 -3.26
N ARG C 856 40.17 -6.98 -4.13
CA ARG C 856 39.82 -7.47 -5.46
C ARG C 856 41.06 -7.78 -6.28
N ARG C 857 42.09 -6.94 -6.18
CA ARG C 857 43.35 -7.22 -6.84
C ARG C 857 43.99 -8.49 -6.28
N GLN C 858 43.91 -8.68 -4.96
CA GLN C 858 44.44 -9.90 -4.35
C GLN C 858 43.69 -11.13 -4.83
N ASP C 859 42.36 -11.03 -4.97
CA ASP C 859 41.57 -12.15 -5.48
C ASP C 859 41.83 -12.39 -6.97
N ALA C 860 42.11 -11.34 -7.73
CA ALA C 860 42.43 -11.48 -9.15
C ALA C 860 43.85 -11.97 -9.37
N GLN C 861 44.71 -11.93 -8.33
CA GLN C 861 45.97 -12.64 -8.41
C GLN C 861 45.76 -14.14 -8.58
N ARG C 862 44.76 -14.68 -7.88
CA ARG C 862 44.30 -16.03 -8.13
C ARG C 862 43.41 -16.06 -9.36
N GLY C 863 42.84 -17.23 -9.68
CA GLY C 863 42.05 -17.36 -10.89
C GLY C 863 40.57 -17.14 -10.70
N MET C 864 40.11 -15.92 -10.96
CA MET C 864 38.69 -15.59 -10.98
C MET C 864 38.44 -14.53 -12.05
N ARG C 865 37.30 -14.64 -12.72
CA ARG C 865 36.99 -13.75 -13.84
C ARG C 865 36.19 -12.52 -13.42
N VAL C 866 35.36 -12.64 -12.38
CA VAL C 866 34.56 -11.50 -11.95
C VAL C 866 35.45 -10.41 -11.37
N ALA C 867 36.51 -10.80 -10.66
CA ALA C 867 37.46 -9.82 -10.13
C ALA C 867 38.20 -9.11 -11.25
N GLN C 868 38.60 -9.84 -12.30
CA GLN C 868 39.30 -9.21 -13.42
C GLN C 868 38.37 -8.34 -14.26
N VAL C 869 37.08 -8.66 -14.29
CA VAL C 869 36.13 -7.81 -14.98
C VAL C 869 35.98 -6.47 -14.26
N LEU C 870 35.99 -6.50 -12.93
CA LEU C 870 35.76 -5.32 -12.11
C LEU C 870 37.03 -4.50 -11.87
N GLU C 871 38.03 -4.62 -12.74
CA GLU C 871 39.26 -3.85 -12.60
C GLU C 871 39.02 -2.45 -13.15
N GLY C 872 39.08 -1.45 -12.26
CA GLY C 872 38.86 -0.08 -12.64
C GLY C 872 37.41 0.35 -12.76
N PHE C 873 36.47 -0.56 -12.53
CA PHE C 873 35.05 -0.27 -12.64
C PHE C 873 34.39 -0.02 -11.29
N ILE C 874 35.16 0.01 -10.21
CA ILE C 874 34.64 0.25 -8.87
C ILE C 874 35.16 1.60 -8.38
N THR C 875 34.24 2.47 -7.99
CA THR C 875 34.58 3.80 -7.52
C THR C 875 33.83 4.13 -6.23
N ARG C 876 33.90 5.38 -5.80
CA ARG C 876 33.15 5.81 -4.61
C ARG C 876 31.65 5.79 -4.87
N LYS C 877 31.21 6.11 -6.08
CA LYS C 877 29.79 6.26 -6.36
C LYS C 877 29.05 4.93 -6.29
N VAL C 878 29.68 3.85 -6.74
CA VAL C 878 29.01 2.55 -6.79
C VAL C 878 28.83 1.96 -5.39
N VAL C 879 29.64 2.39 -4.42
CA VAL C 879 29.58 1.85 -3.07
C VAL C 879 29.04 2.84 -2.05
N LYS C 880 28.83 4.10 -2.43
CA LYS C 880 28.47 5.13 -1.46
C LYS C 880 27.12 4.87 -0.81
N GLN C 881 26.10 4.58 -1.63
CA GLN C 881 24.77 4.34 -1.11
C GLN C 881 24.74 3.10 -0.22
N THR C 882 25.43 2.04 -0.65
CA THR C 882 25.45 0.80 0.12
C THR C 882 26.12 1.00 1.48
N VAL C 883 27.28 1.67 1.49
CA VAL C 883 27.99 1.92 2.74
C VAL C 883 27.18 2.83 3.64
N MET C 884 26.47 3.80 3.06
CA MET C 884 25.64 4.69 3.86
C MET C 884 24.47 3.93 4.50
N THR C 885 23.91 2.96 3.79
CA THR C 885 22.71 2.27 4.28
C THR C 885 23.01 0.95 4.97
N VAL C 886 24.28 0.57 5.14
CA VAL C 886 24.60 -0.61 5.96
C VAL C 886 24.16 -0.38 7.40
N VAL C 887 24.47 0.80 7.96
CA VAL C 887 24.05 1.12 9.31
C VAL C 887 22.55 1.32 9.44
N TYR C 888 21.85 1.47 8.32
CA TYR C 888 20.40 1.66 8.32
C TYR C 888 19.65 0.35 8.16
N GLY C 889 20.35 -0.78 8.09
CA GLY C 889 19.72 -2.08 8.10
C GLY C 889 19.54 -2.76 6.77
N VAL C 890 20.40 -2.50 5.79
CA VAL C 890 20.28 -3.15 4.49
C VAL C 890 20.85 -4.56 4.59
N THR C 891 20.31 -5.46 3.77
CA THR C 891 20.83 -6.81 3.66
C THR C 891 21.67 -6.94 2.40
N ARG C 892 22.18 -8.14 2.15
CA ARG C 892 22.95 -8.38 0.95
C ARG C 892 22.07 -8.33 -0.29
N TYR C 893 20.78 -8.66 -0.16
CA TYR C 893 19.85 -8.59 -1.27
C TYR C 893 19.68 -7.15 -1.76
N GLY C 894 19.36 -6.24 -0.83
CA GLY C 894 19.20 -4.84 -1.20
C GLY C 894 20.50 -4.21 -1.65
N GLY C 895 21.61 -4.59 -1.02
CA GLY C 895 22.91 -4.09 -1.46
C GLY C 895 23.25 -4.53 -2.87
N ARG C 896 22.96 -5.79 -3.20
CA ARG C 896 23.18 -6.27 -4.55
C ARG C 896 22.28 -5.54 -5.54
N LEU C 897 21.04 -5.26 -5.16
CA LEU C 897 20.14 -4.50 -6.02
C LEU C 897 20.69 -3.10 -6.29
N GLN C 898 21.22 -2.46 -5.25
CA GLN C 898 21.79 -1.12 -5.41
C GLN C 898 23.03 -1.14 -6.29
N ILE C 899 23.91 -2.12 -6.09
CA ILE C 899 25.12 -2.20 -6.90
C ILE C 899 24.79 -2.53 -8.35
N GLU C 900 23.78 -3.38 -8.58
CA GLU C 900 23.35 -3.68 -9.95
C GLU C 900 22.77 -2.43 -10.62
N LYS C 901 21.98 -1.65 -9.86
CA LYS C 901 21.44 -0.41 -10.42
C LYS C 901 22.56 0.57 -10.75
N ARG C 902 23.61 0.62 -9.91
CA ARG C 902 24.71 1.55 -10.18
C ARG C 902 25.59 1.07 -11.34
N LEU C 903 25.73 -0.24 -11.52
CA LEU C 903 26.56 -0.78 -12.60
C LEU C 903 25.81 -0.91 -13.92
N ARG C 904 24.48 -0.77 -13.91
CA ARG C 904 23.72 -0.74 -15.16
C ARG C 904 23.77 0.62 -15.85
N GLU C 905 24.58 1.56 -15.35
CA GLU C 905 24.71 2.88 -15.94
C GLU C 905 26.12 3.15 -16.44
N LEU C 906 26.92 2.12 -16.63
CA LEU C 906 28.31 2.24 -17.05
C LEU C 906 28.52 1.42 -18.33
N SER C 907 29.80 1.29 -18.72
CA SER C 907 30.20 0.45 -19.85
C SER C 907 30.67 -0.92 -19.40
N ASP C 908 30.09 -1.43 -18.31
CA ASP C 908 30.47 -2.72 -17.78
C ASP C 908 30.06 -3.85 -18.72
N PHE C 909 30.81 -4.95 -18.68
CA PHE C 909 30.47 -6.13 -19.46
C PHE C 909 29.16 -6.72 -18.96
N PRO C 910 28.39 -7.39 -19.83
CA PRO C 910 27.08 -7.91 -19.41
C PRO C 910 27.17 -9.08 -18.44
N GLN C 911 27.76 -8.82 -17.26
CA GLN C 911 27.80 -9.73 -16.13
C GLN C 911 27.28 -9.01 -14.89
N GLU C 912 26.14 -8.34 -15.05
CA GLU C 912 25.56 -7.43 -14.07
C GLU C 912 25.04 -8.12 -12.82
N PHE C 913 25.14 -9.44 -12.68
CA PHE C 913 24.75 -10.11 -11.44
C PHE C 913 26.00 -10.21 -10.56
N VAL C 914 26.28 -9.12 -9.86
CA VAL C 914 27.48 -9.00 -9.04
C VAL C 914 27.09 -9.31 -7.60
N TRP C 915 27.19 -10.59 -7.25
CA TRP C 915 26.99 -11.05 -5.88
C TRP C 915 28.28 -10.97 -5.07
N GLU C 916 29.39 -10.66 -5.73
CA GLU C 916 30.69 -10.53 -5.08
C GLU C 916 30.93 -9.14 -4.51
N ALA C 917 30.41 -8.10 -5.18
CA ALA C 917 30.67 -6.73 -4.73
C ALA C 917 30.00 -6.45 -3.39
N SER C 918 28.78 -6.94 -3.20
CA SER C 918 28.11 -6.76 -1.90
C SER C 918 28.78 -7.58 -0.81
N HIS C 919 29.25 -8.79 -1.16
CA HIS C 919 29.98 -9.60 -0.20
C HIS C 919 31.27 -8.91 0.24
N TYR C 920 32.01 -8.33 -0.70
CA TYR C 920 33.21 -7.59 -0.33
C TYR C 920 32.89 -6.33 0.46
N LEU C 921 31.82 -5.62 0.11
CA LEU C 921 31.47 -4.43 0.87
C LEU C 921 31.18 -4.78 2.33
N VAL C 922 30.31 -5.78 2.55
CA VAL C 922 30.00 -6.17 3.93
C VAL C 922 31.23 -6.73 4.64
N ARG C 923 32.01 -7.57 3.94
CA ARG C 923 33.15 -8.22 4.57
C ARG C 923 34.23 -7.23 4.97
N GLN C 924 34.58 -6.29 4.09
CA GLN C 924 35.64 -5.36 4.47
C GLN C 924 35.15 -4.17 5.28
N VAL C 925 33.84 -3.87 5.29
CA VAL C 925 33.33 -3.01 6.35
C VAL C 925 33.48 -3.71 7.70
N PHE C 926 33.19 -5.02 7.76
CA PHE C 926 33.38 -5.77 9.00
C PHE C 926 34.86 -5.84 9.38
N LYS C 927 35.76 -5.95 8.40
CA LYS C 927 37.18 -5.92 8.69
C LYS C 927 37.61 -4.54 9.21
N SER C 928 37.02 -3.47 8.67
CA SER C 928 37.25 -2.14 9.22
C SER C 928 36.72 -2.04 10.65
N LEU C 929 35.63 -2.74 10.95
CA LEU C 929 35.16 -2.83 12.33
C LEU C 929 36.18 -3.55 13.20
N GLN C 930 36.75 -4.64 12.69
CA GLN C 930 37.74 -5.40 13.45
C GLN C 930 38.99 -4.57 13.71
N GLU C 931 39.38 -3.72 12.75
CA GLU C 931 40.57 -2.89 12.93
C GLU C 931 40.27 -1.68 13.81
N MET C 932 39.25 -0.90 13.47
CA MET C 932 39.05 0.40 14.12
C MET C 932 37.64 0.67 14.62
N PHE C 933 36.61 -0.03 14.14
CA PHE C 933 35.23 0.22 14.54
C PHE C 933 34.65 -0.94 15.35
N SER C 934 35.43 -1.49 16.28
CA SER C 934 35.01 -2.68 17.03
C SER C 934 33.80 -2.39 17.92
N GLY C 935 33.70 -1.16 18.43
CA GLY C 935 32.54 -0.79 19.22
C GLY C 935 31.24 -0.90 18.43
N THR C 936 31.30 -0.56 17.14
CA THR C 936 30.11 -0.67 16.29
C THR C 936 29.63 -2.12 16.19
N ARG C 937 30.57 -3.04 15.94
CA ARG C 937 30.21 -4.45 15.86
C ARG C 937 29.66 -4.96 17.19
N ALA C 938 30.30 -4.59 18.30
CA ALA C 938 29.86 -5.07 19.60
C ALA C 938 28.47 -4.55 19.93
N ILE C 939 28.23 -3.26 19.73
CA ILE C 939 26.94 -2.67 20.07
C ILE C 939 25.85 -3.20 19.14
N GLN C 940 26.15 -3.35 17.85
CA GLN C 940 25.15 -3.87 16.92
C GLN C 940 24.77 -5.30 17.25
N HIS C 941 25.77 -6.15 17.56
CA HIS C 941 25.47 -7.53 17.95
C HIS C 941 24.68 -7.58 19.25
N TRP C 942 25.04 -6.75 20.23
CA TRP C 942 24.32 -6.72 21.49
C TRP C 942 22.87 -6.29 21.30
N LEU C 943 22.64 -5.25 20.49
CA LEU C 943 21.29 -4.79 20.23
C LEU C 943 20.47 -5.84 19.49
N THR C 944 21.06 -6.51 18.49
CA THR C 944 20.34 -7.54 17.76
C THR C 944 20.00 -8.72 18.66
N GLU C 945 20.93 -9.16 19.51
CA GLU C 945 20.66 -10.26 20.42
C GLU C 945 19.58 -9.90 21.44
N SER C 946 19.63 -8.67 21.96
CA SER C 946 18.60 -8.21 22.90
C SER C 946 17.23 -8.16 22.24
N ALA C 947 17.16 -7.65 21.01
CA ALA C 947 15.90 -7.60 20.30
C ALA C 947 15.35 -8.99 20.01
N ARG C 948 16.23 -9.93 19.65
CA ARG C 948 15.81 -11.30 19.40
C ARG C 948 15.25 -11.94 20.67
N LEU C 949 15.93 -11.76 21.80
CA LEU C 949 15.45 -12.38 23.04
C LEU C 949 14.18 -11.71 23.55
N ILE C 950 14.00 -10.42 23.29
CA ILE C 950 12.73 -9.78 23.63
C ILE C 950 11.61 -10.33 22.73
N SER C 951 11.90 -10.52 21.44
CA SER C 951 10.89 -11.00 20.51
C SER C 951 10.48 -12.44 20.83
N HIS C 952 11.43 -13.27 21.26
CA HIS C 952 11.10 -14.66 21.57
C HIS C 952 10.19 -14.80 22.78
N MET C 953 10.15 -13.79 23.66
CA MET C 953 9.24 -13.78 24.80
C MET C 953 7.90 -13.11 24.47
N GLY C 954 7.58 -12.97 23.20
CA GLY C 954 6.30 -12.41 22.79
C GLY C 954 6.09 -10.95 23.13
N SER C 955 7.08 -10.10 22.89
CA SER C 955 6.96 -8.68 23.15
C SER C 955 7.56 -7.89 22.01
N VAL C 956 7.08 -6.66 21.85
CA VAL C 956 7.61 -5.72 20.87
C VAL C 956 8.54 -4.75 21.60
N VAL C 957 9.60 -4.33 20.91
CA VAL C 957 10.65 -3.53 21.53
C VAL C 957 10.16 -2.09 21.67
N GLU C 958 10.19 -1.59 22.91
CA GLU C 958 9.80 -0.22 23.22
C GLU C 958 10.97 0.48 23.91
N TRP C 959 11.19 1.74 23.55
CA TRP C 959 12.20 2.52 24.27
C TRP C 959 11.79 3.98 24.26
N VAL C 960 12.62 4.81 24.88
CA VAL C 960 12.41 6.26 24.93
C VAL C 960 13.67 6.96 24.45
N THR C 961 13.49 8.00 23.66
CA THR C 961 14.61 8.84 23.24
C THR C 961 15.11 9.66 24.43
N PRO C 962 16.36 10.12 24.38
CA PRO C 962 16.85 11.02 25.44
C PRO C 962 16.09 12.34 25.52
N LEU C 963 15.34 12.72 24.49
CA LEU C 963 14.46 13.88 24.54
C LEU C 963 13.10 13.56 25.14
N GLY C 964 12.80 12.30 25.41
CA GLY C 964 11.55 11.92 26.05
C GLY C 964 10.46 11.38 25.14
N VAL C 965 10.76 11.14 23.88
CA VAL C 965 9.77 10.66 22.91
C VAL C 965 9.73 9.13 22.99
N PRO C 966 8.59 8.53 23.28
CA PRO C 966 8.51 7.06 23.29
C PRO C 966 8.37 6.49 21.88
N VAL C 967 9.12 5.41 21.63
CA VAL C 967 9.15 4.76 20.32
C VAL C 967 8.81 3.29 20.51
N ILE C 968 7.89 2.79 19.68
CA ILE C 968 7.49 1.40 19.65
C ILE C 968 7.56 0.90 18.20
N GLN C 969 7.97 -0.36 18.03
CA GLN C 969 8.07 -0.97 16.70
C GLN C 969 6.77 -1.71 16.37
N PRO C 970 6.13 -1.38 15.24
CA PRO C 970 4.80 -1.93 14.94
C PRO C 970 4.78 -3.26 14.19
N TYR C 971 5.93 -3.86 13.89
CA TYR C 971 5.97 -5.06 13.06
C TYR C 971 5.40 -6.25 13.83
N ARG C 972 4.29 -6.80 13.32
CA ARG C 972 3.64 -7.95 13.91
C ARG C 972 3.27 -8.95 12.83
N LEU C 973 3.10 -10.20 13.24
CA LEU C 973 2.80 -11.28 12.30
C LEU C 973 1.32 -11.29 11.94
N ASP C 974 1.04 -11.66 10.70
CA ASP C 974 -0.34 -11.72 10.21
C ASP C 974 -1.12 -12.86 10.87
N SER C 996 -2.12 -8.26 20.16
CA SER C 996 -2.73 -9.59 20.17
C SER C 996 -1.92 -10.56 19.31
N ARG C 997 -1.57 -10.12 18.11
CA ARG C 997 -0.81 -10.95 17.20
C ARG C 997 0.64 -11.07 17.65
N LYS C 998 1.28 -12.16 17.26
CA LYS C 998 2.67 -12.39 17.64
C LYS C 998 3.60 -11.42 16.90
N PRO C 999 4.69 -11.01 17.54
CA PRO C 999 5.67 -10.17 16.86
C PRO C 999 6.37 -10.91 15.73
N ASN C 1000 6.76 -10.16 14.71
CA ASN C 1000 7.54 -10.67 13.59
C ASN C 1000 9.01 -10.56 13.97
N THR C 1001 9.59 -11.68 14.43
CA THR C 1001 10.93 -11.66 15.00
C THR C 1001 11.98 -11.20 14.00
N ARG C 1002 11.81 -11.60 12.73
CA ARG C 1002 12.76 -11.22 11.69
C ARG C 1002 12.82 -9.71 11.51
N LYS C 1003 11.66 -9.06 11.37
CA LYS C 1003 11.63 -7.62 11.26
C LYS C 1003 11.87 -6.91 12.59
N GLN C 1004 11.62 -7.61 13.71
CA GLN C 1004 11.79 -6.99 15.02
C GLN C 1004 13.27 -6.89 15.40
N LYS C 1005 14.07 -7.90 15.08
CA LYS C 1005 15.47 -7.92 15.48
C LYS C 1005 16.41 -7.32 14.43
N ASN C 1006 15.98 -7.22 13.18
CA ASN C 1006 16.82 -6.64 12.13
C ASN C 1006 16.60 -5.14 11.97
N GLY C 1007 15.73 -4.54 12.78
CA GLY C 1007 15.45 -3.13 12.63
C GLY C 1007 15.72 -2.30 13.89
N PHE C 1008 16.07 -2.96 14.99
CA PHE C 1008 16.29 -2.23 16.24
C PHE C 1008 17.49 -1.29 16.18
N PRO C 1009 18.68 -1.68 15.70
CA PRO C 1009 19.80 -0.72 15.67
C PRO C 1009 19.58 0.45 14.72
N PRO C 1010 19.08 0.26 13.48
CA PRO C 1010 18.77 1.46 12.68
C PRO C 1010 17.70 2.36 13.28
N ASN C 1011 16.69 1.79 13.93
CA ASN C 1011 15.67 2.61 14.57
C ASN C 1011 16.25 3.39 15.75
N PHE C 1012 17.16 2.77 16.51
CA PHE C 1012 17.81 3.47 17.61
C PHE C 1012 18.68 4.61 17.09
N ILE C 1013 19.41 4.38 15.99
CA ILE C 1013 20.24 5.43 15.41
C ILE C 1013 19.37 6.56 14.86
N HIS C 1014 18.22 6.22 14.27
CA HIS C 1014 17.32 7.25 13.77
C HIS C 1014 16.71 8.07 14.90
N SER C 1015 16.36 7.42 16.01
CA SER C 1015 15.89 8.18 17.16
C SER C 1015 16.97 9.11 17.69
N LEU C 1016 18.22 8.63 17.74
CA LEU C 1016 19.32 9.45 18.24
C LEU C 1016 19.58 10.67 17.34
N ASP C 1017 19.59 10.47 16.01
CA ASP C 1017 19.91 11.60 15.16
C ASP C 1017 18.72 12.57 15.03
N SER C 1018 17.49 12.06 15.14
CA SER C 1018 16.34 12.95 15.25
C SER C 1018 16.40 13.79 16.52
N SER C 1019 16.82 13.18 17.64
CA SER C 1019 16.99 13.94 18.88
C SER C 1019 18.06 15.01 18.74
N HIS C 1020 19.17 14.67 18.09
CA HIS C 1020 20.24 15.65 17.86
C HIS C 1020 19.75 16.81 16.99
N MET C 1021 19.00 16.50 15.93
CA MET C 1021 18.46 17.55 15.06
C MET C 1021 17.48 18.45 15.80
N MET C 1022 16.61 17.86 16.62
CA MET C 1022 15.64 18.67 17.38
C MET C 1022 16.35 19.56 18.40
N LEU C 1023 17.38 19.04 19.06
CA LEU C 1023 18.16 19.86 19.99
C LEU C 1023 18.84 21.01 19.27
N THR C 1024 19.43 20.74 18.09
CA THR C 1024 20.08 21.79 17.33
C THR C 1024 19.09 22.86 16.89
N ALA C 1025 17.90 22.44 16.45
CA ALA C 1025 16.87 23.41 16.05
C ALA C 1025 16.43 24.26 17.23
N LEU C 1026 16.19 23.64 18.39
CA LEU C 1026 15.71 24.38 19.54
C LEU C 1026 16.76 25.34 20.09
N HIS C 1027 18.05 25.00 19.98
CA HIS C 1027 19.09 25.92 20.43
C HIS C 1027 19.52 26.93 19.37
N CYS C 1028 19.18 26.70 18.11
CA CYS C 1028 19.40 27.73 17.08
C CYS C 1028 18.25 28.73 17.02
N TYR C 1029 17.05 28.33 17.45
CA TYR C 1029 15.93 29.28 17.48
C TYR C 1029 16.18 30.41 18.48
N ARG C 1030 16.83 30.10 19.61
CA ARG C 1030 17.07 31.10 20.64
C ARG C 1030 18.03 32.19 20.21
N LYS C 1031 18.79 31.98 19.12
CA LYS C 1031 19.77 32.94 18.66
C LYS C 1031 19.33 33.67 17.39
N GLY C 1032 18.06 33.55 17.01
CA GLY C 1032 17.55 34.24 15.84
C GLY C 1032 17.96 33.65 14.51
N LEU C 1033 18.09 32.33 14.44
CA LEU C 1033 18.50 31.65 13.21
C LEU C 1033 17.30 31.01 12.52
N THR C 1034 17.37 30.97 11.19
CA THR C 1034 16.38 30.25 10.38
C THR C 1034 16.95 28.87 10.09
N PHE C 1035 16.40 27.86 10.74
CA PHE C 1035 16.93 26.50 10.67
C PHE C 1035 15.89 25.60 10.01
N VAL C 1036 16.31 24.90 8.95
CA VAL C 1036 15.46 23.86 8.38
C VAL C 1036 16.31 22.62 8.19
N SER C 1037 15.68 21.46 8.30
CA SER C 1037 16.40 20.19 8.35
C SER C 1037 15.94 19.23 7.26
N VAL C 1038 16.90 18.79 6.47
CA VAL C 1038 16.84 17.53 5.74
C VAL C 1038 17.55 16.54 6.64
N HIS C 1039 17.19 15.26 6.55
CA HIS C 1039 17.80 14.24 7.41
C HIS C 1039 19.32 14.32 7.31
N ASP C 1040 19.97 14.62 8.45
CA ASP C 1040 21.42 14.74 8.64
C ASP C 1040 21.99 16.00 7.98
N CYS C 1041 21.17 16.73 7.22
CA CYS C 1041 21.60 17.93 6.51
C CYS C 1041 20.91 19.16 7.10
N TYR C 1042 21.69 20.12 7.58
CA TYR C 1042 21.15 21.32 8.21
C TYR C 1042 21.30 22.50 7.27
N TRP C 1043 20.20 23.20 7.01
CA TRP C 1043 20.19 24.34 6.11
C TRP C 1043 19.88 25.60 6.90
N THR C 1044 20.65 26.65 6.63
CA THR C 1044 20.48 27.94 7.30
C THR C 1044 20.97 29.05 6.38
N HIS C 1045 20.78 30.29 6.82
CA HIS C 1045 21.26 31.44 6.07
C HIS C 1045 22.78 31.46 6.02
N ALA C 1046 23.33 32.10 4.98
CA ALA C 1046 24.76 32.13 4.77
C ALA C 1046 25.50 32.93 5.84
N ALA C 1047 24.80 33.84 6.53
CA ALA C 1047 25.43 34.62 7.59
C ALA C 1047 25.42 33.89 8.94
N ASP C 1048 24.72 32.75 9.04
CA ASP C 1048 24.55 32.06 10.31
C ASP C 1048 25.15 30.66 10.31
N VAL C 1049 26.11 30.39 9.42
CA VAL C 1049 26.66 29.04 9.31
C VAL C 1049 27.53 28.70 10.51
N SER C 1050 28.36 29.65 10.95
CA SER C 1050 29.28 29.39 12.07
C SER C 1050 28.53 29.16 13.37
N VAL C 1051 27.49 29.95 13.62
CA VAL C 1051 26.69 29.79 14.84
C VAL C 1051 25.99 28.43 14.85
N MET C 1052 25.44 28.04 13.70
CA MET C 1052 24.78 26.73 13.60
C MET C 1052 25.78 25.60 13.80
N ASN C 1053 27.00 25.75 13.26
CA ASN C 1053 28.02 24.73 13.45
C ASN C 1053 28.41 24.58 14.91
N GLN C 1054 28.58 25.72 15.61
CA GLN C 1054 28.90 25.68 17.03
C GLN C 1054 27.77 25.03 17.84
N VAL C 1055 26.53 25.38 17.53
CA VAL C 1055 25.39 24.80 18.24
C VAL C 1055 25.30 23.30 17.96
N CYS C 1056 25.54 22.88 16.72
CA CYS C 1056 25.47 21.47 16.37
C CYS C 1056 26.53 20.67 17.11
N ARG C 1057 27.76 21.16 17.14
CA ARG C 1057 28.82 20.46 17.87
C ARG C 1057 28.55 20.43 19.36
N GLU C 1058 28.07 21.55 19.93
CA GLU C 1058 27.76 21.61 21.35
C GLU C 1058 26.66 20.60 21.71
N GLN C 1059 25.62 20.52 20.90
CA GLN C 1059 24.52 19.60 21.20
C GLN C 1059 24.91 18.15 20.94
N PHE C 1060 25.83 17.90 20.01
CA PHE C 1060 26.31 16.53 19.83
C PHE C 1060 27.14 16.09 21.02
N VAL C 1061 27.99 16.97 21.55
CA VAL C 1061 28.77 16.61 22.73
C VAL C 1061 27.86 16.47 23.95
N ARG C 1062 26.83 17.33 24.06
CA ARG C 1062 25.93 17.26 25.22
C ARG C 1062 25.01 16.06 25.15
N LEU C 1063 24.65 15.60 23.95
CA LEU C 1063 23.79 14.44 23.82
C LEU C 1063 24.52 13.16 24.22
N HIS C 1064 25.79 13.05 23.86
CA HIS C 1064 26.57 11.85 24.11
C HIS C 1064 27.39 11.93 25.40
N SER C 1065 27.21 13.00 26.18
CA SER C 1065 27.81 13.07 27.51
C SER C 1065 27.00 12.35 28.56
N GLU C 1066 25.83 11.81 28.19
CA GLU C 1066 24.91 11.03 28.99
C GLU C 1066 25.10 9.54 28.72
N PRO C 1067 24.92 8.69 29.73
CA PRO C 1067 25.06 7.25 29.50
C PRO C 1067 23.88 6.67 28.74
N ILE C 1068 23.92 6.77 27.40
CA ILE C 1068 22.80 6.35 26.58
C ILE C 1068 22.59 4.84 26.66
N LEU C 1069 23.68 4.07 26.52
CA LEU C 1069 23.56 2.62 26.53
C LEU C 1069 23.19 2.09 27.93
N GLN C 1070 23.74 2.72 28.98
CA GLN C 1070 23.38 2.31 30.33
C GLN C 1070 21.92 2.61 30.64
N ASP C 1071 21.43 3.78 30.21
CA ASP C 1071 20.02 4.11 30.40
C ASP C 1071 19.12 3.17 29.61
N LEU C 1072 19.53 2.82 28.39
CA LEU C 1072 18.77 1.86 27.59
C LEU C 1072 18.73 0.50 28.26
N SER C 1073 19.86 0.05 28.81
CA SER C 1073 19.89 -1.24 29.49
C SER C 1073 19.02 -1.22 30.75
N ARG C 1074 19.06 -0.13 31.52
CA ARG C 1074 18.22 -0.04 32.70
C ARG C 1074 16.74 -0.01 32.35
N PHE C 1075 16.37 0.69 31.26
CA PHE C 1075 14.99 0.70 30.83
C PHE C 1075 14.54 -0.68 30.36
N LEU C 1076 15.39 -1.38 29.61
CA LEU C 1076 15.04 -2.70 29.12
C LEU C 1076 15.04 -3.75 30.22
N VAL C 1077 15.78 -3.53 31.31
CA VAL C 1077 15.72 -4.41 32.47
C VAL C 1077 14.52 -4.08 33.36
N LYS C 1078 14.04 -2.84 33.31
CA LYS C 1078 12.82 -2.49 34.06
C LYS C 1078 11.55 -2.78 33.27
N ARG C 1079 11.50 -2.42 31.98
CA ARG C 1079 10.30 -2.66 31.19
C ARG C 1079 10.16 -4.14 30.87
N PHE C 1080 11.10 -4.70 30.13
CA PHE C 1080 11.20 -6.14 29.96
C PHE C 1080 11.98 -6.71 31.14
N CYS C 1081 11.98 -8.05 31.24
CA CYS C 1081 12.67 -8.77 32.30
C CYS C 1081 12.21 -8.32 33.69
N SER C 1082 10.89 -8.28 33.87
CA SER C 1082 10.29 -7.88 35.13
C SER C 1082 9.34 -8.92 35.71
N GLU C 1083 8.75 -9.78 34.88
CA GLU C 1083 7.86 -10.80 35.41
C GLU C 1083 8.64 -12.07 35.76
N PRO C 1084 8.38 -12.66 36.92
CA PRO C 1084 9.08 -13.88 37.33
C PRO C 1084 8.42 -15.18 36.88
N GLN C 1085 7.43 -15.13 35.99
CA GLN C 1085 6.75 -16.34 35.55
C GLN C 1085 7.69 -17.24 34.75
N LYS C 1086 8.37 -16.67 33.74
CA LYS C 1086 9.35 -17.40 32.95
C LYS C 1086 10.74 -16.99 33.41
N ILE C 1087 11.21 -17.63 34.49
CA ILE C 1087 12.48 -17.25 35.09
C ILE C 1087 13.65 -17.68 34.20
N LEU C 1088 13.53 -18.78 33.47
CA LEU C 1088 14.64 -19.31 32.69
C LEU C 1088 15.01 -18.37 31.55
N GLU C 1089 14.01 -17.88 30.81
CA GLU C 1089 14.30 -16.94 29.74
C GLU C 1089 14.69 -15.57 30.29
N ALA C 1090 14.06 -15.16 31.39
CA ALA C 1090 14.35 -13.86 31.97
C ALA C 1090 15.78 -13.78 32.51
N SER C 1091 16.34 -14.90 32.97
CA SER C 1091 17.72 -14.91 33.43
C SER C 1091 18.67 -14.57 32.30
N GLN C 1092 18.55 -15.27 31.17
CA GLN C 1092 19.41 -15.00 30.01
C GLN C 1092 19.17 -13.61 29.47
N LEU C 1093 17.91 -13.15 29.50
CA LEU C 1093 17.60 -11.78 29.11
C LEU C 1093 18.34 -10.78 29.99
N LYS C 1094 18.40 -11.04 31.31
CA LYS C 1094 19.10 -10.13 32.20
C LYS C 1094 20.61 -10.15 31.98
N GLU C 1095 21.19 -11.34 31.74
CA GLU C 1095 22.64 -11.37 31.53
C GLU C 1095 23.02 -10.73 30.19
N THR C 1096 22.21 -10.89 29.16
CA THR C 1096 22.51 -10.22 27.89
C THR C 1096 22.25 -8.72 27.98
N LEU C 1097 21.22 -8.32 28.74
CA LEU C 1097 20.88 -6.90 28.84
C LEU C 1097 21.82 -6.14 29.76
N GLN C 1098 22.45 -6.81 30.72
CA GLN C 1098 23.43 -6.20 31.60
C GLN C 1098 24.85 -6.49 31.14
N ALA C 1099 25.06 -6.55 29.83
CA ALA C 1099 26.36 -6.83 29.22
C ALA C 1099 26.72 -5.72 28.24
N VAL C 1100 26.60 -4.48 28.71
CA VAL C 1100 26.92 -3.30 27.89
C VAL C 1100 28.40 -3.34 27.52
N PRO C 1101 28.76 -3.12 26.26
CA PRO C 1101 30.18 -3.06 25.89
C PRO C 1101 30.90 -1.92 26.57
N LYS C 1102 32.18 -2.14 26.88
CA LYS C 1102 32.97 -1.12 27.54
C LYS C 1102 33.33 -0.03 26.55
N PRO C 1103 33.31 1.24 26.97
CA PRO C 1103 33.71 2.33 26.08
C PRO C 1103 35.22 2.36 25.86
N GLY C 1104 35.62 3.12 24.85
CA GLY C 1104 37.01 3.26 24.50
C GLY C 1104 37.68 4.43 25.18
N ALA C 1105 38.77 4.91 24.58
CA ALA C 1105 39.61 5.95 25.16
C ALA C 1105 39.49 7.28 24.41
N PHE C 1106 38.53 7.42 23.51
CA PHE C 1106 38.35 8.67 22.78
C PHE C 1106 37.68 9.72 23.66
N ASP C 1107 38.14 10.96 23.53
CA ASP C 1107 37.60 12.08 24.30
C ASP C 1107 36.54 12.79 23.47
N LEU C 1108 35.36 12.98 24.06
CA LEU C 1108 34.22 13.52 23.32
C LEU C 1108 34.33 15.02 23.08
N GLU C 1109 34.95 15.76 24.01
CA GLU C 1109 35.02 17.21 23.91
C GLU C 1109 35.77 17.68 22.67
N GLN C 1110 36.64 16.83 22.11
CA GLN C 1110 37.37 17.17 20.89
C GLN C 1110 36.43 17.38 19.70
N VAL C 1111 35.20 16.84 19.77
CA VAL C 1111 34.23 17.09 18.71
C VAL C 1111 33.92 18.57 18.60
N LYS C 1112 34.04 19.32 19.70
CA LYS C 1112 33.83 20.77 19.64
C LYS C 1112 34.90 21.48 18.81
N ARG C 1113 36.05 20.85 18.56
CA ARG C 1113 37.14 21.50 17.85
C ARG C 1113 37.39 20.85 16.49
N SER C 1114 36.42 20.08 16.00
CA SER C 1114 36.52 19.43 14.70
C SER C 1114 35.79 20.25 13.66
N THR C 1115 36.46 20.49 12.52
CA THR C 1115 35.94 21.38 11.49
C THR C 1115 35.14 20.63 10.43
N TYR C 1116 35.28 19.31 10.35
CA TYR C 1116 34.63 18.53 9.30
C TYR C 1116 33.63 17.53 9.86
N PHE C 1117 33.20 17.73 11.11
CA PHE C 1117 32.14 16.91 11.68
C PHE C 1117 30.83 17.09 10.91
N PHE C 1118 30.45 18.33 10.68
CA PHE C 1118 29.35 18.67 9.78
C PHE C 1118 29.87 19.63 8.72
N SER C 1119 29.87 19.19 7.46
CA SER C 1119 30.35 20.00 6.36
C SER C 1119 29.69 19.61 5.05
#